data_8JHE
#
_entry.id   8JHE
#
_cell.length_a   180.896
_cell.length_b   180.896
_cell.length_c   81.410
_cell.angle_alpha   90.000
_cell.angle_beta   90.000
_cell.angle_gamma   90.000
#
_symmetry.space_group_name_H-M   'P 4'
#
loop_
_entity.id
_entity.type
_entity.pdbx_description
1 polymer 'Hyper thermostable ancestral L-amino acid oxidase'
2 non-polymer 'FLAVIN-ADENINE DINUCLEOTIDE'
3 water water
#
_entity_poly.entity_id   1
_entity_poly.type   'polypeptide(L)'
_entity_poly.pdbx_seq_one_letter_code
;MENEKIDIAIVGGGVSGVYSAWKLKTKYPNKKIVLFEGGDHIGGRLLSVIPPGIPNMVAELGGMRILENTQKLIVKLIDD
INEKLSQEDQIELYDFPVDQPQNIAYLRGEHLRLFDFTNDPDKVPYKLSFLEKGNTSGTIIVNAIEQLVPGITNTDLTEE
ERLKMCQEATFEGAPLYTLGFWNLLYRVISGEAYQFSIDSGGYNSTLVNWNAADAIPWYLSDFGIKPVYKGFKNGFQQVP
ISLANFFEEDGGEIRLNAKLEGFEFKNNLFELTIDGEIIEATQLILAMPRRSLDLLTNTSPKLQEIQSLIGSVTPRPLFK
VFTTYSSPWWRNAGYTDSEGGYIPLQSGRTVTDLPIRQTYYWPKNNGQPSVSGESMLLASYDDGSNIGFWDGLRPQRKKA
WKKGLSHAELADDPFIGEYSETESLLSKALNQTWHQYKAPRKMVEELSRQLKQIHDVDYTPAVKNASFRDWGEDPFGGGW
NSWNIGVKSWEVKEKIVHPIDNCSLYICGEAYSDGQGWVEGALQTADIMLKKFIAVESKTSVKEEAILEHHHHHH
;
_entity_poly.pdbx_strand_id   A,B,C,D
#
# COMPACT_ATOMS: atom_id res chain seq x y z
N GLU A 2 20.72 12.47 27.50
CA GLU A 2 21.90 13.10 26.84
C GLU A 2 22.29 12.32 25.56
N ASN A 3 22.64 13.05 24.50
CA ASN A 3 22.91 12.51 23.13
C ASN A 3 24.25 11.79 23.08
N GLU A 4 24.30 10.65 22.39
CA GLU A 4 25.57 9.96 22.05
C GLU A 4 26.52 10.94 21.33
N LYS A 5 27.80 10.91 21.72
CA LYS A 5 28.86 11.83 21.23
C LYS A 5 29.95 10.97 20.62
N ILE A 6 30.33 11.25 19.37
CA ILE A 6 31.43 10.51 18.67
C ILE A 6 32.34 11.56 18.05
N ASP A 7 33.53 11.17 17.60
CA ASP A 7 34.49 12.13 16.99
C ASP A 7 34.18 12.34 15.50
N ILE A 8 34.23 11.26 14.72
CA ILE A 8 34.04 11.31 13.24
C ILE A 8 32.84 10.44 12.89
N ALA A 9 31.84 11.09 12.29
CA ALA A 9 30.72 10.40 11.60
C ALA A 9 31.06 10.33 10.10
N ILE A 10 31.02 9.11 9.55
CA ILE A 10 31.12 8.88 8.08
C ILE A 10 29.79 8.28 7.64
N VAL A 11 29.10 8.94 6.72
CA VAL A 11 27.80 8.44 6.23
C VAL A 11 27.95 8.01 4.75
N GLY A 12 27.67 6.75 4.49
CA GLY A 12 27.79 6.10 3.18
C GLY A 12 28.78 4.95 3.24
N GLY A 13 28.28 3.73 3.09
CA GLY A 13 29.07 2.49 3.13
C GLY A 13 29.40 1.98 1.74
N GLY A 14 29.63 2.91 0.79
CA GLY A 14 30.28 2.55 -0.49
C GLY A 14 31.80 2.52 -0.35
N VAL A 15 32.51 2.46 -1.46
CA VAL A 15 33.98 2.23 -1.41
C VAL A 15 34.61 3.43 -0.73
N SER A 16 34.24 4.67 -1.09
CA SER A 16 34.94 5.86 -0.58
C SER A 16 34.71 5.97 0.94
N GLY A 17 33.52 5.60 1.42
CA GLY A 17 33.16 5.66 2.84
C GLY A 17 34.01 4.70 3.67
N VAL A 18 34.02 3.41 3.30
CA VAL A 18 34.77 2.38 4.05
C VAL A 18 36.27 2.62 3.88
N TYR A 19 36.73 3.07 2.72
CA TYR A 19 38.16 3.38 2.51
C TYR A 19 38.56 4.52 3.45
N SER A 20 37.75 5.58 3.47
CA SER A 20 37.97 6.76 4.37
C SER A 20 37.96 6.31 5.84
N ALA A 21 37.00 5.49 6.23
CA ALA A 21 36.90 4.98 7.62
C ALA A 21 38.22 4.26 7.98
N TRP A 22 38.62 3.30 7.16
CA TRP A 22 39.89 2.54 7.30
C TRP A 22 41.07 3.49 7.48
N LYS A 23 41.22 4.47 6.57
CA LYS A 23 42.40 5.37 6.60
C LYS A 23 42.38 6.20 7.88
N LEU A 24 41.21 6.71 8.25
CA LEU A 24 41.10 7.69 9.35
C LEU A 24 41.34 6.95 10.67
N LYS A 25 40.87 5.72 10.81
CA LYS A 25 41.06 4.95 12.05
C LYS A 25 42.56 4.64 12.20
N THR A 26 43.27 4.40 11.09
CA THR A 26 44.73 4.18 11.16
C THR A 26 45.41 5.49 11.57
N LYS A 27 44.97 6.61 11.02
CA LYS A 27 45.60 7.93 11.28
C LYS A 27 45.29 8.39 12.73
N TYR A 28 44.08 8.10 13.24
CA TYR A 28 43.58 8.59 14.55
C TYR A 28 42.99 7.40 15.33
N PRO A 29 43.85 6.51 15.88
CA PRO A 29 43.38 5.27 16.49
C PRO A 29 42.53 5.49 17.75
N ASN A 30 42.66 6.66 18.38
CA ASN A 30 42.00 6.98 19.67
C ASN A 30 40.68 7.70 19.44
N LYS A 31 40.38 8.13 18.20
CA LYS A 31 39.06 8.75 17.89
C LYS A 31 37.99 7.66 17.80
N LYS A 32 36.79 7.98 18.26
CA LYS A 32 35.57 7.17 18.06
C LYS A 32 35.03 7.53 16.67
N ILE A 33 35.15 6.60 15.74
CA ILE A 33 34.76 6.78 14.31
C ILE A 33 33.63 5.79 14.05
N VAL A 34 32.46 6.29 13.65
CA VAL A 34 31.32 5.41 13.29
C VAL A 34 30.97 5.68 11.82
N LEU A 35 30.80 4.62 11.06
CA LEU A 35 30.32 4.72 9.67
C LEU A 35 28.85 4.28 9.66
N PHE A 36 28.00 5.12 9.12
CA PHE A 36 26.54 4.83 8.99
C PHE A 36 26.20 4.52 7.53
N GLU A 37 25.52 3.41 7.30
CA GLU A 37 24.94 3.04 5.97
C GLU A 37 23.43 2.89 6.15
N GLY A 38 22.65 3.59 5.33
CA GLY A 38 21.17 3.58 5.35
C GLY A 38 20.64 2.25 4.89
N GLY A 39 21.30 1.60 3.93
CA GLY A 39 20.88 0.27 3.41
C GLY A 39 21.33 -0.83 4.35
N ASP A 40 21.13 -2.09 3.95
CA ASP A 40 21.24 -3.27 4.85
C ASP A 40 22.60 -3.95 4.67
N HIS A 41 23.55 -3.33 3.95
CA HIS A 41 24.85 -3.97 3.59
C HIS A 41 25.85 -2.92 3.14
N ILE A 42 27.12 -3.24 3.31
CA ILE A 42 28.26 -2.43 2.77
C ILE A 42 28.37 -2.72 1.26
N GLY A 43 28.63 -1.69 0.45
CA GLY A 43 29.04 -1.86 -0.97
C GLY A 43 28.63 -0.73 -1.90
N GLY A 44 27.47 -0.14 -1.66
CA GLY A 44 26.88 0.90 -2.52
C GLY A 44 26.73 0.40 -3.94
N ARG A 45 27.41 1.01 -4.91
CA ARG A 45 27.26 0.67 -6.36
C ARG A 45 28.15 -0.52 -6.77
N LEU A 46 28.82 -1.18 -5.80
CA LEU A 46 29.48 -2.49 -6.00
C LEU A 46 28.57 -3.57 -5.42
N LEU A 47 27.95 -4.38 -6.27
CA LEU A 47 26.98 -5.42 -5.85
C LEU A 47 27.31 -6.68 -6.64
N SER A 48 27.95 -7.62 -5.96
CA SER A 48 28.45 -8.90 -6.49
C SER A 48 27.57 -10.01 -5.96
N VAL A 49 26.95 -10.82 -6.82
CA VAL A 49 26.09 -11.94 -6.35
C VAL A 49 26.42 -13.21 -7.13
N ILE A 50 26.41 -14.34 -6.44
CA ILE A 50 26.66 -15.67 -7.02
C ILE A 50 25.36 -16.14 -7.65
N PRO A 51 25.34 -16.58 -8.92
CA PRO A 51 24.11 -17.07 -9.52
C PRO A 51 23.79 -18.43 -8.96
N PRO A 52 22.48 -18.75 -8.76
CA PRO A 52 22.06 -20.10 -8.43
C PRO A 52 22.56 -21.05 -9.54
N GLY A 53 23.14 -22.17 -9.12
CA GLY A 53 23.56 -23.24 -10.05
C GLY A 53 24.90 -22.92 -10.70
N ILE A 54 25.52 -21.80 -10.37
CA ILE A 54 26.82 -21.44 -11.00
C ILE A 54 27.76 -20.95 -9.91
N PRO A 55 28.31 -21.88 -9.10
CA PRO A 55 29.13 -21.48 -7.94
C PRO A 55 30.45 -20.82 -8.35
N ASN A 56 30.92 -21.02 -9.59
CA ASN A 56 32.21 -20.46 -10.08
C ASN A 56 31.97 -19.19 -10.93
N MET A 57 30.84 -18.51 -10.75
CA MET A 57 30.59 -17.19 -11.39
C MET A 57 30.18 -16.16 -10.33
N VAL A 58 30.41 -14.89 -10.65
CA VAL A 58 29.91 -13.74 -9.86
C VAL A 58 29.31 -12.72 -10.83
N ALA A 59 28.00 -12.54 -10.75
CA ALA A 59 27.26 -11.51 -11.50
C ALA A 59 27.56 -10.17 -10.84
N GLU A 60 27.95 -9.17 -11.65
CA GLU A 60 28.23 -7.79 -11.19
C GLU A 60 27.04 -6.89 -11.56
N LEU A 61 26.10 -6.73 -10.66
CA LEU A 61 24.92 -5.85 -10.84
C LEU A 61 25.36 -4.39 -10.79
N GLY A 62 26.49 -4.11 -10.11
CA GLY A 62 27.12 -2.78 -10.14
C GLY A 62 28.44 -2.84 -10.89
N GLY A 63 29.46 -2.14 -10.41
CA GLY A 63 30.82 -2.13 -10.98
C GLY A 63 31.36 -3.53 -11.24
N MET A 64 32.01 -3.75 -12.37
CA MET A 64 32.46 -5.10 -12.77
C MET A 64 33.92 -5.18 -13.19
N ARG A 65 34.61 -4.10 -13.52
CA ARG A 65 35.98 -4.24 -14.10
C ARG A 65 36.82 -2.98 -13.86
N ILE A 66 38.15 -3.13 -13.94
CA ILE A 66 39.08 -1.97 -13.86
C ILE A 66 39.94 -1.92 -15.13
N LEU A 67 40.47 -0.73 -15.42
CA LEU A 67 41.52 -0.51 -16.43
C LEU A 67 42.86 -0.57 -15.69
N GLU A 68 43.46 -1.75 -15.60
CA GLU A 68 44.63 -2.02 -14.72
C GLU A 68 45.85 -1.17 -15.11
N ASN A 69 45.91 -0.58 -16.30
CA ASN A 69 47.11 0.14 -16.83
C ASN A 69 47.04 1.61 -16.49
N THR A 70 45.84 2.14 -16.29
CA THR A 70 45.51 3.57 -16.08
C THR A 70 45.18 3.83 -14.58
N GLN A 71 44.52 2.88 -13.88
CA GLN A 71 43.77 3.14 -12.61
C GLN A 71 44.65 2.69 -11.45
N LYS A 72 45.69 3.46 -11.18
CA LYS A 72 46.77 3.12 -10.22
C LYS A 72 46.18 3.07 -8.80
N LEU A 73 45.15 3.85 -8.49
CA LEU A 73 44.64 3.90 -7.11
C LEU A 73 43.94 2.56 -6.80
N ILE A 74 43.04 2.08 -7.66
CA ILE A 74 42.32 0.80 -7.35
C ILE A 74 43.35 -0.34 -7.40
N VAL A 75 44.32 -0.32 -8.32
CA VAL A 75 45.36 -1.38 -8.37
C VAL A 75 46.13 -1.39 -7.03
N LYS A 76 46.53 -0.22 -6.54
CA LYS A 76 47.31 -0.11 -5.26
C LYS A 76 46.43 -0.55 -4.07
N LEU A 77 45.15 -0.19 -4.07
CA LEU A 77 44.24 -0.61 -2.97
C LEU A 77 44.09 -2.12 -2.95
N ILE A 78 43.95 -2.76 -4.11
CA ILE A 78 43.89 -4.26 -4.15
C ILE A 78 45.17 -4.82 -3.49
N ASP A 79 46.34 -4.26 -3.77
CA ASP A 79 47.62 -4.70 -3.14
C ASP A 79 47.56 -4.44 -1.63
N ASP A 80 47.08 -3.27 -1.22
CA ASP A 80 47.00 -2.89 0.21
C ASP A 80 46.06 -3.88 0.92
N ILE A 81 44.98 -4.27 0.27
CA ILE A 81 44.00 -5.23 0.86
C ILE A 81 44.68 -6.61 0.91
N ASN A 82 45.27 -7.05 -0.20
CA ASN A 82 45.86 -8.41 -0.34
C ASN A 82 47.04 -8.58 0.63
N GLU A 83 47.78 -7.52 0.99
CA GLU A 83 48.94 -7.68 1.92
C GLU A 83 48.40 -7.97 3.33
N LYS A 84 47.10 -7.75 3.60
CA LYS A 84 46.47 -8.03 4.90
C LYS A 84 45.64 -9.33 4.84
N LEU A 85 45.11 -9.71 3.68
CA LEU A 85 44.26 -10.93 3.57
C LEU A 85 45.15 -12.17 3.59
N SER A 86 44.58 -13.28 4.04
CA SER A 86 45.12 -14.67 3.97
C SER A 86 45.33 -15.04 2.50
N GLN A 87 46.11 -16.09 2.24
CA GLN A 87 46.33 -16.64 0.87
C GLN A 87 44.98 -17.10 0.28
N GLU A 88 44.14 -17.74 1.09
CA GLU A 88 42.80 -18.26 0.71
C GLU A 88 41.92 -17.11 0.16
N ASP A 89 41.97 -15.93 0.78
CA ASP A 89 41.05 -14.78 0.54
C ASP A 89 41.56 -13.83 -0.54
N GLN A 90 42.78 -14.02 -1.03
CA GLN A 90 43.40 -13.01 -1.94
C GLN A 90 42.36 -12.57 -2.97
N ILE A 91 42.32 -11.28 -3.26
CA ILE A 91 41.57 -10.74 -4.43
C ILE A 91 42.34 -11.15 -5.69
N GLU A 92 41.70 -11.85 -6.62
CA GLU A 92 42.32 -12.26 -7.90
C GLU A 92 41.55 -11.63 -9.05
N LEU A 93 42.29 -11.10 -10.02
CA LEU A 93 41.76 -10.50 -11.25
C LEU A 93 41.90 -11.50 -12.40
N TYR A 94 41.06 -11.35 -13.40
CA TYR A 94 41.04 -12.15 -14.63
C TYR A 94 40.84 -11.15 -15.78
N ASP A 95 41.29 -11.50 -16.97
CA ASP A 95 41.09 -10.70 -18.20
C ASP A 95 39.61 -10.73 -18.59
N PHE A 96 39.05 -9.59 -18.95
CA PHE A 96 37.60 -9.35 -19.17
C PHE A 96 37.36 -8.91 -20.63
N PRO A 97 36.91 -9.81 -21.52
CA PRO A 97 36.78 -9.45 -22.94
C PRO A 97 35.52 -8.61 -23.23
N VAL A 98 35.51 -7.84 -24.35
CA VAL A 98 34.31 -7.02 -24.78
C VAL A 98 34.03 -7.23 -26.28
N ASP A 99 34.94 -6.82 -27.15
CA ASP A 99 34.68 -6.86 -28.60
C ASP A 99 35.48 -8.02 -29.20
N GLN A 100 34.93 -9.23 -29.27
CA GLN A 100 35.43 -10.28 -30.19
C GLN A 100 34.84 -10.09 -31.59
N PRO A 101 35.64 -10.29 -32.67
CA PRO A 101 35.18 -10.01 -34.04
C PRO A 101 33.92 -10.78 -34.49
N GLN A 102 33.65 -11.96 -33.94
CA GLN A 102 32.48 -12.82 -34.28
C GLN A 102 31.21 -12.35 -33.55
N ASN A 103 31.31 -11.38 -32.66
CA ASN A 103 30.16 -10.99 -31.81
C ASN A 103 29.15 -10.29 -32.69
N ILE A 104 27.89 -10.28 -32.27
CA ILE A 104 26.80 -9.81 -33.15
C ILE A 104 26.57 -8.32 -32.88
N ALA A 105 26.27 -7.58 -33.94
CA ALA A 105 25.67 -6.25 -33.87
C ALA A 105 24.34 -6.33 -34.61
N TYR A 106 23.23 -6.32 -33.88
CA TYR A 106 21.88 -6.33 -34.48
C TYR A 106 21.36 -4.89 -34.55
N LEU A 107 21.60 -4.24 -35.69
CA LEU A 107 21.44 -2.78 -35.89
C LEU A 107 20.45 -2.56 -37.03
N ARG A 108 19.38 -1.81 -36.77
CA ARG A 108 18.42 -1.36 -37.81
C ARG A 108 17.91 -2.59 -38.56
N GLY A 109 17.69 -3.68 -37.83
CA GLY A 109 17.08 -4.89 -38.40
C GLY A 109 18.07 -5.76 -39.15
N GLU A 110 19.36 -5.45 -39.16
CA GLU A 110 20.39 -6.24 -39.84
C GLU A 110 21.28 -6.93 -38.82
N HIS A 111 21.52 -8.21 -39.04
CA HIS A 111 22.50 -9.05 -38.31
C HIS A 111 23.89 -8.82 -38.87
N LEU A 112 24.78 -8.20 -38.11
CA LEU A 112 26.21 -7.98 -38.49
C LEU A 112 27.08 -8.72 -37.48
N ARG A 113 28.33 -8.96 -37.83
CA ARG A 113 29.42 -9.32 -36.90
C ARG A 113 30.24 -8.05 -36.75
N LEU A 114 30.93 -7.89 -35.64
CA LEU A 114 31.76 -6.69 -35.38
C LEU A 114 32.77 -6.52 -36.54
N PHE A 115 33.27 -7.61 -37.14
CA PHE A 115 34.28 -7.47 -38.23
C PHE A 115 33.66 -6.80 -39.46
N ASP A 116 32.34 -6.85 -39.66
CA ASP A 116 31.64 -6.13 -40.76
C ASP A 116 31.94 -4.62 -40.68
N PHE A 117 32.12 -4.06 -39.49
CA PHE A 117 32.27 -2.58 -39.34
C PHE A 117 33.46 -2.11 -40.17
N THR A 118 34.54 -2.89 -40.24
CA THR A 118 35.76 -2.53 -41.02
C THR A 118 35.87 -3.34 -42.31
N ASN A 119 35.23 -4.49 -42.44
CA ASN A 119 35.50 -5.44 -43.55
C ASN A 119 34.42 -5.34 -44.61
N ASP A 120 33.28 -4.70 -44.30
CA ASP A 120 32.10 -4.72 -45.20
C ASP A 120 31.20 -3.51 -44.92
N PRO A 121 31.67 -2.27 -45.20
CA PRO A 121 30.89 -1.04 -44.99
C PRO A 121 29.53 -0.92 -45.68
N ASP A 122 29.36 -1.60 -46.82
CA ASP A 122 28.08 -1.52 -47.56
C ASP A 122 27.01 -2.23 -46.74
N LYS A 123 27.39 -3.21 -45.92
CA LYS A 123 26.47 -3.99 -45.07
C LYS A 123 26.07 -3.18 -43.83
N VAL A 124 26.88 -2.20 -43.41
CA VAL A 124 26.63 -1.41 -42.17
C VAL A 124 25.55 -0.41 -42.52
N PRO A 125 24.34 -0.52 -41.95
CA PRO A 125 23.20 0.27 -42.44
C PRO A 125 23.14 1.68 -41.84
N TYR A 126 24.26 2.40 -41.93
CA TYR A 126 24.43 3.80 -41.48
C TYR A 126 25.08 4.52 -42.65
N LYS A 127 24.60 5.71 -42.98
CA LYS A 127 25.14 6.51 -44.09
C LYS A 127 26.33 7.32 -43.60
N LEU A 128 27.43 6.65 -43.35
CA LEU A 128 28.66 7.29 -42.85
C LEU A 128 29.29 8.06 -43.99
N SER A 129 29.97 9.16 -43.69
CA SER A 129 30.63 10.07 -44.66
C SER A 129 31.90 9.39 -45.22
N PHE A 130 32.53 10.06 -46.17
CA PHE A 130 33.79 9.63 -46.84
C PHE A 130 34.87 9.28 -45.80
N LEU A 131 35.04 10.08 -44.74
CA LEU A 131 36.09 9.88 -43.72
C LEU A 131 35.67 8.85 -42.65
N GLU A 132 34.39 8.63 -42.44
CA GLU A 132 33.83 7.84 -41.32
C GLU A 132 33.68 6.37 -41.72
N LYS A 133 33.34 6.17 -43.00
CA LYS A 133 32.85 4.89 -43.59
C LYS A 133 33.90 3.81 -43.31
N GLY A 134 33.47 2.60 -42.99
CA GLY A 134 34.41 1.49 -42.82
C GLY A 134 35.19 1.57 -41.51
N ASN A 135 34.71 2.32 -40.52
CA ASN A 135 35.41 2.42 -39.22
C ASN A 135 34.51 2.04 -38.04
N THR A 136 35.12 1.64 -36.93
CA THR A 136 34.44 1.39 -35.62
C THR A 136 34.04 2.75 -35.03
N SER A 137 33.14 2.75 -34.05
CA SER A 137 32.76 3.94 -33.24
C SER A 137 34.00 4.53 -32.53
N GLY A 138 34.81 3.68 -31.94
CA GLY A 138 36.09 4.09 -31.30
C GLY A 138 36.91 4.93 -32.24
N THR A 139 37.19 4.42 -33.45
CA THR A 139 37.98 5.16 -34.48
C THR A 139 37.32 6.50 -34.81
N ILE A 140 36.01 6.49 -35.05
CA ILE A 140 35.27 7.73 -35.49
C ILE A 140 35.34 8.78 -34.37
N ILE A 141 35.03 8.40 -33.14
CA ILE A 141 34.98 9.39 -32.00
C ILE A 141 36.41 9.85 -31.66
N VAL A 142 37.40 8.96 -31.60
CA VAL A 142 38.80 9.41 -31.28
C VAL A 142 39.25 10.43 -32.35
N ASN A 143 38.99 10.16 -33.63
CA ASN A 143 39.37 11.10 -34.73
C ASN A 143 38.61 12.41 -34.56
N ALA A 144 37.33 12.36 -34.19
CA ALA A 144 36.52 13.58 -33.95
C ALA A 144 37.19 14.42 -32.85
N ILE A 145 37.57 13.76 -31.77
CA ILE A 145 38.21 14.39 -30.59
C ILE A 145 39.55 15.01 -31.04
N GLU A 146 40.31 14.34 -31.90
CA GLU A 146 41.59 14.91 -32.40
C GLU A 146 41.27 16.19 -33.20
N GLN A 147 40.21 16.22 -34.00
CA GLN A 147 39.85 17.44 -34.79
C GLN A 147 39.50 18.58 -33.82
N LEU A 148 38.85 18.26 -32.69
CA LEU A 148 38.32 19.26 -31.72
C LEU A 148 39.44 19.83 -30.86
N VAL A 149 40.37 18.99 -30.42
CA VAL A 149 41.50 19.40 -29.54
C VAL A 149 42.78 18.85 -30.13
N PRO A 150 43.35 19.52 -31.15
CA PRO A 150 44.49 18.97 -31.86
C PRO A 150 45.66 18.66 -30.91
N GLY A 151 46.23 17.47 -31.07
CA GLY A 151 47.35 16.94 -30.26
C GLY A 151 46.86 16.07 -29.12
N ILE A 152 45.58 16.10 -28.76
CA ILE A 152 45.06 15.45 -27.52
C ILE A 152 45.17 13.93 -27.62
N THR A 153 45.12 13.33 -28.82
CA THR A 153 45.07 11.85 -28.97
C THR A 153 46.47 11.28 -29.09
N ASN A 154 47.50 12.14 -29.02
CA ASN A 154 48.91 11.71 -28.95
C ASN A 154 49.05 10.70 -27.79
N THR A 155 49.51 9.48 -28.10
CA THR A 155 49.48 8.32 -27.16
C THR A 155 50.58 8.44 -26.08
N ASP A 156 51.51 9.40 -26.21
CA ASP A 156 52.55 9.71 -25.19
C ASP A 156 51.94 10.42 -23.96
N LEU A 157 50.74 11.00 -24.06
CA LEU A 157 50.10 11.79 -22.97
C LEU A 157 49.33 10.86 -22.01
N THR A 158 49.35 11.18 -20.71
CA THR A 158 48.50 10.59 -19.64
C THR A 158 47.11 11.24 -19.67
N GLU A 159 46.12 10.66 -18.97
CA GLU A 159 44.78 11.27 -18.75
C GLU A 159 44.96 12.66 -18.11
N GLU A 160 45.89 12.80 -17.16
CA GLU A 160 46.13 14.04 -16.37
C GLU A 160 46.65 15.14 -17.31
N GLU A 161 47.63 14.84 -18.18
CA GLU A 161 48.16 15.80 -19.21
C GLU A 161 47.03 16.22 -20.18
N ARG A 162 46.17 15.30 -20.59
CA ARG A 162 45.02 15.58 -21.50
C ARG A 162 43.97 16.47 -20.81
N LEU A 163 43.71 16.19 -19.53
CA LEU A 163 42.76 16.97 -18.70
C LEU A 163 43.25 18.42 -18.65
N LYS A 164 44.56 18.61 -18.39
CA LYS A 164 45.27 19.93 -18.41
C LYS A 164 45.13 20.61 -19.78
N MET A 165 45.44 19.92 -20.89
CA MET A 165 45.32 20.49 -22.24
C MET A 165 43.88 20.99 -22.42
N CYS A 166 42.90 20.25 -21.90
CA CYS A 166 41.45 20.55 -22.09
C CYS A 166 41.07 21.78 -21.26
N GLN A 167 41.73 21.99 -20.13
CA GLN A 167 41.54 23.15 -19.21
C GLN A 167 42.02 24.45 -19.87
N GLU A 168 43.05 24.38 -20.71
CA GLU A 168 43.65 25.56 -21.42
C GLU A 168 43.15 25.64 -22.87
N ALA A 169 42.46 24.61 -23.40
CA ALA A 169 42.03 24.58 -24.81
C ALA A 169 40.85 25.53 -25.03
N THR A 170 40.80 26.13 -26.21
CA THR A 170 39.59 26.82 -26.71
C THR A 170 39.12 26.16 -28.02
N PHE A 171 37.86 26.37 -28.34
CA PHE A 171 37.21 25.97 -29.59
C PHE A 171 36.45 27.19 -30.10
N GLU A 172 36.83 27.73 -31.25
CA GLU A 172 36.24 28.97 -31.83
C GLU A 172 36.19 30.07 -30.76
N GLY A 173 37.28 30.23 -30.02
CA GLY A 173 37.45 31.32 -29.04
C GLY A 173 36.83 31.03 -27.67
N ALA A 174 36.09 29.93 -27.50
CA ALA A 174 35.41 29.63 -26.23
C ALA A 174 36.18 28.56 -25.46
N PRO A 175 36.37 28.73 -24.13
CA PRO A 175 36.99 27.70 -23.31
C PRO A 175 36.19 26.41 -23.40
N LEU A 176 36.92 25.27 -23.50
CA LEU A 176 36.30 23.91 -23.63
C LEU A 176 35.29 23.65 -22.51
N TYR A 177 35.58 24.07 -21.27
CA TYR A 177 34.72 23.76 -20.07
C TYR A 177 33.35 24.42 -20.21
N THR A 178 33.17 25.36 -21.16
CA THR A 178 31.86 26.03 -21.42
C THR A 178 31.08 25.29 -22.50
N LEU A 179 31.64 24.22 -23.08
CA LEU A 179 31.01 23.56 -24.25
C LEU A 179 30.61 22.12 -23.94
N GLY A 180 29.65 21.63 -24.71
CA GLY A 180 29.05 20.28 -24.54
C GLY A 180 29.69 19.27 -25.47
N PHE A 181 29.90 18.06 -24.98
CA PHE A 181 30.54 16.95 -25.70
C PHE A 181 29.72 16.64 -26.96
N TRP A 182 28.42 16.46 -26.82
CA TRP A 182 27.49 16.19 -27.94
C TRP A 182 27.47 17.37 -28.92
N ASN A 183 27.37 18.61 -28.45
CA ASN A 183 27.43 19.80 -29.35
C ASN A 183 28.73 19.74 -30.18
N LEU A 184 29.87 19.47 -29.55
CA LEU A 184 31.13 19.58 -30.31
C LEU A 184 31.26 18.37 -31.24
N LEU A 185 30.87 17.18 -30.82
CA LEU A 185 30.97 15.99 -31.72
C LEU A 185 30.15 16.29 -32.96
N TYR A 186 29.01 16.96 -32.81
CA TYR A 186 28.10 17.27 -33.93
C TYR A 186 28.75 18.24 -34.91
N ARG A 187 29.80 18.95 -34.53
CA ARG A 187 30.50 19.88 -35.43
C ARG A 187 31.48 19.10 -36.33
N VAL A 188 31.82 17.85 -36.01
CA VAL A 188 32.93 17.14 -36.71
C VAL A 188 32.50 15.75 -37.20
N ILE A 189 31.41 15.15 -36.69
CA ILE A 189 30.92 13.85 -37.24
C ILE A 189 29.49 14.04 -37.74
N SER A 190 29.08 13.20 -38.69
CA SER A 190 27.72 13.19 -39.28
C SER A 190 26.71 12.78 -38.20
N GLY A 191 25.44 13.14 -38.35
CA GLY A 191 24.39 12.63 -37.46
C GLY A 191 24.37 11.09 -37.49
N GLU A 192 24.61 10.50 -38.66
CA GLU A 192 24.69 9.03 -38.82
C GLU A 192 25.88 8.45 -38.03
N ALA A 193 27.04 9.10 -38.03
CA ALA A 193 28.21 8.60 -37.26
C ALA A 193 27.90 8.69 -35.75
N TYR A 194 27.15 9.70 -35.33
CA TYR A 194 26.80 9.89 -33.91
C TYR A 194 25.89 8.73 -33.53
N GLN A 195 24.86 8.47 -34.34
CA GLN A 195 23.90 7.41 -34.02
C GLN A 195 24.61 6.05 -34.09
N PHE A 196 25.50 5.86 -35.06
CA PHE A 196 26.28 4.60 -35.16
C PHE A 196 27.10 4.40 -33.87
N SER A 197 27.63 5.49 -33.31
CA SER A 197 28.49 5.46 -32.11
C SER A 197 27.65 5.14 -30.87
N ILE A 198 26.45 5.72 -30.75
CA ILE A 198 25.45 5.34 -29.73
C ILE A 198 25.16 3.84 -29.84
N ASP A 199 24.66 3.43 -31.01
CA ASP A 199 24.09 2.09 -31.23
C ASP A 199 25.17 1.02 -31.01
N SER A 200 26.25 1.06 -31.79
CA SER A 200 27.28 -0.01 -31.79
C SER A 200 28.20 0.15 -30.58
N GLY A 201 28.31 1.35 -30.00
CA GLY A 201 29.16 1.53 -28.80
C GLY A 201 28.49 1.04 -27.53
N GLY A 202 27.17 0.85 -27.57
CA GLY A 202 26.40 0.20 -26.49
C GLY A 202 25.78 1.14 -25.46
N TYR A 203 26.24 2.38 -25.38
CA TYR A 203 25.83 3.34 -24.33
C TYR A 203 25.17 4.58 -24.95
N ASN A 204 24.08 5.02 -24.33
CA ASN A 204 23.44 6.34 -24.58
C ASN A 204 24.09 7.42 -23.68
N SER A 205 24.48 7.13 -22.43
CA SER A 205 24.82 8.20 -21.45
C SER A 205 26.23 8.75 -21.72
N THR A 206 27.09 8.03 -22.43
CA THR A 206 28.50 8.44 -22.53
C THR A 206 28.66 9.62 -23.49
N LEU A 207 27.75 9.75 -24.45
CA LEU A 207 27.88 10.71 -25.57
C LEU A 207 26.84 11.82 -25.40
N VAL A 208 26.25 11.96 -24.21
CA VAL A 208 25.31 13.08 -23.92
C VAL A 208 26.05 14.42 -23.86
N ASN A 209 25.29 15.50 -23.71
CA ASN A 209 25.82 16.87 -23.72
C ASN A 209 26.32 17.17 -22.31
N TRP A 210 27.40 16.51 -21.91
CA TRP A 210 28.10 16.83 -20.65
C TRP A 210 29.38 17.58 -20.99
N ASN A 211 30.13 17.98 -19.96
CA ASN A 211 31.23 18.95 -20.07
C ASN A 211 32.27 18.39 -21.03
N ALA A 212 32.57 19.10 -22.14
CA ALA A 212 33.53 18.65 -23.17
C ALA A 212 34.93 18.56 -22.57
N ALA A 213 35.32 19.48 -21.70
CA ALA A 213 36.66 19.50 -21.08
C ALA A 213 36.88 18.22 -20.25
N ASP A 214 35.83 17.72 -19.61
CA ASP A 214 35.89 16.47 -18.80
C ASP A 214 35.62 15.25 -19.68
N ALA A 215 34.68 15.33 -20.64
CA ALA A 215 34.26 14.16 -21.43
C ALA A 215 35.42 13.67 -22.30
N ILE A 216 36.19 14.58 -22.89
CA ILE A 216 37.22 14.21 -23.90
C ILE A 216 38.30 13.31 -23.28
N PRO A 217 39.01 13.70 -22.19
CA PRO A 217 40.04 12.84 -21.61
C PRO A 217 39.46 11.52 -21.05
N TRP A 218 38.30 11.61 -20.41
CA TRP A 218 37.55 10.45 -19.89
C TRP A 218 37.30 9.47 -21.05
N TYR A 219 36.81 9.97 -22.19
CA TYR A 219 36.47 9.10 -23.36
C TYR A 219 37.74 8.42 -23.85
N LEU A 220 38.82 9.18 -23.99
CA LEU A 220 40.10 8.68 -24.56
C LEU A 220 40.67 7.53 -23.73
N SER A 221 40.56 7.58 -22.41
CA SER A 221 41.23 6.61 -21.51
C SER A 221 40.42 5.31 -21.44
N ASP A 222 39.13 5.33 -21.76
CA ASP A 222 38.38 4.05 -21.84
C ASP A 222 37.92 3.76 -23.27
N PHE A 223 36.78 4.34 -23.65
CA PHE A 223 35.97 3.95 -24.84
C PHE A 223 36.71 4.25 -26.15
N GLY A 224 37.94 4.76 -26.09
CA GLY A 224 38.70 5.23 -27.26
C GLY A 224 39.85 4.31 -27.64
N ILE A 225 41.01 4.57 -27.04
CA ILE A 225 42.30 3.86 -27.26
C ILE A 225 42.22 2.46 -26.60
N LYS A 226 41.98 1.42 -27.42
CA LYS A 226 41.99 -0.07 -27.17
C LYS A 226 41.77 -0.47 -25.71
N PRO A 227 40.60 -0.13 -25.12
CA PRO A 227 40.42 -0.35 -23.68
C PRO A 227 40.63 -1.83 -23.33
N VAL A 228 41.53 -2.08 -22.35
CA VAL A 228 41.95 -3.38 -21.74
C VAL A 228 41.47 -3.41 -20.26
N TYR A 229 40.69 -4.44 -19.87
CA TYR A 229 39.94 -4.50 -18.60
C TYR A 229 40.26 -5.77 -17.80
N LYS A 230 40.14 -5.72 -16.48
CA LYS A 230 40.17 -6.91 -15.57
C LYS A 230 38.87 -6.99 -14.76
N GLY A 231 38.32 -8.20 -14.58
CA GLY A 231 37.25 -8.50 -13.63
C GLY A 231 37.79 -9.13 -12.36
N PHE A 232 36.90 -9.39 -11.39
CA PHE A 232 37.21 -9.88 -10.03
C PHE A 232 36.66 -11.29 -9.89
N LYS A 233 37.55 -12.24 -9.65
CA LYS A 233 37.20 -13.67 -9.47
C LYS A 233 36.05 -13.78 -8.46
N ASN A 234 36.15 -13.11 -7.32
CA ASN A 234 35.17 -13.26 -6.21
C ASN A 234 34.34 -11.98 -6.03
N GLY A 235 34.29 -11.13 -7.05
CA GLY A 235 33.41 -9.95 -7.08
C GLY A 235 34.12 -8.70 -6.65
N PHE A 236 33.87 -7.60 -7.35
CA PHE A 236 34.42 -6.25 -7.05
C PHE A 236 34.04 -5.88 -5.60
N GLN A 237 32.89 -6.37 -5.14
CA GLN A 237 32.32 -5.99 -3.84
C GLN A 237 33.23 -6.45 -2.70
N GLN A 238 34.09 -7.44 -2.94
CA GLN A 238 35.07 -7.86 -1.92
C GLN A 238 35.91 -6.65 -1.49
N VAL A 239 36.10 -5.65 -2.35
CA VAL A 239 36.97 -4.50 -2.02
C VAL A 239 36.36 -3.73 -0.84
N PRO A 240 35.12 -3.18 -0.95
CA PRO A 240 34.54 -2.48 0.18
C PRO A 240 34.27 -3.39 1.38
N ILE A 241 33.86 -4.64 1.15
CA ILE A 241 33.60 -5.60 2.27
C ILE A 241 34.90 -5.75 3.09
N SER A 242 36.06 -5.94 2.45
CA SER A 242 37.37 -6.16 3.11
C SER A 242 37.73 -4.91 3.91
N LEU A 243 37.54 -3.72 3.33
CA LEU A 243 37.87 -2.46 4.03
C LEU A 243 36.98 -2.30 5.28
N ALA A 244 35.70 -2.63 5.18
CA ALA A 244 34.78 -2.59 6.33
C ALA A 244 35.35 -3.51 7.42
N ASN A 245 35.68 -4.75 7.05
CA ASN A 245 36.25 -5.75 7.98
C ASN A 245 37.48 -5.14 8.68
N PHE A 246 38.41 -4.55 7.92
CA PHE A 246 39.65 -3.97 8.49
C PHE A 246 39.29 -2.88 9.49
N PHE A 247 38.36 -2.00 9.11
CA PHE A 247 37.93 -0.86 9.95
C PHE A 247 37.46 -1.40 11.31
N GLU A 248 36.62 -2.44 11.30
CA GLU A 248 36.04 -3.05 12.53
C GLU A 248 37.13 -3.78 13.33
N GLU A 249 38.00 -4.56 12.70
CA GLU A 249 39.15 -5.21 13.39
C GLU A 249 39.97 -4.14 14.12
N ASP A 250 40.09 -2.95 13.54
CA ASP A 250 40.96 -1.87 14.08
C ASP A 250 40.18 -1.06 15.13
N GLY A 251 38.94 -1.44 15.43
CA GLY A 251 38.14 -0.81 16.51
C GLY A 251 37.12 0.19 16.00
N GLY A 252 36.97 0.30 14.68
CA GLY A 252 35.94 1.16 14.07
C GLY A 252 34.57 0.55 14.29
N GLU A 253 33.52 1.36 14.25
CA GLU A 253 32.13 0.81 14.32
C GLU A 253 31.37 1.13 13.03
N ILE A 254 30.66 0.14 12.53
CA ILE A 254 29.73 0.26 11.36
C ILE A 254 28.29 0.02 11.85
N ARG A 255 27.38 0.92 11.50
CA ARG A 255 25.92 0.74 11.73
C ARG A 255 25.23 0.70 10.36
N LEU A 256 24.66 -0.45 10.05
CA LEU A 256 23.77 -0.69 8.89
C LEU A 256 22.34 -0.27 9.28
N ASN A 257 21.47 -0.05 8.30
CA ASN A 257 20.04 0.30 8.51
C ASN A 257 19.99 1.58 9.35
N ALA A 258 20.97 2.45 9.13
CA ALA A 258 21.14 3.71 9.85
C ALA A 258 21.16 4.85 8.82
N LYS A 259 19.98 5.30 8.45
CA LYS A 259 19.78 6.35 7.42
C LYS A 259 19.94 7.70 8.09
N LEU A 260 20.87 8.53 7.62
CA LEU A 260 20.93 9.94 8.09
C LEU A 260 19.71 10.66 7.50
N GLU A 261 18.85 11.24 8.35
CA GLU A 261 17.58 11.91 7.94
C GLU A 261 17.84 13.40 7.71
N GLY A 262 18.89 13.92 8.33
CA GLY A 262 19.29 15.34 8.22
C GLY A 262 20.36 15.64 9.25
N PHE A 263 21.00 16.80 9.17
CA PHE A 263 21.94 17.25 10.20
C PHE A 263 21.90 18.77 10.34
N GLU A 264 22.14 19.20 11.58
CA GLU A 264 22.26 20.63 11.96
C GLU A 264 23.67 20.83 12.48
N PHE A 265 24.20 22.04 12.33
CA PHE A 265 25.47 22.46 12.94
C PHE A 265 25.17 23.49 14.03
N LYS A 266 25.27 23.07 15.29
CA LYS A 266 25.01 23.90 16.50
C LYS A 266 26.16 23.67 17.50
N ASN A 267 26.70 24.75 18.07
CA ASN A 267 27.67 24.68 19.20
C ASN A 267 28.93 23.94 18.72
N ASN A 268 29.38 24.26 17.50
CA ASN A 268 30.58 23.67 16.86
C ASN A 268 30.51 22.13 16.78
N LEU A 269 29.30 21.56 16.77
CA LEU A 269 29.08 20.10 16.61
C LEU A 269 28.12 19.86 15.44
N PHE A 270 28.23 18.70 14.80
CA PHE A 270 27.18 18.18 13.89
C PHE A 270 26.20 17.41 14.76
N GLU A 271 24.92 17.75 14.64
CA GLU A 271 23.82 16.99 15.25
C GLU A 271 23.21 16.17 14.12
N LEU A 272 23.41 14.86 14.14
CA LEU A 272 22.90 13.95 13.10
C LEU A 272 21.59 13.34 13.58
N THR A 273 20.52 13.45 12.80
CA THR A 273 19.27 12.72 13.10
C THR A 273 19.30 11.38 12.36
N ILE A 274 19.32 10.28 13.11
CA ILE A 274 19.35 8.88 12.60
C ILE A 274 18.36 8.07 13.44
N ASP A 275 17.30 7.54 12.83
CA ASP A 275 16.26 6.70 13.49
C ASP A 275 15.59 7.48 14.63
N GLY A 276 15.29 8.77 14.42
CA GLY A 276 14.68 9.65 15.44
C GLY A 276 15.54 9.86 16.70
N GLU A 277 16.82 9.53 16.66
CA GLU A 277 17.82 9.84 17.73
C GLU A 277 18.78 10.91 17.20
N ILE A 278 19.30 11.76 18.08
CA ILE A 278 20.35 12.76 17.73
C ILE A 278 21.70 12.20 18.17
N ILE A 279 22.68 12.21 17.27
CA ILE A 279 24.09 11.86 17.56
C ILE A 279 24.99 13.06 17.26
N GLU A 280 25.87 13.41 18.19
CA GLU A 280 26.78 14.56 18.04
C GLU A 280 28.11 14.03 17.51
N ALA A 281 28.68 14.74 16.56
CA ALA A 281 29.97 14.37 15.94
C ALA A 281 30.74 15.65 15.72
N THR A 282 32.04 15.64 15.89
CA THR A 282 32.81 16.90 15.66
C THR A 282 33.10 17.04 14.16
N GLN A 283 33.31 15.95 13.42
CA GLN A 283 33.47 15.99 11.93
C GLN A 283 32.44 15.09 11.25
N LEU A 284 31.94 15.55 10.10
CA LEU A 284 30.96 14.78 9.29
C LEU A 284 31.50 14.61 7.86
N ILE A 285 31.58 13.37 7.42
CA ILE A 285 32.04 12.99 6.06
C ILE A 285 30.87 12.31 5.36
N LEU A 286 30.44 12.91 4.25
CA LEU A 286 29.34 12.37 3.41
C LEU A 286 29.99 11.70 2.19
N ALA A 287 30.01 10.37 2.20
CA ALA A 287 30.66 9.53 1.15
C ALA A 287 29.55 9.03 0.25
N MET A 288 29.00 9.92 -0.56
CA MET A 288 27.70 9.67 -1.21
C MET A 288 27.56 10.61 -2.40
N PRO A 289 26.85 10.17 -3.46
CA PRO A 289 26.77 10.96 -4.69
C PRO A 289 25.76 12.12 -4.59
N ARG A 290 25.62 12.88 -5.67
CA ARG A 290 24.80 14.12 -5.70
C ARG A 290 23.38 13.82 -5.20
N ARG A 291 22.74 12.80 -5.72
CA ARG A 291 21.33 12.54 -5.39
C ARG A 291 21.20 12.33 -3.88
N SER A 292 22.17 11.69 -3.26
CA SER A 292 22.15 11.39 -1.79
C SER A 292 22.27 12.72 -1.03
N LEU A 293 23.12 13.63 -1.49
CA LEU A 293 23.22 15.02 -0.97
C LEU A 293 21.89 15.78 -1.20
N ASP A 294 21.26 15.62 -2.38
CA ASP A 294 19.99 16.32 -2.70
C ASP A 294 18.90 15.85 -1.72
N LEU A 295 18.85 14.57 -1.42
CA LEU A 295 17.82 14.01 -0.53
C LEU A 295 18.01 14.54 0.91
N LEU A 296 19.21 14.97 1.29
CA LEU A 296 19.48 15.44 2.68
C LEU A 296 19.23 16.94 2.79
N THR A 297 19.08 17.64 1.66
CA THR A 297 19.18 19.11 1.61
C THR A 297 18.03 19.78 2.38
N ASN A 298 16.78 19.29 2.29
CA ASN A 298 15.62 19.93 2.97
C ASN A 298 15.80 19.90 4.49
N THR A 299 16.48 18.90 5.07
CA THR A 299 16.64 18.73 6.53
C THR A 299 18.10 19.01 6.96
N SER A 300 18.89 19.71 6.15
CA SER A 300 20.34 19.94 6.39
C SER A 300 20.72 21.34 5.88
N PRO A 301 20.48 22.40 6.69
CA PRO A 301 20.75 23.77 6.25
C PRO A 301 22.13 24.01 5.62
N LYS A 302 23.19 23.34 6.08
CA LYS A 302 24.55 23.58 5.50
C LYS A 302 24.54 23.20 4.00
N LEU A 303 23.83 22.11 3.62
CA LEU A 303 23.78 21.65 2.21
C LEU A 303 23.06 22.70 1.37
N GLN A 304 22.09 23.42 1.94
CA GLN A 304 21.33 24.51 1.24
C GLN A 304 22.28 25.65 0.87
N GLU A 305 23.42 25.79 1.55
CA GLU A 305 24.39 26.90 1.29
C GLU A 305 25.31 26.54 0.13
N ILE A 306 25.36 25.29 -0.34
CA ILE A 306 26.37 24.86 -1.35
C ILE A 306 25.68 24.20 -2.56
N GLN A 307 24.51 24.70 -2.94
CA GLN A 307 23.65 24.13 -4.01
C GLN A 307 24.41 24.12 -5.34
N SER A 308 25.17 25.17 -5.66
CA SER A 308 25.82 25.30 -6.97
C SER A 308 26.96 24.26 -7.10
N LEU A 309 27.65 23.94 -5.99
CA LEU A 309 28.66 22.85 -5.94
C LEU A 309 27.97 21.50 -6.11
N ILE A 310 26.95 21.20 -5.32
CA ILE A 310 26.24 19.90 -5.35
C ILE A 310 25.64 19.69 -6.75
N GLY A 311 25.07 20.75 -7.34
CA GLY A 311 24.37 20.75 -8.64
C GLY A 311 25.31 20.73 -9.85
N SER A 312 26.62 20.56 -9.65
CA SER A 312 27.62 20.73 -10.72
C SER A 312 27.79 19.41 -11.52
N VAL A 313 27.11 18.33 -11.13
CA VAL A 313 27.10 17.05 -11.87
C VAL A 313 25.65 16.63 -12.10
N THR A 314 25.42 15.73 -13.06
CA THR A 314 24.09 15.16 -13.38
C THR A 314 24.16 13.65 -13.18
N PRO A 315 23.22 13.05 -12.43
CA PRO A 315 23.20 11.59 -12.32
C PRO A 315 22.80 10.96 -13.66
N ARG A 316 23.40 9.82 -13.95
CA ARG A 316 23.19 9.04 -15.19
C ARG A 316 22.77 7.63 -14.83
N PRO A 317 21.46 7.31 -14.83
CA PRO A 317 20.99 5.96 -14.55
C PRO A 317 21.70 4.93 -15.42
N LEU A 318 21.91 3.76 -14.84
CA LEU A 318 22.38 2.52 -15.51
C LEU A 318 21.50 1.39 -15.01
N PHE A 319 21.24 0.41 -15.87
CA PHE A 319 20.38 -0.76 -15.57
C PHE A 319 21.11 -2.02 -16.02
N LYS A 320 21.11 -3.06 -15.18
CA LYS A 320 21.67 -4.38 -15.54
C LYS A 320 20.67 -5.43 -15.13
N VAL A 321 20.50 -6.45 -15.96
CA VAL A 321 19.72 -7.66 -15.66
C VAL A 321 20.48 -8.85 -16.22
N PHE A 322 20.64 -9.88 -15.39
CA PHE A 322 21.33 -11.15 -15.69
C PHE A 322 20.29 -12.24 -15.84
N THR A 323 20.52 -13.18 -16.76
CA THR A 323 19.69 -14.39 -16.93
C THR A 323 20.61 -15.61 -17.00
N THR A 324 20.12 -16.76 -16.52
CA THR A 324 20.85 -18.04 -16.52
C THR A 324 20.06 -19.08 -17.29
N TYR A 325 20.77 -20.08 -17.76
CA TYR A 325 20.25 -21.14 -18.64
C TYR A 325 20.97 -22.43 -18.27
N SER A 326 20.42 -23.58 -18.66
CA SER A 326 21.03 -24.89 -18.42
C SER A 326 22.19 -25.09 -19.41
N SER A 327 22.29 -24.28 -20.47
CA SER A 327 23.37 -24.39 -21.48
C SER A 327 23.65 -23.03 -22.10
N PRO A 328 24.89 -22.79 -22.58
CA PRO A 328 25.20 -21.52 -23.24
C PRO A 328 24.77 -21.58 -24.71
N TRP A 329 23.47 -21.36 -24.93
CA TRP A 329 22.78 -21.59 -26.22
C TRP A 329 23.34 -20.63 -27.27
N TRP A 330 23.85 -19.48 -26.84
CA TRP A 330 24.41 -18.45 -27.75
C TRP A 330 25.59 -19.02 -28.56
N ARG A 331 26.29 -20.04 -28.05
CA ARG A 331 27.51 -20.57 -28.71
C ARG A 331 27.13 -21.14 -30.07
N ASN A 332 25.85 -21.47 -30.27
CA ASN A 332 25.33 -21.99 -31.55
C ASN A 332 25.07 -20.86 -32.55
N ALA A 333 25.32 -19.60 -32.20
CA ALA A 333 25.10 -18.44 -33.10
C ALA A 333 26.42 -17.87 -33.60
N GLY A 334 27.47 -18.71 -33.61
CA GLY A 334 28.73 -18.38 -34.31
C GLY A 334 28.60 -18.67 -35.79
N TYR A 335 29.74 -18.80 -36.49
CA TYR A 335 29.75 -19.00 -37.97
C TYR A 335 30.93 -19.89 -38.36
N THR A 336 30.87 -20.38 -39.60
CA THR A 336 31.85 -21.30 -40.22
C THR A 336 32.81 -20.46 -41.05
N ASP A 337 34.11 -20.54 -40.77
CA ASP A 337 35.10 -19.67 -41.46
C ASP A 337 35.34 -20.26 -42.87
N SER A 338 36.12 -19.53 -43.68
CA SER A 338 36.42 -19.85 -45.10
C SER A 338 37.15 -21.20 -45.22
N GLU A 339 37.65 -21.80 -44.12
CA GLU A 339 38.36 -23.10 -44.13
C GLU A 339 37.50 -24.18 -43.49
N GLY A 340 36.22 -23.89 -43.21
CA GLY A 340 35.28 -24.85 -42.61
C GLY A 340 35.45 -25.06 -41.11
N GLY A 341 36.19 -24.20 -40.40
CA GLY A 341 36.22 -24.27 -38.92
C GLY A 341 35.07 -23.46 -38.32
N TYR A 342 34.49 -23.93 -37.22
CA TYR A 342 33.38 -23.23 -36.53
C TYR A 342 33.98 -22.22 -35.54
N ILE A 343 33.49 -20.98 -35.57
CA ILE A 343 33.89 -19.88 -34.67
C ILE A 343 32.72 -19.63 -33.71
N PRO A 344 32.82 -20.08 -32.44
CA PRO A 344 31.72 -19.96 -31.52
C PRO A 344 31.53 -18.52 -31.04
N LEU A 345 30.28 -18.15 -30.74
CA LEU A 345 29.94 -16.89 -30.08
C LEU A 345 29.98 -17.17 -28.58
N GLN A 346 30.96 -16.61 -27.85
CA GLN A 346 31.10 -17.13 -26.47
C GLN A 346 31.76 -16.16 -25.50
N SER A 347 32.23 -15.01 -25.93
CA SER A 347 32.86 -14.09 -24.97
C SER A 347 32.69 -12.64 -25.41
N GLY A 348 32.70 -11.75 -24.44
CA GLY A 348 32.58 -10.30 -24.64
C GLY A 348 31.11 -9.96 -24.88
N ARG A 349 30.89 -8.95 -25.70
CA ARG A 349 29.63 -8.19 -25.80
C ARG A 349 29.06 -8.31 -27.21
N THR A 350 27.76 -8.55 -27.30
CA THR A 350 26.91 -8.34 -28.48
C THR A 350 26.10 -7.05 -28.25
N VAL A 351 25.96 -6.22 -29.28
CA VAL A 351 25.26 -4.92 -29.20
C VAL A 351 24.02 -4.89 -30.10
N THR A 352 23.10 -4.00 -29.78
CA THR A 352 21.88 -3.78 -30.58
C THR A 352 21.34 -2.40 -30.32
N ASP A 353 20.53 -1.91 -31.26
CA ASP A 353 19.75 -0.66 -31.08
C ASP A 353 18.43 -1.01 -30.39
N LEU A 354 18.09 -2.30 -30.21
CA LEU A 354 16.91 -2.67 -29.38
C LEU A 354 17.17 -2.25 -27.93
N PRO A 355 16.12 -2.15 -27.08
CA PRO A 355 16.31 -1.73 -25.69
C PRO A 355 17.29 -2.58 -24.85
N ILE A 356 17.52 -3.85 -25.22
CA ILE A 356 18.58 -4.65 -24.58
C ILE A 356 19.90 -3.89 -24.62
N ARG A 357 20.26 -3.32 -25.77
CA ARG A 357 21.47 -2.51 -26.06
C ARG A 357 22.78 -3.30 -25.96
N GLN A 358 23.06 -3.96 -24.82
CA GLN A 358 24.33 -4.69 -24.62
C GLN A 358 24.06 -6.02 -23.92
N THR A 359 24.61 -7.10 -24.47
CA THR A 359 24.53 -8.47 -23.90
C THR A 359 25.96 -8.99 -23.74
N TYR A 360 26.33 -9.42 -22.53
CA TYR A 360 27.64 -10.07 -22.30
C TYR A 360 27.46 -11.57 -22.04
N TYR A 361 28.30 -12.36 -22.69
CA TYR A 361 28.49 -13.81 -22.45
C TYR A 361 29.37 -13.89 -21.22
N TRP A 362 28.76 -14.14 -20.07
CA TRP A 362 29.43 -13.93 -18.77
C TRP A 362 30.57 -14.93 -18.60
N PRO A 363 31.78 -14.45 -18.26
CA PRO A 363 32.91 -15.33 -18.10
C PRO A 363 32.83 -16.11 -16.78
N LYS A 364 33.46 -17.29 -16.76
CA LYS A 364 33.84 -17.99 -15.52
C LYS A 364 34.79 -17.08 -14.72
N ASN A 365 34.95 -17.39 -13.43
CA ASN A 365 35.74 -16.58 -12.49
C ASN A 365 37.24 -16.61 -12.81
N ASN A 366 37.67 -17.36 -13.83
CA ASN A 366 39.07 -17.34 -14.32
C ASN A 366 39.16 -16.60 -15.66
N GLY A 367 38.07 -15.98 -16.11
CA GLY A 367 38.09 -15.21 -17.37
C GLY A 367 37.77 -16.05 -18.59
N GLN A 368 37.67 -17.38 -18.45
CA GLN A 368 37.47 -18.33 -19.57
C GLN A 368 35.98 -18.40 -19.90
N PRO A 369 35.63 -18.67 -21.18
CA PRO A 369 34.23 -18.76 -21.58
C PRO A 369 33.56 -20.00 -20.96
N SER A 370 32.28 -19.88 -20.73
CA SER A 370 31.40 -21.01 -20.36
C SER A 370 31.05 -21.77 -21.63
N VAL A 371 31.48 -23.02 -21.77
CA VAL A 371 31.34 -23.78 -23.05
C VAL A 371 30.30 -24.88 -22.90
N SER A 372 29.80 -25.13 -21.70
CA SER A 372 28.75 -26.16 -21.43
C SER A 372 28.18 -25.95 -20.03
N GLY A 373 27.04 -26.56 -19.75
CA GLY A 373 26.39 -26.51 -18.42
C GLY A 373 25.80 -25.14 -18.09
N GLU A 374 25.38 -24.98 -16.83
CA GLU A 374 24.64 -23.80 -16.34
C GLU A 374 25.45 -22.54 -16.67
N SER A 375 24.85 -21.62 -17.43
CA SER A 375 25.58 -20.46 -17.98
C SER A 375 24.78 -19.19 -17.80
N MET A 376 25.44 -18.04 -17.98
CA MET A 376 24.80 -16.77 -17.64
C MET A 376 25.04 -15.70 -18.73
N LEU A 377 24.00 -14.90 -18.99
CA LEU A 377 24.17 -13.63 -19.72
C LEU A 377 24.08 -12.46 -18.74
N LEU A 378 24.89 -11.42 -18.95
CA LEU A 378 24.40 -10.06 -18.68
C LEU A 378 23.44 -9.75 -19.85
N ALA A 379 22.16 -10.10 -19.67
CA ALA A 379 21.12 -10.08 -20.71
C ALA A 379 20.99 -8.67 -21.28
N SER A 380 20.95 -7.66 -20.42
CA SER A 380 20.90 -6.25 -20.86
C SER A 380 21.67 -5.41 -19.87
N TYR A 381 22.58 -4.61 -20.41
CA TYR A 381 23.25 -3.50 -19.73
C TYR A 381 22.90 -2.28 -20.57
N ASP A 382 21.98 -1.45 -20.09
CA ASP A 382 21.36 -0.39 -20.90
C ASP A 382 21.24 0.89 -20.09
N ASP A 383 21.17 2.02 -20.78
CA ASP A 383 21.05 3.35 -20.15
C ASP A 383 20.15 4.23 -21.04
N GLY A 384 20.07 5.49 -20.66
CA GLY A 384 19.25 6.51 -21.34
C GLY A 384 17.81 6.06 -21.39
N SER A 385 17.13 6.34 -22.48
CA SER A 385 15.66 6.12 -22.61
C SER A 385 15.35 4.62 -22.58
N ASN A 386 16.35 3.75 -22.70
CA ASN A 386 16.08 2.27 -22.71
C ASN A 386 15.60 1.77 -21.35
N ILE A 387 15.99 2.46 -20.27
CA ILE A 387 15.66 2.00 -18.89
C ILE A 387 14.15 2.07 -18.68
N GLY A 388 13.49 3.12 -19.17
CA GLY A 388 12.03 3.24 -19.08
C GLY A 388 11.32 2.03 -19.68
N PHE A 389 11.87 1.45 -20.74
CA PHE A 389 11.26 0.27 -21.40
C PHE A 389 11.23 -0.91 -20.41
N TRP A 390 12.35 -1.20 -19.75
CA TRP A 390 12.46 -2.33 -18.79
C TRP A 390 11.68 -2.03 -17.49
N ASP A 391 11.82 -0.82 -16.98
CA ASP A 391 11.11 -0.37 -15.77
C ASP A 391 9.60 -0.58 -15.92
N GLY A 392 9.01 -0.25 -17.08
CA GLY A 392 7.54 -0.37 -17.22
C GLY A 392 7.08 -1.80 -17.17
N LEU A 393 7.99 -2.78 -17.28
CA LEU A 393 7.60 -4.21 -17.21
C LEU A 393 7.57 -4.69 -15.75
N ARG A 394 7.95 -3.88 -14.77
CA ARG A 394 7.91 -4.27 -13.34
C ARG A 394 6.49 -4.13 -12.80
N PRO A 395 6.02 -5.05 -11.94
CA PRO A 395 4.65 -5.00 -11.41
C PRO A 395 4.46 -3.99 -10.28
N LYS A 428 36.57 -15.17 3.24
CA LYS A 428 35.82 -14.28 2.30
C LYS A 428 34.32 -14.62 2.36
N ALA A 429 33.45 -13.64 2.13
CA ALA A 429 31.99 -13.83 1.95
C ALA A 429 31.42 -12.57 1.30
N LEU A 430 30.44 -12.76 0.41
CA LEU A 430 29.59 -11.66 -0.11
C LEU A 430 28.49 -11.43 0.93
N ASN A 431 27.64 -10.41 0.75
CA ASN A 431 26.70 -9.98 1.81
C ASN A 431 25.31 -9.75 1.24
N GLN A 432 25.08 -10.09 -0.03
CA GLN A 432 23.74 -10.06 -0.68
C GLN A 432 23.55 -11.35 -1.48
N THR A 433 22.32 -11.80 -1.66
CA THR A 433 21.99 -12.97 -2.51
C THR A 433 21.33 -12.49 -3.80
N TRP A 434 21.50 -13.30 -4.85
CA TRP A 434 20.77 -13.21 -6.15
C TRP A 434 19.26 -12.97 -5.90
N HIS A 435 18.65 -13.78 -5.04
CA HIS A 435 17.16 -13.77 -4.83
C HIS A 435 16.71 -12.37 -4.38
N GLN A 436 17.53 -11.63 -3.65
CA GLN A 436 17.14 -10.28 -3.18
C GLN A 436 16.96 -9.32 -4.37
N TYR A 437 17.44 -9.65 -5.57
CA TYR A 437 17.35 -8.77 -6.75
C TYR A 437 16.59 -9.47 -7.87
N LYS A 438 15.74 -10.44 -7.52
CA LYS A 438 15.06 -11.31 -8.51
C LYS A 438 14.29 -10.43 -9.50
N ALA A 439 14.33 -10.78 -10.78
CA ALA A 439 13.65 -10.04 -11.87
C ALA A 439 12.24 -10.59 -12.03
N PRO A 440 11.25 -9.73 -12.33
CA PRO A 440 9.91 -10.22 -12.57
C PRO A 440 9.73 -10.88 -13.95
N ARG A 441 8.77 -11.78 -14.03
CA ARG A 441 8.55 -12.68 -15.18
C ARG A 441 8.36 -11.85 -16.46
N LYS A 442 7.52 -10.82 -16.47
CA LYS A 442 7.18 -10.09 -17.71
C LYS A 442 8.45 -9.42 -18.28
N MET A 443 9.30 -8.88 -17.40
CA MET A 443 10.59 -8.30 -17.82
C MET A 443 11.40 -9.41 -18.50
N VAL A 444 11.47 -10.59 -17.89
CA VAL A 444 12.30 -11.72 -18.40
C VAL A 444 11.77 -12.19 -19.76
N GLU A 445 10.45 -12.29 -19.92
CA GLU A 445 9.86 -12.76 -21.19
C GLU A 445 10.22 -11.78 -22.32
N GLU A 446 10.25 -10.48 -22.07
CA GLU A 446 10.58 -9.49 -23.12
C GLU A 446 12.09 -9.55 -23.41
N LEU A 447 12.92 -9.75 -22.39
CA LEU A 447 14.37 -9.97 -22.59
C LEU A 447 14.55 -11.17 -23.51
N SER A 448 13.84 -12.28 -23.25
CA SER A 448 13.97 -13.53 -24.03
C SER A 448 13.58 -13.30 -25.49
N ARG A 449 12.48 -12.58 -25.72
CA ARG A 449 12.01 -12.20 -27.08
C ARG A 449 13.15 -11.47 -27.82
N GLN A 450 13.71 -10.44 -27.19
CA GLN A 450 14.74 -9.60 -27.84
C GLN A 450 16.03 -10.43 -28.05
N LEU A 451 16.47 -11.21 -27.06
CA LEU A 451 17.70 -12.03 -27.21
C LEU A 451 17.56 -12.94 -28.43
N LYS A 452 16.36 -13.47 -28.65
CA LYS A 452 16.07 -14.38 -29.79
C LYS A 452 16.19 -13.61 -31.10
N GLN A 453 15.59 -12.42 -31.18
CA GLN A 453 15.65 -11.58 -32.39
C GLN A 453 17.12 -11.18 -32.64
N ILE A 454 17.87 -10.82 -31.60
CA ILE A 454 19.28 -10.40 -31.72
C ILE A 454 20.13 -11.55 -32.27
N HIS A 455 19.93 -12.77 -31.78
CA HIS A 455 20.77 -13.94 -32.14
C HIS A 455 20.19 -14.66 -33.36
N ASP A 456 19.04 -14.23 -33.85
CA ASP A 456 18.35 -14.79 -35.03
C ASP A 456 17.94 -16.25 -34.81
N VAL A 457 17.41 -16.57 -33.63
CA VAL A 457 16.91 -17.93 -33.31
C VAL A 457 15.45 -17.79 -32.87
N ASP A 458 14.69 -18.85 -33.10
CA ASP A 458 13.23 -18.96 -32.83
C ASP A 458 13.04 -19.70 -31.49
N TYR A 459 14.07 -20.46 -31.05
CA TYR A 459 14.03 -21.26 -29.81
C TYR A 459 15.30 -21.02 -28.99
N THR A 460 15.13 -20.80 -27.69
CA THR A 460 16.22 -20.87 -26.69
C THR A 460 15.70 -21.60 -25.45
N PRO A 461 16.59 -22.37 -24.76
CA PRO A 461 16.24 -22.98 -23.48
C PRO A 461 15.76 -21.91 -22.50
N ALA A 462 14.80 -22.27 -21.68
CA ALA A 462 14.07 -21.34 -20.78
C ALA A 462 15.08 -20.67 -19.83
N VAL A 463 14.81 -19.43 -19.49
CA VAL A 463 15.54 -18.74 -18.38
C VAL A 463 15.25 -19.48 -17.07
N LYS A 464 16.30 -19.84 -16.33
CA LYS A 464 16.20 -20.53 -15.02
C LYS A 464 16.11 -19.48 -13.91
N ASN A 465 16.96 -18.47 -13.95
CA ASN A 465 17.07 -17.45 -12.89
C ASN A 465 17.34 -16.10 -13.54
N ALA A 466 16.91 -15.02 -12.89
CA ALA A 466 17.12 -13.65 -13.38
C ALA A 466 17.20 -12.71 -12.19
N SER A 467 18.10 -11.73 -12.27
CA SER A 467 18.28 -10.66 -11.27
C SER A 467 18.58 -9.35 -11.99
N PHE A 468 18.22 -8.22 -11.37
CA PHE A 468 18.37 -6.89 -11.99
C PHE A 468 18.60 -5.85 -10.91
N ARG A 469 19.08 -4.69 -11.37
CA ARG A 469 19.26 -3.50 -10.53
C ARG A 469 19.11 -2.28 -11.42
N ASP A 470 18.25 -1.36 -11.01
CA ASP A 470 18.05 -0.03 -11.64
C ASP A 470 18.72 1.02 -10.73
N TRP A 471 19.88 1.51 -11.17
CA TRP A 471 20.71 2.45 -10.38
C TRP A 471 20.24 3.90 -10.57
N GLY A 472 19.14 4.12 -11.29
CA GLY A 472 18.50 5.44 -11.28
C GLY A 472 17.72 5.67 -9.99
N GLU A 473 17.42 4.60 -9.27
CA GLU A 473 16.63 4.65 -8.00
C GLU A 473 17.37 5.41 -6.90
N ASP A 474 16.61 6.10 -6.06
CA ASP A 474 17.10 6.70 -4.79
C ASP A 474 17.76 5.58 -3.98
N PRO A 475 18.84 5.86 -3.22
CA PRO A 475 19.44 7.19 -3.14
C PRO A 475 20.54 7.54 -4.15
N PHE A 476 20.74 6.72 -5.17
CA PHE A 476 21.90 6.82 -6.11
C PHE A 476 21.66 7.87 -7.19
N GLY A 477 20.44 7.94 -7.72
CA GLY A 477 20.06 8.84 -8.83
C GLY A 477 20.65 8.37 -10.18
N GLY A 478 21.85 7.80 -10.15
CA GLY A 478 22.49 7.24 -11.36
C GLY A 478 23.55 6.21 -11.02
N GLY A 479 23.91 5.39 -12.00
CA GLY A 479 25.09 4.51 -11.93
C GLY A 479 26.38 5.32 -11.90
N TRP A 480 26.41 6.45 -12.59
CA TRP A 480 27.54 7.41 -12.60
C TRP A 480 27.00 8.83 -12.60
N ASN A 481 27.88 9.79 -12.43
CA ASN A 481 27.53 11.22 -12.43
C ASN A 481 28.50 11.92 -13.37
N SER A 482 28.00 12.88 -14.15
CA SER A 482 28.79 13.54 -15.20
C SER A 482 28.90 15.03 -14.86
N TRP A 483 30.10 15.60 -15.02
CA TRP A 483 30.32 17.06 -14.93
C TRP A 483 29.40 17.82 -15.91
N ASN A 484 28.74 18.86 -15.42
CA ASN A 484 27.88 19.73 -16.26
C ASN A 484 28.72 20.71 -17.06
N ILE A 485 28.16 21.14 -18.18
CA ILE A 485 28.73 22.21 -19.05
C ILE A 485 28.83 23.49 -18.21
N GLY A 486 29.89 24.28 -18.39
CA GLY A 486 30.05 25.57 -17.70
C GLY A 486 30.68 25.43 -16.31
N VAL A 487 30.78 24.21 -15.78
CA VAL A 487 31.48 23.93 -14.49
C VAL A 487 32.98 23.83 -14.77
N LYS A 488 33.78 24.30 -13.81
CA LYS A 488 35.25 24.05 -13.79
C LYS A 488 35.51 22.90 -12.83
N SER A 489 35.57 21.67 -13.33
CA SER A 489 35.73 20.44 -12.50
C SER A 489 36.98 20.58 -11.61
N TRP A 490 38.04 21.18 -12.11
CA TRP A 490 39.34 21.25 -11.40
C TRP A 490 39.17 22.11 -10.15
N GLU A 491 38.22 23.05 -10.14
CA GLU A 491 37.93 23.92 -8.97
C GLU A 491 36.94 23.19 -8.05
N VAL A 492 35.87 22.67 -8.62
CA VAL A 492 34.76 22.09 -7.81
C VAL A 492 35.33 20.87 -7.08
N LYS A 493 36.13 20.02 -7.73
CA LYS A 493 36.58 18.76 -7.10
C LYS A 493 37.44 19.08 -5.84
N GLU A 494 38.25 20.14 -5.87
CA GLU A 494 39.13 20.56 -4.75
C GLU A 494 38.27 21.26 -3.68
N LYS A 495 37.26 22.03 -4.09
CA LYS A 495 36.40 22.79 -3.17
C LYS A 495 35.44 21.85 -2.42
N ILE A 496 34.74 20.96 -3.13
CA ILE A 496 33.54 20.28 -2.57
C ILE A 496 33.96 19.23 -1.53
N VAL A 497 35.22 18.76 -1.51
CA VAL A 497 35.64 17.78 -0.46
C VAL A 497 35.50 18.42 0.92
N HIS A 498 35.59 19.73 1.01
CA HIS A 498 35.52 20.52 2.27
C HIS A 498 34.92 21.87 1.91
N PRO A 499 33.60 21.90 1.65
CA PRO A 499 33.00 23.01 0.91
C PRO A 499 32.72 24.32 1.66
N ILE A 500 32.74 24.30 3.00
CA ILE A 500 32.48 25.53 3.84
C ILE A 500 33.70 25.75 4.76
N ASP A 501 34.39 26.88 4.60
CA ASP A 501 35.58 27.24 5.42
C ASP A 501 35.20 27.18 6.91
N ASN A 502 36.11 26.66 7.74
CA ASN A 502 35.98 26.66 9.23
C ASN A 502 34.76 25.84 9.64
N CYS A 503 34.43 24.83 8.85
CA CYS A 503 33.29 23.89 9.06
C CYS A 503 33.77 22.48 8.71
N SER A 504 33.72 21.56 9.66
CA SER A 504 34.30 20.19 9.54
C SER A 504 33.33 19.28 8.76
N LEU A 505 32.77 19.78 7.66
CA LEU A 505 31.92 19.03 6.70
C LEU A 505 32.80 18.61 5.53
N TYR A 506 32.79 17.32 5.22
CA TYR A 506 33.58 16.72 4.12
C TYR A 506 32.64 15.91 3.22
N ILE A 507 33.00 15.84 1.94
CA ILE A 507 32.29 15.06 0.90
C ILE A 507 33.32 14.28 0.07
N CYS A 508 33.07 13.01 -0.20
CA CYS A 508 33.88 12.20 -1.13
C CYS A 508 33.00 11.19 -1.86
N GLY A 509 33.56 10.59 -2.89
CA GLY A 509 32.89 9.62 -3.78
C GLY A 509 33.20 9.86 -5.24
N GLU A 510 32.68 8.96 -6.07
CA GLU A 510 32.80 9.01 -7.54
C GLU A 510 32.22 10.33 -8.10
N ALA A 511 31.16 10.89 -7.50
CA ALA A 511 30.32 11.90 -8.21
C ALA A 511 31.13 13.15 -8.59
N TYR A 512 32.04 13.63 -7.72
CA TYR A 512 32.76 14.91 -7.95
C TYR A 512 34.23 14.61 -8.24
N SER A 513 34.49 13.56 -9.04
CA SER A 513 35.86 13.09 -9.38
C SER A 513 36.20 13.33 -10.86
N ASP A 514 37.46 13.07 -11.18
CA ASP A 514 37.96 13.00 -12.57
C ASP A 514 37.66 11.61 -13.14
N GLY A 515 37.38 10.64 -12.28
CA GLY A 515 37.12 9.23 -12.65
C GLY A 515 35.65 8.88 -12.51
N GLN A 516 34.75 9.70 -13.07
CA GLN A 516 33.29 9.46 -12.99
C GLN A 516 32.96 8.12 -13.63
N GLY A 517 32.03 7.38 -13.06
CA GLY A 517 31.69 6.03 -13.54
C GLY A 517 32.66 4.96 -13.08
N TRP A 518 33.66 5.30 -12.24
CA TRP A 518 34.73 4.34 -11.81
C TRP A 518 34.95 4.38 -10.29
N VAL A 519 35.30 3.23 -9.73
CA VAL A 519 35.88 3.13 -8.37
C VAL A 519 37.10 4.04 -8.30
N GLU A 520 37.92 4.09 -9.34
CA GLU A 520 39.11 4.99 -9.34
C GLU A 520 38.71 6.40 -8.91
N GLY A 521 37.60 6.91 -9.42
CA GLY A 521 37.17 8.29 -9.13
C GLY A 521 36.84 8.46 -7.65
N ALA A 522 36.09 7.50 -7.07
CA ALA A 522 35.76 7.47 -5.63
C ALA A 522 37.05 7.49 -4.78
N LEU A 523 38.08 6.74 -5.15
CA LEU A 523 39.34 6.73 -4.39
C LEU A 523 40.05 8.06 -4.57
N GLN A 524 39.99 8.63 -5.78
CA GLN A 524 40.67 9.90 -6.07
C GLN A 524 40.18 10.98 -5.07
N THR A 525 38.85 11.12 -4.90
CA THR A 525 38.28 12.22 -4.10
C THR A 525 38.41 11.86 -2.62
N ALA A 526 38.30 10.58 -2.24
CA ALA A 526 38.63 10.13 -0.86
C ALA A 526 40.04 10.63 -0.51
N ASP A 527 41.02 10.47 -1.40
CA ASP A 527 42.41 10.90 -1.12
C ASP A 527 42.50 12.42 -1.02
N ILE A 528 41.81 13.16 -1.89
CA ILE A 528 41.81 14.65 -1.82
C ILE A 528 41.19 15.08 -0.48
N MET A 529 40.10 14.43 -0.10
CA MET A 529 39.33 14.75 1.12
C MET A 529 40.21 14.44 2.35
N LEU A 530 40.82 13.25 2.41
CA LEU A 530 41.66 12.83 3.55
C LEU A 530 42.82 13.82 3.72
N LYS A 531 43.47 14.21 2.64
CA LYS A 531 44.61 15.14 2.72
C LYS A 531 44.15 16.44 3.38
N LYS A 532 43.00 16.97 2.96
CA LYS A 532 42.44 18.23 3.51
C LYS A 532 42.12 17.99 4.99
N PHE A 533 41.42 16.90 5.30
CA PHE A 533 40.97 16.55 6.66
C PHE A 533 42.19 16.52 7.60
N ILE A 534 43.28 15.86 7.19
CA ILE A 534 44.48 15.69 8.05
C ILE A 534 45.18 17.04 8.24
N ALA A 535 45.18 17.92 7.24
CA ALA A 535 45.80 19.27 7.33
C ALA A 535 45.03 20.12 8.36
N VAL A 536 43.69 20.04 8.38
CA VAL A 536 42.77 20.93 9.13
C VAL A 536 42.55 20.46 10.59
N GLU A 537 42.36 19.16 10.83
CA GLU A 537 41.65 18.69 12.05
C GLU A 537 42.65 18.34 13.17
N SER A 538 42.24 18.66 14.40
CA SER A 538 42.89 18.22 15.67
C SER A 538 42.70 16.70 15.87
N LYS A 539 43.67 16.04 16.50
CA LYS A 539 43.81 14.55 16.62
C LYS A 539 43.22 13.99 17.93
N THR A 540 42.69 14.87 18.81
CA THR A 540 42.19 14.57 20.19
C THR A 540 40.80 13.89 20.15
N SER A 541 40.30 13.44 21.31
CA SER A 541 38.93 12.89 21.54
C SER A 541 38.04 13.96 22.16
N GLU B 2 11.28 -21.53 -16.59
CA GLU B 2 11.47 -22.95 -16.11
C GLU B 2 11.22 -23.03 -14.59
N ASN B 3 10.48 -24.06 -14.16
CA ASN B 3 10.06 -24.19 -12.72
C ASN B 3 11.25 -24.64 -11.87
N GLU B 4 11.58 -23.88 -10.83
CA GLU B 4 12.56 -24.32 -9.83
C GLU B 4 12.05 -25.61 -9.18
N LYS B 5 12.97 -26.55 -8.93
CA LYS B 5 12.72 -27.83 -8.21
C LYS B 5 13.60 -27.82 -6.96
N ILE B 6 13.00 -28.02 -5.80
CA ILE B 6 13.72 -28.05 -4.49
C ILE B 6 13.26 -29.29 -3.73
N ASP B 7 13.97 -29.68 -2.67
CA ASP B 7 13.62 -30.90 -1.90
C ASP B 7 12.53 -30.56 -0.86
N ILE B 8 12.84 -29.66 0.05
CA ILE B 8 11.95 -29.30 1.19
C ILE B 8 11.64 -27.82 1.11
N ALA B 9 10.36 -27.53 0.95
CA ALA B 9 9.79 -26.17 1.12
C ALA B 9 9.23 -26.07 2.55
N ILE B 10 9.69 -25.04 3.28
CA ILE B 10 9.14 -24.67 4.62
C ILE B 10 8.55 -23.29 4.46
N VAL B 11 7.26 -23.15 4.75
CA VAL B 11 6.56 -21.84 4.63
C VAL B 11 6.18 -21.38 6.04
N GLY B 12 6.67 -20.18 6.40
CA GLY B 12 6.45 -19.56 7.71
C GLY B 12 7.78 -19.37 8.42
N GLY B 13 8.20 -18.11 8.55
CA GLY B 13 9.46 -17.71 9.22
C GLY B 13 9.26 -17.34 10.67
N GLY B 14 8.32 -18.00 11.36
CA GLY B 14 8.22 -17.94 12.83
C GLY B 14 9.19 -18.92 13.47
N VAL B 15 9.13 -19.07 14.78
CA VAL B 15 10.11 -19.89 15.52
C VAL B 15 10.04 -21.35 15.02
N SER B 16 8.85 -21.93 14.84
CA SER B 16 8.79 -23.37 14.49
C SER B 16 9.35 -23.58 13.07
N GLY B 17 9.15 -22.63 12.16
CA GLY B 17 9.64 -22.68 10.78
C GLY B 17 11.16 -22.66 10.73
N VAL B 18 11.79 -21.66 11.34
CA VAL B 18 13.27 -21.54 11.34
C VAL B 18 13.89 -22.67 12.16
N TYR B 19 13.24 -23.10 13.23
CA TYR B 19 13.76 -24.22 14.07
C TYR B 19 13.78 -25.47 13.20
N SER B 20 12.65 -25.74 12.54
CA SER B 20 12.50 -26.91 11.63
C SER B 20 13.54 -26.83 10.50
N ALA B 21 13.71 -25.68 9.87
CA ALA B 21 14.70 -25.49 8.79
C ALA B 21 16.09 -25.87 9.31
N TRP B 22 16.50 -25.29 10.42
CA TRP B 22 17.80 -25.55 11.08
C TRP B 22 17.97 -27.06 11.31
N LYS B 23 16.99 -27.71 11.93
CA LYS B 23 17.11 -29.14 12.28
C LYS B 23 17.23 -29.97 10.98
N LEU B 24 16.42 -29.65 9.98
CA LEU B 24 16.31 -30.51 8.77
C LEU B 24 17.60 -30.34 7.95
N LYS B 25 18.19 -29.16 7.89
CA LYS B 25 19.45 -28.94 7.12
C LYS B 25 20.57 -29.72 7.82
N THR B 26 20.55 -29.81 9.15
CA THR B 26 21.54 -30.61 9.90
C THR B 26 21.30 -32.08 9.57
N LYS B 27 20.05 -32.52 9.55
CA LYS B 27 19.72 -33.95 9.33
C LYS B 27 20.00 -34.34 7.86
N TYR B 28 19.76 -33.44 6.90
CA TYR B 28 19.86 -33.72 5.44
C TYR B 28 20.67 -32.62 4.76
N PRO B 29 22.01 -32.62 4.93
CA PRO B 29 22.85 -31.51 4.47
C PRO B 29 22.87 -31.36 2.94
N ASN B 30 22.49 -32.41 2.22
CA ASN B 30 22.59 -32.47 0.74
C ASN B 30 21.26 -32.04 0.11
N LYS B 31 20.18 -31.94 0.89
CA LYS B 31 18.88 -31.48 0.35
C LYS B 31 18.90 -29.96 0.13
N LYS B 32 18.23 -29.52 -0.94
CA LYS B 32 17.90 -28.10 -1.18
C LYS B 32 16.65 -27.78 -0.34
N ILE B 33 16.84 -27.03 0.73
CA ILE B 33 15.78 -26.64 1.70
C ILE B 33 15.65 -25.13 1.60
N VAL B 34 14.46 -24.66 1.28
CA VAL B 34 14.18 -23.20 1.21
C VAL B 34 13.06 -22.91 2.22
N LEU B 35 13.24 -21.87 3.03
CA LEU B 35 12.16 -21.37 3.90
C LEU B 35 11.62 -20.10 3.25
N PHE B 36 10.30 -20.06 3.08
CA PHE B 36 9.59 -18.87 2.52
C PHE B 36 8.84 -18.17 3.65
N GLU B 37 9.03 -16.86 3.77
CA GLU B 37 8.25 -15.95 4.65
C GLU B 37 7.57 -14.90 3.77
N GLY B 38 6.23 -14.78 3.89
CA GLY B 38 5.39 -13.82 3.14
C GLY B 38 5.68 -12.40 3.57
N GLY B 39 5.98 -12.19 4.87
CA GLY B 39 6.32 -10.84 5.39
C GLY B 39 7.76 -10.48 5.09
N ASP B 40 8.25 -9.38 5.64
CA ASP B 40 9.51 -8.71 5.24
C ASP B 40 10.62 -9.06 6.25
N HIS B 41 10.40 -10.03 7.14
CA HIS B 41 11.35 -10.33 8.24
C HIS B 41 11.03 -11.68 8.86
N ILE B 42 12.05 -12.31 9.46
CA ILE B 42 11.91 -13.54 10.28
C ILE B 42 11.39 -13.14 11.65
N GLY B 43 10.43 -13.90 12.23
CA GLY B 43 10.07 -13.79 13.66
C GLY B 43 8.62 -14.19 13.97
N GLY B 44 7.70 -13.93 13.04
CA GLY B 44 6.27 -14.16 13.25
C GLY B 44 5.77 -13.39 14.48
N ARG B 45 5.25 -14.09 15.47
CA ARG B 45 4.65 -13.49 16.70
C ARG B 45 5.69 -13.15 17.76
N LEU B 46 6.99 -13.30 17.46
CA LEU B 46 8.08 -12.72 18.27
C LEU B 46 8.56 -11.45 17.57
N LEU B 47 8.30 -10.29 18.18
CA LEU B 47 8.59 -8.96 17.58
C LEU B 47 9.18 -8.10 18.70
N SER B 48 10.51 -7.96 18.66
CA SER B 48 11.32 -7.28 19.67
C SER B 48 11.82 -5.96 19.05
N VAL B 49 11.52 -4.82 19.66
CA VAL B 49 11.97 -3.51 19.11
C VAL B 49 12.55 -2.66 20.25
N ILE B 50 13.63 -1.95 19.95
CA ILE B 50 14.30 -1.02 20.88
C ILE B 50 13.52 0.30 20.85
N PRO B 51 13.12 0.85 22.01
CA PRO B 51 12.42 2.13 22.02
C PRO B 51 13.39 3.26 21.74
N PRO B 52 12.95 4.31 21.01
CA PRO B 52 13.77 5.49 20.82
C PRO B 52 14.10 6.10 22.17
N GLY B 53 15.38 6.44 22.36
CA GLY B 53 15.90 7.11 23.56
C GLY B 53 16.03 6.14 24.73
N ILE B 54 15.81 4.84 24.51
CA ILE B 54 15.99 3.85 25.61
C ILE B 54 16.78 2.68 25.04
N PRO B 55 18.11 2.85 24.86
CA PRO B 55 18.91 1.82 24.18
C PRO B 55 19.02 0.52 25.00
N ASN B 56 18.78 0.58 26.31
CA ASN B 56 18.93 -0.58 27.23
C ASN B 56 17.55 -1.21 27.53
N MET B 57 16.54 -0.98 26.68
CA MET B 57 15.23 -1.68 26.78
C MET B 57 14.88 -2.37 25.46
N VAL B 58 14.07 -3.42 25.54
CA VAL B 58 13.47 -4.08 24.35
C VAL B 58 11.99 -4.28 24.63
N ALA B 59 11.15 -3.53 23.92
CA ALA B 59 9.69 -3.70 23.91
C ALA B 59 9.36 -5.00 23.19
N GLU B 60 8.51 -5.83 23.80
CA GLU B 60 8.03 -7.11 23.22
C GLU B 60 6.58 -6.91 22.76
N LEU B 61 6.41 -6.57 21.48
CA LEU B 61 5.07 -6.43 20.85
C LEU B 61 4.44 -7.81 20.70
N GLY B 62 5.25 -8.88 20.65
CA GLY B 62 4.74 -10.25 20.66
C GLY B 62 5.12 -10.97 21.93
N GLY B 63 5.56 -12.22 21.84
CA GLY B 63 6.00 -13.01 23.01
C GLY B 63 7.07 -12.30 23.82
N MET B 64 7.00 -12.36 25.15
CA MET B 64 7.92 -11.55 26.00
C MET B 64 8.60 -12.36 27.10
N ARG B 65 8.14 -13.54 27.48
CA ARG B 65 8.71 -14.22 28.68
C ARG B 65 8.53 -15.73 28.61
N ILE B 66 9.34 -16.47 29.36
CA ILE B 66 9.16 -17.95 29.48
C ILE B 66 8.96 -18.30 30.95
N LEU B 67 8.34 -19.46 31.17
CA LEU B 67 8.28 -20.14 32.49
C LEU B 67 9.47 -21.11 32.54
N GLU B 68 10.60 -20.70 33.07
CA GLU B 68 11.88 -21.43 32.98
C GLU B 68 11.82 -22.81 33.66
N ASN B 69 10.86 -23.07 34.55
CA ASN B 69 10.77 -24.30 35.38
C ASN B 69 9.87 -25.35 34.73
N THR B 70 8.99 -24.94 33.84
CA THR B 70 8.01 -25.78 33.10
C THR B 70 8.51 -26.06 31.65
N GLN B 71 9.13 -25.07 31.01
CA GLN B 71 9.25 -24.96 29.53
C GLN B 71 10.67 -25.43 29.14
N LYS B 72 10.90 -26.73 29.23
CA LYS B 72 12.25 -27.33 29.06
C LYS B 72 12.70 -27.19 27.59
N LEU B 73 11.76 -27.14 26.63
CA LEU B 73 12.17 -27.08 25.20
C LEU B 73 12.76 -25.71 24.93
N ILE B 74 12.10 -24.60 25.32
CA ILE B 74 12.68 -23.25 25.03
C ILE B 74 13.96 -23.08 25.84
N VAL B 75 14.03 -23.57 27.08
CA VAL B 75 15.28 -23.47 27.89
C VAL B 75 16.42 -24.20 27.13
N LYS B 76 16.17 -25.42 26.64
CA LYS B 76 17.18 -26.24 25.92
C LYS B 76 17.58 -25.53 24.61
N LEU B 77 16.63 -24.95 23.89
CA LEU B 77 16.93 -24.26 22.61
C LEU B 77 17.80 -23.05 22.89
N ILE B 78 17.53 -22.29 23.94
CA ILE B 78 18.40 -21.13 24.30
C ILE B 78 19.85 -21.64 24.50
N ASP B 79 20.03 -22.77 25.19
CA ASP B 79 21.39 -23.35 25.41
C ASP B 79 21.96 -23.78 24.04
N ASP B 80 21.15 -24.41 23.20
CA ASP B 80 21.62 -24.90 21.87
C ASP B 80 22.08 -23.72 21.04
N ILE B 81 21.36 -22.60 21.13
CA ILE B 81 21.72 -21.37 20.37
C ILE B 81 23.02 -20.81 20.99
N ASN B 82 23.06 -20.67 22.31
CA ASN B 82 24.20 -20.04 23.02
C ASN B 82 25.48 -20.85 22.83
N GLU B 83 25.43 -22.18 22.66
CA GLU B 83 26.67 -22.98 22.47
C GLU B 83 27.26 -22.69 21.09
N LYS B 84 26.52 -22.04 20.18
CA LYS B 84 27.01 -21.62 18.84
C LYS B 84 27.35 -20.13 18.80
N LEU B 85 26.70 -19.29 19.61
CA LEU B 85 26.91 -17.83 19.58
C LEU B 85 28.23 -17.49 20.28
N SER B 86 28.83 -16.37 19.88
CA SER B 86 29.96 -15.67 20.52
C SER B 86 29.56 -15.26 21.95
N GLN B 87 30.53 -14.94 22.80
CA GLN B 87 30.30 -14.44 24.18
C GLN B 87 29.51 -13.13 24.13
N GLU B 88 29.83 -12.24 23.19
CA GLU B 88 29.17 -10.92 22.99
C GLU B 88 27.65 -11.12 22.75
N ASP B 89 27.28 -12.14 21.95
CA ASP B 89 25.91 -12.36 21.41
C ASP B 89 25.06 -13.23 22.33
N GLN B 90 25.62 -13.78 23.41
CA GLN B 90 24.87 -14.77 24.23
C GLN B 90 23.47 -14.24 24.51
N ILE B 91 22.47 -15.10 24.43
CA ILE B 91 21.09 -14.81 24.92
C ILE B 91 21.14 -14.81 26.44
N GLU B 92 20.72 -13.71 27.07
CA GLU B 92 20.66 -13.62 28.55
C GLU B 92 19.22 -13.36 28.97
N LEU B 93 18.79 -14.03 30.02
CA LEU B 93 17.46 -13.89 30.66
C LEU B 93 17.59 -13.03 31.91
N TYR B 94 16.48 -12.41 32.29
CA TYR B 94 16.35 -11.58 33.51
C TYR B 94 15.01 -11.95 34.13
N ASP B 95 14.87 -11.75 35.44
CA ASP B 95 13.61 -12.01 36.18
C ASP B 95 12.58 -10.97 35.76
N PHE B 96 11.34 -11.40 35.53
CA PHE B 96 10.24 -10.60 34.94
C PHE B 96 9.07 -10.48 35.92
N PRO B 97 8.92 -9.35 36.62
CA PRO B 97 7.89 -9.26 37.66
C PRO B 97 6.50 -9.01 37.07
N VAL B 98 5.42 -9.36 37.82
CA VAL B 98 3.99 -9.12 37.42
C VAL B 98 3.20 -8.51 38.58
N ASP B 99 3.00 -9.24 39.67
CA ASP B 99 2.11 -8.79 40.76
C ASP B 99 2.99 -8.36 41.93
N GLN B 100 3.38 -7.10 42.01
CA GLN B 100 3.89 -6.48 43.26
C GLN B 100 2.71 -5.97 44.09
N PRO B 101 2.74 -6.14 45.43
CA PRO B 101 1.61 -5.79 46.29
C PRO B 101 1.12 -4.34 46.20
N GLN B 102 2.01 -3.39 45.88
CA GLN B 102 1.71 -1.93 45.80
C GLN B 102 1.09 -1.58 44.44
N ASN B 103 0.99 -2.53 43.51
CA ASN B 103 0.52 -2.22 42.15
C ASN B 103 -0.98 -1.92 42.24
N ILE B 104 -1.49 -1.21 41.26
CA ILE B 104 -2.87 -0.68 41.32
C ILE B 104 -3.79 -1.68 40.64
N ALA B 105 -4.99 -1.84 41.20
CA ALA B 105 -6.14 -2.46 40.53
C ALA B 105 -7.23 -1.41 40.53
N TYR B 106 -7.51 -0.83 39.37
CA TYR B 106 -8.58 0.17 39.21
C TYR B 106 -9.83 -0.55 38.68
N LEU B 107 -10.70 -0.97 39.60
CA LEU B 107 -11.81 -1.91 39.36
C LEU B 107 -13.13 -1.25 39.78
N ARG B 108 -14.09 -1.17 38.87
CA ARG B 108 -15.47 -0.68 39.15
C ARG B 108 -15.37 0.70 39.81
N GLY B 109 -14.42 1.51 39.33
CA GLY B 109 -14.27 2.90 39.77
C GLY B 109 -13.54 3.04 41.09
N GLU B 110 -13.00 1.97 41.67
CA GLU B 110 -12.26 2.04 42.95
C GLU B 110 -10.78 1.81 42.69
N HIS B 111 -9.95 2.66 43.28
CA HIS B 111 -8.48 2.48 43.34
C HIS B 111 -8.11 1.50 44.46
N LEU B 112 -7.63 0.31 44.12
CA LEU B 112 -7.14 -0.70 45.08
C LEU B 112 -5.65 -0.91 44.83
N ARG B 113 -4.95 -1.43 45.83
CA ARG B 113 -3.64 -2.05 45.66
C ARG B 113 -3.89 -3.55 45.64
N LEU B 114 -3.04 -4.32 44.99
CA LEU B 114 -3.19 -5.79 44.91
C LEU B 114 -3.27 -6.37 46.34
N PHE B 115 -2.60 -5.80 47.35
CA PHE B 115 -2.66 -6.34 48.74
C PHE B 115 -4.08 -6.22 49.32
N ASP B 116 -4.92 -5.31 48.83
CA ASP B 116 -6.32 -5.17 49.26
C ASP B 116 -7.07 -6.48 48.98
N PHE B 117 -6.71 -7.24 47.95
CA PHE B 117 -7.48 -8.45 47.57
C PHE B 117 -7.54 -9.42 48.76
N THR B 118 -6.46 -9.53 49.53
CA THR B 118 -6.39 -10.44 50.71
C THR B 118 -6.52 -9.67 52.03
N ASN B 119 -6.20 -8.40 52.08
CA ASN B 119 -5.98 -7.66 53.36
C ASN B 119 -7.19 -6.80 53.67
N ASP B 120 -8.10 -6.60 52.72
CA ASP B 120 -9.23 -5.66 52.88
C ASP B 120 -10.38 -6.02 51.93
N PRO B 121 -11.01 -7.21 52.09
CA PRO B 121 -12.14 -7.65 51.25
C PRO B 121 -13.37 -6.73 51.14
N ASP B 122 -13.62 -5.92 52.16
CA ASP B 122 -14.81 -5.02 52.12
C ASP B 122 -14.56 -3.95 51.05
N LYS B 123 -13.31 -3.62 50.79
CA LYS B 123 -12.91 -2.60 49.79
C LYS B 123 -13.01 -3.18 48.37
N VAL B 124 -12.93 -4.51 48.20
CA VAL B 124 -12.93 -5.16 46.86
C VAL B 124 -14.38 -5.17 46.37
N PRO B 125 -14.72 -4.40 45.33
CA PRO B 125 -16.12 -4.17 45.00
C PRO B 125 -16.73 -5.28 44.12
N TYR B 126 -16.59 -6.51 44.57
CA TYR B 126 -17.14 -7.74 43.96
C TYR B 126 -17.80 -8.51 45.10
N LYS B 127 -19.01 -8.99 44.87
CA LYS B 127 -19.78 -9.74 45.88
C LYS B 127 -19.35 -11.21 45.86
N LEU B 128 -18.14 -11.46 46.34
CA LEU B 128 -17.58 -12.81 46.41
C LEU B 128 -18.29 -13.57 47.54
N SER B 129 -18.45 -14.87 47.36
CA SER B 129 -19.14 -15.81 48.29
C SER B 129 -18.29 -16.02 49.54
N PHE B 130 -18.84 -16.75 50.50
CA PHE B 130 -18.19 -17.14 51.77
C PHE B 130 -16.80 -17.76 51.52
N LEU B 131 -16.67 -18.65 50.53
CA LEU B 131 -15.39 -19.36 50.25
C LEU B 131 -14.43 -18.51 49.41
N GLU B 132 -14.94 -17.56 48.63
CA GLU B 132 -14.18 -16.83 47.58
C GLU B 132 -13.56 -15.55 48.18
N LYS B 133 -14.28 -14.95 49.14
CA LYS B 133 -14.04 -13.60 49.68
C LYS B 133 -12.61 -13.56 50.20
N GLY B 134 -11.92 -12.44 50.00
CA GLY B 134 -10.60 -12.26 50.59
C GLY B 134 -9.53 -13.05 49.86
N ASN B 135 -9.77 -13.47 48.62
CA ASN B 135 -8.74 -14.24 47.85
C ASN B 135 -8.45 -13.57 46.50
N THR B 136 -7.26 -13.85 45.97
CA THR B 136 -6.83 -13.49 44.59
C THR B 136 -7.62 -14.34 43.59
N SER B 137 -7.63 -13.94 42.32
CA SER B 137 -8.20 -14.71 41.19
C SER B 137 -7.49 -16.08 41.07
N GLY B 138 -6.15 -16.08 41.19
CA GLY B 138 -5.35 -17.32 41.20
C GLY B 138 -5.91 -18.32 42.19
N THR B 139 -6.07 -17.91 43.46
CA THR B 139 -6.60 -18.79 44.53
C THR B 139 -8.02 -19.27 44.18
N ILE B 140 -8.87 -18.38 43.74
CA ILE B 140 -10.30 -18.75 43.45
C ILE B 140 -10.34 -19.76 42.29
N ILE B 141 -9.64 -19.50 41.19
CA ILE B 141 -9.70 -20.38 39.99
C ILE B 141 -9.00 -21.71 40.30
N VAL B 142 -7.85 -21.74 40.95
CA VAL B 142 -7.16 -23.03 41.27
C VAL B 142 -8.09 -23.87 42.16
N ASN B 143 -8.73 -23.26 43.15
CA ASN B 143 -9.68 -24.00 44.03
C ASN B 143 -10.87 -24.49 43.20
N ALA B 144 -11.41 -23.70 42.29
CA ALA B 144 -12.50 -24.12 41.38
C ALA B 144 -12.07 -25.37 40.61
N ILE B 145 -10.86 -25.34 40.05
CA ILE B 145 -10.29 -26.44 39.22
C ILE B 145 -10.15 -27.68 40.12
N GLU B 146 -9.73 -27.53 41.37
CA GLU B 146 -9.62 -28.67 42.31
C GLU B 146 -11.02 -29.26 42.53
N GLN B 147 -12.07 -28.44 42.66
CA GLN B 147 -13.45 -28.96 42.85
C GLN B 147 -13.88 -29.76 41.60
N LEU B 148 -13.47 -29.31 40.41
CA LEU B 148 -13.92 -29.87 39.10
C LEU B 148 -13.18 -31.19 38.80
N VAL B 149 -11.88 -31.23 39.10
CA VAL B 149 -11.04 -32.44 38.82
C VAL B 149 -10.26 -32.77 40.08
N PRO B 150 -10.89 -33.44 41.05
CA PRO B 150 -10.25 -33.67 42.33
C PRO B 150 -8.89 -34.36 42.18
N GLY B 151 -7.89 -33.85 42.89
CA GLY B 151 -6.51 -34.33 42.88
C GLY B 151 -5.63 -33.60 41.87
N ILE B 152 -6.20 -32.84 40.94
CA ILE B 152 -5.45 -32.26 39.79
C ILE B 152 -4.45 -31.20 40.28
N THR B 153 -4.72 -30.52 41.41
CA THR B 153 -3.88 -29.35 41.83
C THR B 153 -2.79 -29.82 42.77
N ASN B 154 -2.72 -31.13 43.04
CA ASN B 154 -1.59 -31.76 43.77
C ASN B 154 -0.27 -31.30 43.12
N THR B 155 0.59 -30.64 43.89
CA THR B 155 1.80 -29.93 43.38
C THR B 155 2.91 -30.92 42.96
N ASP B 156 2.80 -32.22 43.30
CA ASP B 156 3.75 -33.29 42.89
C ASP B 156 3.59 -33.64 41.40
N LEU B 157 2.47 -33.27 40.75
CA LEU B 157 2.18 -33.65 39.34
C LEU B 157 2.82 -32.64 38.37
N THR B 158 3.30 -33.14 37.22
CA THR B 158 3.74 -32.32 36.03
C THR B 158 2.51 -31.89 35.21
N GLU B 159 2.70 -30.96 34.26
CA GLU B 159 1.66 -30.56 33.27
C GLU B 159 1.17 -31.82 32.51
N GLU B 160 2.12 -32.68 32.12
CA GLU B 160 1.85 -33.91 31.32
C GLU B 160 0.98 -34.89 32.11
N GLU B 161 1.27 -35.15 33.39
CA GLU B 161 0.43 -36.01 34.28
C GLU B 161 -0.99 -35.43 34.43
N ARG B 162 -1.10 -34.10 34.56
CA ARG B 162 -2.41 -33.41 34.70
C ARG B 162 -3.21 -33.49 33.41
N LEU B 163 -2.52 -33.34 32.26
CA LEU B 163 -3.14 -33.43 30.91
C LEU B 163 -3.75 -34.84 30.77
N LYS B 164 -3.00 -35.88 31.13
CA LYS B 164 -3.45 -37.31 31.17
C LYS B 164 -4.67 -37.48 32.10
N MET B 165 -4.62 -36.98 33.34
CA MET B 165 -5.76 -37.10 34.29
C MET B 165 -6.98 -36.47 33.61
N CYS B 166 -6.80 -35.36 32.89
CA CYS B 166 -7.93 -34.59 32.28
C CYS B 166 -8.51 -35.36 31.10
N GLN B 167 -7.67 -36.15 30.40
CA GLN B 167 -8.03 -37.01 29.24
C GLN B 167 -8.94 -38.16 29.71
N GLU B 168 -8.74 -38.67 30.93
CA GLU B 168 -9.50 -39.79 31.52
C GLU B 168 -10.60 -39.29 32.47
N ALA B 169 -10.61 -38.01 32.84
CA ALA B 169 -11.57 -37.45 33.81
C ALA B 169 -12.95 -37.29 33.19
N THR B 170 -13.98 -37.49 34.00
CA THR B 170 -15.36 -37.13 33.68
C THR B 170 -15.88 -36.10 34.69
N PHE B 171 -16.93 -35.41 34.30
CA PHE B 171 -17.70 -34.48 35.16
C PHE B 171 -19.17 -34.78 34.93
N GLU B 172 -19.88 -35.25 35.97
CA GLU B 172 -21.30 -35.68 35.86
C GLU B 172 -21.46 -36.63 34.66
N GLY B 173 -20.52 -37.58 34.54
CA GLY B 173 -20.62 -38.68 33.56
C GLY B 173 -20.11 -38.30 32.19
N ALA B 174 -19.77 -37.04 31.92
CA ALA B 174 -19.31 -36.59 30.59
C ALA B 174 -17.80 -36.42 30.56
N PRO B 175 -17.11 -36.92 29.51
CA PRO B 175 -15.66 -36.70 29.39
C PRO B 175 -15.36 -35.21 29.37
N LEU B 176 -14.28 -34.81 30.07
CA LEU B 176 -13.83 -33.40 30.20
C LEU B 176 -13.65 -32.77 28.82
N TYR B 177 -13.10 -33.50 27.83
CA TYR B 177 -12.79 -32.93 26.48
C TYR B 177 -14.08 -32.49 25.76
N THR B 178 -15.26 -32.90 26.24
CA THR B 178 -16.58 -32.50 25.65
C THR B 178 -17.13 -31.25 26.35
N LEU B 179 -16.43 -30.72 27.35
CA LEU B 179 -16.97 -29.62 28.19
C LEU B 179 -16.13 -28.36 28.05
N GLY B 180 -16.75 -27.24 28.35
CA GLY B 180 -16.15 -25.90 28.24
C GLY B 180 -15.64 -25.41 29.58
N PHE B 181 -14.49 -24.76 29.56
CA PHE B 181 -13.81 -24.20 30.74
C PHE B 181 -14.74 -23.23 31.46
N TRP B 182 -15.30 -22.27 30.75
CA TRP B 182 -16.25 -21.26 31.26
C TRP B 182 -17.51 -21.96 31.81
N ASN B 183 -18.11 -22.89 31.06
CA ASN B 183 -19.28 -23.65 31.57
C ASN B 183 -18.93 -24.27 32.94
N LEU B 184 -17.79 -24.95 33.05
CA LEU B 184 -17.49 -25.72 34.27
C LEU B 184 -17.14 -24.75 35.41
N LEU B 185 -16.39 -23.69 35.14
CA LEU B 185 -16.04 -22.73 36.22
C LEU B 185 -17.35 -22.20 36.80
N TYR B 186 -18.37 -21.99 35.96
CA TYR B 186 -19.66 -21.40 36.38
C TYR B 186 -20.43 -22.36 37.28
N ARG B 187 -20.06 -23.63 37.32
CA ARG B 187 -20.70 -24.61 38.21
C ARG B 187 -20.12 -24.49 39.62
N VAL B 188 -18.94 -23.86 39.80
CA VAL B 188 -18.22 -23.94 41.10
C VAL B 188 -17.82 -22.56 41.64
N ILE B 189 -17.79 -21.50 40.83
CA ILE B 189 -17.56 -20.12 41.34
C ILE B 189 -18.76 -19.24 40.99
N SER B 190 -18.99 -18.21 41.80
CA SER B 190 -20.08 -17.22 41.61
C SER B 190 -19.83 -16.46 40.30
N GLY B 191 -20.87 -15.88 39.72
CA GLY B 191 -20.71 -14.95 38.59
C GLY B 191 -19.75 -13.82 38.94
N GLU B 192 -19.83 -13.32 40.17
CA GLU B 192 -18.95 -12.24 40.66
C GLU B 192 -17.49 -12.73 40.74
N ALA B 193 -17.22 -13.96 41.17
CA ALA B 193 -15.84 -14.50 41.21
C ALA B 193 -15.29 -14.63 39.78
N TYR B 194 -16.16 -14.99 38.83
CA TYR B 194 -15.74 -15.14 37.43
C TYR B 194 -15.35 -13.75 36.92
N GLN B 195 -16.19 -12.75 37.16
CA GLN B 195 -15.89 -11.38 36.66
C GLN B 195 -14.66 -10.83 37.38
N PHE B 196 -14.51 -11.09 38.68
CA PHE B 196 -13.32 -10.67 39.44
C PHE B 196 -12.06 -11.28 38.80
N SER B 197 -12.16 -12.53 38.35
CA SER B 197 -11.02 -13.28 37.77
C SER B 197 -10.65 -12.74 36.39
N ILE B 198 -11.66 -12.40 35.57
CA ILE B 198 -11.45 -11.63 34.31
C ILE B 198 -10.73 -10.33 34.63
N ASP B 199 -11.36 -9.50 35.46
CA ASP B 199 -10.94 -8.08 35.67
C ASP B 199 -9.54 -8.04 36.28
N SER B 200 -9.35 -8.63 37.45
CA SER B 200 -8.08 -8.54 38.21
C SER B 200 -7.02 -9.45 37.60
N GLY B 201 -7.41 -10.49 36.88
CA GLY B 201 -6.43 -11.40 36.24
C GLY B 201 -5.84 -10.81 34.97
N GLY B 202 -6.52 -9.82 34.38
CA GLY B 202 -5.99 -9.03 33.26
C GLY B 202 -6.41 -9.51 31.86
N TYR B 203 -6.91 -10.74 31.74
CA TYR B 203 -7.22 -11.36 30.44
C TYR B 203 -8.70 -11.74 30.36
N ASN B 204 -9.30 -11.47 29.20
CA ASN B 204 -10.61 -12.00 28.80
C ASN B 204 -10.46 -13.36 28.11
N SER B 205 -9.40 -13.60 27.30
CA SER B 205 -9.35 -14.79 26.40
C SER B 205 -9.00 -16.06 27.20
N THR B 206 -8.42 -15.96 28.37
CA THR B 206 -7.92 -17.19 29.08
C THR B 206 -9.08 -17.99 29.67
N LEU B 207 -10.19 -17.33 29.99
CA LEU B 207 -11.30 -17.91 30.76
C LEU B 207 -12.51 -18.11 29.84
N VAL B 208 -12.30 -18.05 28.51
CA VAL B 208 -13.42 -18.28 27.54
C VAL B 208 -13.82 -19.75 27.55
N ASN B 209 -14.87 -20.07 26.78
CA ASN B 209 -15.44 -21.43 26.76
C ASN B 209 -14.61 -22.23 25.77
N TRP B 210 -13.35 -22.51 26.12
CA TRP B 210 -12.51 -23.45 25.35
C TRP B 210 -12.44 -24.77 26.09
N ASN B 211 -11.73 -25.73 25.49
CA ASN B 211 -11.77 -27.14 25.89
C ASN B 211 -11.30 -27.25 27.34
N ALA B 212 -12.15 -27.77 28.25
CA ALA B 212 -11.84 -27.86 29.68
C ALA B 212 -10.65 -28.81 29.89
N ALA B 213 -10.56 -29.91 29.14
CA ALA B 213 -9.50 -30.92 29.29
C ALA B 213 -8.14 -30.27 29.01
N ASP B 214 -8.09 -29.32 28.07
CA ASP B 214 -6.85 -28.58 27.71
C ASP B 214 -6.66 -27.36 28.61
N ALA B 215 -7.75 -26.63 28.90
CA ALA B 215 -7.67 -25.35 29.64
C ALA B 215 -7.13 -25.59 31.05
N ILE B 216 -7.56 -26.66 31.72
CA ILE B 216 -7.27 -26.87 33.16
C ILE B 216 -5.76 -27.03 33.39
N PRO B 217 -5.03 -27.97 32.76
CA PRO B 217 -3.59 -28.10 33.00
C PRO B 217 -2.81 -26.85 32.55
N TRP B 218 -3.20 -26.28 31.41
CA TRP B 218 -2.64 -25.03 30.87
C TRP B 218 -2.77 -23.95 31.95
N TYR B 219 -3.97 -23.78 32.54
CA TYR B 219 -4.22 -22.74 33.56
C TYR B 219 -3.32 -22.98 34.77
N LEU B 220 -3.26 -24.22 35.24
CA LEU B 220 -2.49 -24.59 36.45
C LEU B 220 -1.00 -24.25 36.32
N SER B 221 -0.42 -24.46 35.14
CA SER B 221 1.05 -24.35 34.96
C SER B 221 1.43 -22.86 34.80
N ASP B 222 0.52 -21.98 34.42
CA ASP B 222 0.86 -20.53 34.38
C ASP B 222 0.02 -19.76 35.40
N PHE B 223 -1.20 -19.38 35.00
CA PHE B 223 -2.06 -18.36 35.66
C PHE B 223 -2.54 -18.83 37.03
N GLY B 224 -2.09 -20.01 37.48
CA GLY B 224 -2.44 -20.63 38.77
C GLY B 224 -1.87 -19.81 39.89
N ILE B 225 -1.13 -20.42 40.82
CA ILE B 225 -0.79 -19.79 42.15
C ILE B 225 0.43 -18.85 42.00
N LYS B 226 1.64 -19.40 41.70
CA LYS B 226 2.92 -18.61 41.71
C LYS B 226 3.68 -18.71 40.38
N PRO B 227 3.07 -18.35 39.22
CA PRO B 227 3.83 -18.31 37.97
C PRO B 227 5.08 -17.42 38.14
N VAL B 228 6.27 -17.97 37.82
CA VAL B 228 7.65 -17.39 37.82
C VAL B 228 8.15 -17.28 36.36
N TYR B 229 8.53 -16.08 35.91
CA TYR B 229 8.81 -15.76 34.49
C TYR B 229 10.21 -15.18 34.28
N LYS B 230 10.80 -15.37 33.09
CA LYS B 230 12.04 -14.70 32.63
C LYS B 230 11.77 -13.94 31.31
N GLY B 231 12.31 -12.73 31.17
CA GLY B 231 12.38 -11.99 29.90
C GLY B 231 13.75 -12.09 29.26
N PHE B 232 13.90 -11.50 28.07
CA PHE B 232 15.11 -11.59 27.22
C PHE B 232 15.78 -10.22 27.17
N LYS B 233 17.03 -10.15 27.62
CA LYS B 233 17.85 -8.93 27.61
C LYS B 233 17.77 -8.27 26.22
N ASN B 234 17.97 -9.03 25.16
CA ASN B 234 18.08 -8.48 23.78
C ASN B 234 16.88 -8.91 22.93
N GLY B 235 15.78 -9.31 23.56
CA GLY B 235 14.52 -9.60 22.87
C GLY B 235 14.37 -11.08 22.58
N PHE B 236 13.16 -11.61 22.77
CA PHE B 236 12.77 -13.00 22.46
C PHE B 236 13.06 -13.27 20.98
N GLN B 237 12.96 -12.25 20.14
CA GLN B 237 13.04 -12.39 18.67
C GLN B 237 14.46 -12.83 18.29
N GLN B 238 15.45 -12.61 19.15
CA GLN B 238 16.82 -13.11 18.88
C GLN B 238 16.77 -14.62 18.65
N VAL B 239 15.80 -15.31 19.23
CA VAL B 239 15.75 -16.81 19.13
C VAL B 239 15.53 -17.19 17.66
N PRO B 240 14.42 -16.79 17.00
CA PRO B 240 14.22 -17.15 15.59
C PRO B 240 15.25 -16.50 14.67
N ILE B 241 15.68 -15.26 14.94
CA ILE B 241 16.71 -14.61 14.10
C ILE B 241 17.99 -15.46 14.10
N SER B 242 18.44 -15.96 15.26
CA SER B 242 19.67 -16.78 15.41
C SER B 242 19.51 -18.07 14.61
N LEU B 243 18.35 -18.71 14.72
CA LEU B 243 18.11 -19.98 14.02
C LEU B 243 18.15 -19.76 12.50
N ALA B 244 17.56 -18.65 12.01
CA ALA B 244 17.61 -18.31 10.58
C ALA B 244 19.08 -18.18 10.18
N ASN B 245 19.86 -17.41 10.94
CA ASN B 245 21.31 -17.21 10.68
C ASN B 245 22.00 -18.58 10.57
N PHE B 246 21.77 -19.49 11.52
CA PHE B 246 22.39 -20.82 11.53
C PHE B 246 22.03 -21.57 10.25
N PHE B 247 20.75 -21.54 9.90
CA PHE B 247 20.23 -22.26 8.71
C PHE B 247 21.00 -21.77 7.47
N GLU B 248 21.17 -20.46 7.31
CA GLU B 248 21.87 -19.84 6.15
C GLU B 248 23.39 -20.16 6.19
N GLU B 249 24.04 -20.04 7.34
CA GLU B 249 25.47 -20.45 7.50
C GLU B 249 25.64 -21.91 7.03
N ASP B 250 24.65 -22.75 7.29
CA ASP B 250 24.72 -24.21 7.01
C ASP B 250 24.32 -24.49 5.56
N GLY B 251 24.02 -23.44 4.77
CA GLY B 251 23.72 -23.52 3.33
C GLY B 251 22.23 -23.53 3.02
N GLY B 252 21.39 -23.29 4.02
CA GLY B 252 19.94 -23.15 3.82
C GLY B 252 19.65 -21.84 3.11
N GLU B 253 18.50 -21.75 2.45
CA GLU B 253 18.09 -20.49 1.81
C GLU B 253 16.78 -19.99 2.42
N ILE B 254 16.74 -18.71 2.72
CA ILE B 254 15.55 -17.98 3.22
C ILE B 254 15.13 -16.95 2.18
N ARG B 255 13.86 -16.97 1.80
CA ARG B 255 13.24 -15.95 0.92
C ARG B 255 12.16 -15.22 1.71
N LEU B 256 12.40 -13.93 1.93
CA LEU B 256 11.45 -12.97 2.51
C LEU B 256 10.57 -12.43 1.36
N ASN B 257 9.42 -11.82 1.69
CA ASN B 257 8.50 -11.18 0.72
C ASN B 257 8.06 -12.27 -0.28
N ALA B 258 7.97 -13.51 0.17
CA ALA B 258 7.65 -14.69 -0.66
C ALA B 258 6.41 -15.37 -0.05
N LYS B 259 5.23 -14.88 -0.44
CA LYS B 259 3.94 -15.38 0.08
C LYS B 259 3.55 -16.65 -0.68
N LEU B 260 3.29 -17.76 0.01
CA LEU B 260 2.62 -18.92 -0.64
C LEU B 260 1.19 -18.52 -0.93
N GLU B 261 0.76 -18.55 -2.20
CA GLU B 261 -0.60 -18.13 -2.66
C GLU B 261 -1.53 -19.33 -2.67
N GLY B 262 -0.97 -20.52 -2.82
CA GLY B 262 -1.71 -21.80 -2.88
C GLY B 262 -0.77 -22.92 -3.30
N PHE B 263 -1.21 -24.17 -3.18
CA PHE B 263 -0.40 -25.30 -3.68
C PHE B 263 -1.31 -26.43 -4.16
N GLU B 264 -0.82 -27.13 -5.18
CA GLU B 264 -1.44 -28.34 -5.74
C GLU B 264 -0.48 -29.49 -5.51
N PHE B 265 -1.01 -30.71 -5.39
CA PHE B 265 -0.21 -31.95 -5.36
C PHE B 265 -0.47 -32.73 -6.65
N LYS B 266 0.50 -32.72 -7.57
CA LYS B 266 0.44 -33.35 -8.91
C LYS B 266 1.75 -34.12 -9.14
N ASN B 267 1.66 -35.36 -9.64
CA ASN B 267 2.84 -36.16 -10.06
C ASN B 267 3.76 -36.38 -8.84
N ASN B 268 3.17 -36.67 -7.68
CA ASN B 268 3.87 -36.91 -6.39
C ASN B 268 4.81 -35.74 -6.01
N LEU B 269 4.50 -34.52 -6.45
CA LEU B 269 5.25 -33.29 -6.10
C LEU B 269 4.26 -32.25 -5.57
N PHE B 270 4.72 -31.32 -4.75
CA PHE B 270 3.97 -30.09 -4.41
C PHE B 270 4.33 -29.06 -5.47
N GLU B 271 3.31 -28.46 -6.07
CA GLU B 271 3.46 -27.28 -6.94
C GLU B 271 3.04 -26.08 -6.09
N LEU B 272 3.99 -25.25 -5.68
CA LEU B 272 3.74 -24.07 -4.84
C LEU B 272 3.63 -22.86 -5.75
N THR B 273 2.57 -22.06 -5.62
CA THR B 273 2.51 -20.73 -6.26
C THR B 273 3.07 -19.71 -5.27
N ILE B 274 4.20 -19.09 -5.62
CA ILE B 274 4.92 -18.07 -4.80
C ILE B 274 5.39 -16.96 -5.76
N ASP B 275 4.91 -15.73 -5.58
CA ASP B 275 5.25 -14.56 -6.44
C ASP B 275 4.85 -14.84 -7.89
N GLY B 276 3.68 -15.46 -8.12
CA GLY B 276 3.18 -15.79 -9.46
C GLY B 276 4.05 -16.78 -10.24
N GLU B 277 5.00 -17.44 -9.57
CA GLU B 277 5.87 -18.51 -10.16
C GLU B 277 5.47 -19.83 -9.53
N ILE B 278 5.66 -20.94 -10.23
CA ILE B 278 5.47 -22.31 -9.67
C ILE B 278 6.84 -22.86 -9.24
N ILE B 279 6.92 -23.36 -8.00
CA ILE B 279 8.11 -24.08 -7.47
C ILE B 279 7.69 -25.49 -7.09
N GLU B 280 8.48 -26.48 -7.52
CA GLU B 280 8.19 -27.90 -7.20
C GLU B 280 9.00 -28.27 -5.97
N ALA B 281 8.37 -29.00 -5.06
CA ALA B 281 9.02 -29.44 -3.80
C ALA B 281 8.54 -30.85 -3.54
N THR B 282 9.40 -31.72 -3.02
CA THR B 282 8.93 -33.10 -2.74
C THR B 282 8.23 -33.11 -1.37
N GLN B 283 8.66 -32.30 -0.38
CA GLN B 283 7.96 -32.16 0.93
C GLN B 283 7.60 -30.70 1.18
N LEU B 284 6.43 -30.49 1.79
CA LEU B 284 5.94 -29.14 2.16
C LEU B 284 5.63 -29.11 3.66
N ILE B 285 6.23 -28.13 4.35
CA ILE B 285 6.05 -27.92 5.82
C ILE B 285 5.42 -26.55 5.97
N LEU B 286 4.23 -26.51 6.55
CA LEU B 286 3.50 -25.24 6.84
C LEU B 286 3.67 -24.96 8.34
N ALA B 287 4.53 -23.99 8.64
CA ALA B 287 4.89 -23.61 10.03
C ALA B 287 4.10 -22.35 10.35
N MET B 288 2.81 -22.51 10.57
CA MET B 288 1.88 -21.37 10.56
C MET B 288 0.58 -21.78 11.26
N PRO B 289 -0.10 -20.81 11.91
CA PRO B 289 -1.30 -21.11 12.68
C PRO B 289 -2.55 -21.30 11.82
N ARG B 290 -3.68 -21.60 12.46
CA ARG B 290 -4.95 -21.93 11.78
C ARG B 290 -5.29 -20.86 10.74
N ARG B 291 -5.28 -19.59 11.10
CA ARG B 291 -5.79 -18.54 10.19
C ARG B 291 -4.94 -18.58 8.91
N SER B 292 -3.64 -18.86 9.03
CA SER B 292 -2.71 -18.89 7.89
C SER B 292 -3.10 -20.07 6.97
N LEU B 293 -3.44 -21.22 7.56
CA LEU B 293 -3.98 -22.40 6.86
C LEU B 293 -5.31 -22.02 6.20
N ASP B 294 -6.21 -21.31 6.91
CA ASP B 294 -7.55 -20.93 6.38
C ASP B 294 -7.37 -20.07 5.14
N LEU B 295 -6.44 -19.13 5.15
CA LEU B 295 -6.22 -18.21 4.02
C LEU B 295 -5.69 -19.00 2.79
N LEU B 296 -5.09 -20.17 2.97
CA LEU B 296 -4.50 -20.96 1.86
C LEU B 296 -5.54 -21.91 1.26
N THR B 297 -6.66 -22.12 1.97
CA THR B 297 -7.56 -23.26 1.73
C THR B 297 -8.26 -23.15 0.36
N ASN B 298 -8.70 -21.98 -0.08
CA ASN B 298 -9.45 -21.81 -1.35
C ASN B 298 -8.54 -22.14 -2.55
N THR B 299 -7.22 -21.96 -2.45
CA THR B 299 -6.25 -22.22 -3.54
C THR B 299 -5.38 -23.46 -3.24
N SER B 300 -5.80 -24.35 -2.34
CA SER B 300 -4.99 -25.52 -1.89
C SER B 300 -5.90 -26.71 -1.60
N PRO B 301 -6.31 -27.47 -2.65
CA PRO B 301 -7.21 -28.60 -2.46
C PRO B 301 -6.91 -29.53 -1.29
N LYS B 302 -5.64 -29.81 -0.98
CA LYS B 302 -5.35 -30.78 0.11
C LYS B 302 -5.85 -30.22 1.45
N LEU B 303 -5.76 -28.91 1.67
CA LEU B 303 -6.23 -28.27 2.93
C LEU B 303 -7.74 -28.40 3.02
N GLN B 304 -8.45 -28.40 1.90
CA GLN B 304 -9.94 -28.57 1.86
C GLN B 304 -10.33 -29.97 2.37
N GLU B 305 -9.41 -30.95 2.33
CA GLU B 305 -9.68 -32.34 2.78
C GLU B 305 -9.54 -32.45 4.29
N ILE B 306 -8.95 -31.47 4.99
CA ILE B 306 -8.61 -31.62 6.44
C ILE B 306 -9.22 -30.47 7.25
N GLN B 307 -10.40 -30.01 6.87
CA GLN B 307 -11.10 -28.84 7.50
C GLN B 307 -11.36 -29.10 8.99
N SER B 308 -11.73 -30.30 9.39
CA SER B 308 -12.11 -30.59 10.79
C SER B 308 -10.86 -30.55 11.68
N LEU B 309 -9.70 -30.94 11.14
CA LEU B 309 -8.39 -30.82 11.84
C LEU B 309 -8.03 -29.34 11.97
N ILE B 310 -8.03 -28.61 10.86
CA ILE B 310 -7.64 -27.17 10.86
C ILE B 310 -8.57 -26.37 11.81
N GLY B 311 -9.86 -26.69 11.77
CA GLY B 311 -10.94 -26.01 12.52
C GLY B 311 -11.02 -26.42 13.98
N SER B 312 -10.04 -27.17 14.49
CA SER B 312 -10.13 -27.75 15.87
C SER B 312 -9.64 -26.74 16.93
N VAL B 313 -9.15 -25.58 16.53
CA VAL B 313 -8.72 -24.50 17.46
C VAL B 313 -9.41 -23.19 17.02
N THR B 314 -9.44 -22.21 17.92
CA THR B 314 -10.01 -20.86 17.65
C THR B 314 -8.92 -19.83 17.87
N PRO B 315 -8.67 -18.91 16.90
CA PRO B 315 -7.71 -17.85 17.12
C PRO B 315 -8.24 -16.87 18.18
N ARG B 316 -7.32 -16.37 19.00
CA ARG B 316 -7.59 -15.45 20.12
C ARG B 316 -6.74 -14.20 19.96
N PRO B 317 -7.29 -13.12 19.37
CA PRO B 317 -6.56 -11.87 19.21
C PRO B 317 -5.94 -11.42 20.55
N LEU B 318 -4.78 -10.80 20.45
CA LEU B 318 -4.07 -10.10 21.53
C LEU B 318 -3.59 -8.78 20.95
N PHE B 319 -3.57 -7.73 21.76
CA PHE B 319 -3.21 -6.36 21.37
C PHE B 319 -2.23 -5.82 22.39
N LYS B 320 -1.13 -5.23 21.92
CA LYS B 320 -0.17 -4.54 22.82
C LYS B 320 0.14 -3.18 22.21
N VAL B 321 0.29 -2.18 23.08
CA VAL B 321 0.76 -0.83 22.70
C VAL B 321 1.66 -0.34 23.82
N PHE B 322 2.84 0.17 23.44
CA PHE B 322 3.87 0.71 24.34
C PHE B 322 3.89 2.21 24.21
N THR B 323 4.12 2.92 25.31
CA THR B 323 4.33 4.39 25.34
C THR B 323 5.62 4.66 26.13
N THR B 324 6.32 5.72 25.76
CA THR B 324 7.56 6.19 26.42
C THR B 324 7.37 7.62 26.89
N TYR B 325 8.16 7.98 27.88
CA TYR B 325 8.09 9.27 28.61
C TYR B 325 9.49 9.69 28.97
N SER B 326 9.68 10.96 29.28
CA SER B 326 11.00 11.52 29.68
C SER B 326 11.28 11.11 31.14
N SER B 327 10.27 10.62 31.88
CA SER B 327 10.45 10.18 33.29
C SER B 327 9.42 9.10 33.64
N PRO B 328 9.72 8.22 34.60
CA PRO B 328 8.76 7.19 35.00
C PRO B 328 7.78 7.78 36.01
N TRP B 329 6.80 8.52 35.50
CA TRP B 329 5.88 9.38 36.30
C TRP B 329 5.03 8.50 37.23
N TRP B 330 4.79 7.26 36.86
CA TRP B 330 4.00 6.28 37.67
C TRP B 330 4.62 6.09 39.07
N ARG B 331 5.93 6.30 39.24
CA ARG B 331 6.64 6.03 40.52
C ARG B 331 6.06 6.93 41.60
N ASN B 332 5.43 8.03 41.19
CA ASN B 332 4.80 8.99 42.13
C ASN B 332 3.42 8.50 42.57
N ALA B 333 2.96 7.34 42.09
CA ALA B 333 1.62 6.78 42.45
C ALA B 333 1.78 5.58 43.40
N GLY B 334 2.91 5.53 44.13
CA GLY B 334 3.08 4.60 45.26
C GLY B 334 2.41 5.15 46.52
N TYR B 335 2.78 4.63 47.69
CA TYR B 335 2.14 5.03 48.96
C TYR B 335 3.18 4.99 50.10
N THR B 336 2.80 5.62 51.21
CA THR B 336 3.62 5.80 52.43
C THR B 336 3.21 4.70 53.42
N ASP B 337 4.15 3.86 53.83
CA ASP B 337 3.82 2.69 54.69
C ASP B 337 3.59 3.21 56.12
N SER B 338 3.17 2.32 57.01
CA SER B 338 2.83 2.60 58.43
C SER B 338 4.04 3.14 59.20
N GLU B 339 5.27 3.05 58.66
CA GLU B 339 6.51 3.55 59.31
C GLU B 339 7.01 4.81 58.62
N GLY B 340 6.24 5.39 57.70
CA GLY B 340 6.61 6.61 56.97
C GLY B 340 7.61 6.39 55.84
N GLY B 341 7.87 5.15 55.40
CA GLY B 341 8.68 4.91 54.20
C GLY B 341 7.82 4.95 52.95
N TYR B 342 8.35 5.47 51.85
CA TYR B 342 7.64 5.54 50.56
C TYR B 342 7.87 4.24 49.80
N ILE B 343 6.78 3.65 49.29
CA ILE B 343 6.79 2.40 48.47
C ILE B 343 6.47 2.82 47.04
N PRO B 344 7.47 2.85 46.15
CA PRO B 344 7.24 3.32 44.80
C PRO B 344 6.47 2.28 43.96
N LEU B 345 5.68 2.78 43.01
CA LEU B 345 5.02 1.94 41.98
C LEU B 345 5.99 1.85 40.81
N GLN B 346 6.59 0.69 40.55
CA GLN B 346 7.70 0.73 39.57
C GLN B 346 7.98 -0.58 38.86
N SER B 347 7.30 -1.66 39.16
CA SER B 347 7.58 -2.92 38.46
C SER B 347 6.32 -3.81 38.42
N GLY B 348 6.27 -4.66 37.41
CA GLY B 348 5.16 -5.60 37.17
C GLY B 348 3.98 -4.88 36.56
N ARG B 349 2.80 -5.30 36.93
CA ARG B 349 1.55 -5.05 36.22
C ARG B 349 0.54 -4.35 37.15
N THR B 350 -0.09 -3.30 36.62
CA THR B 350 -1.32 -2.69 37.16
C THR B 350 -2.48 -3.15 36.27
N VAL B 351 -3.64 -3.46 36.86
CA VAL B 351 -4.82 -4.01 36.13
C VAL B 351 -6.02 -3.09 36.28
N THR B 352 -6.95 -3.19 35.36
CA THR B 352 -8.18 -2.38 35.34
C THR B 352 -9.26 -3.11 34.54
N ASP B 353 -10.51 -2.76 34.82
CA ASP B 353 -11.65 -3.23 34.01
C ASP B 353 -11.85 -2.25 32.84
N LEU B 354 -11.16 -1.12 32.81
CA LEU B 354 -11.15 -0.22 31.63
C LEU B 354 -10.52 -0.95 30.44
N PRO B 355 -10.75 -0.51 29.20
CA PRO B 355 -10.18 -1.18 28.03
C PRO B 355 -8.64 -1.32 27.99
N ILE B 356 -7.90 -0.48 28.71
CA ILE B 356 -6.43 -0.70 28.90
C ILE B 356 -6.18 -2.11 29.42
N ARG B 357 -6.96 -2.55 30.41
CA ARG B 357 -6.92 -3.88 31.08
C ARG B 357 -5.60 -4.15 31.84
N GLN B 358 -4.44 -4.04 31.20
CA GLN B 358 -3.13 -4.39 31.81
C GLN B 358 -2.08 -3.37 31.39
N THR B 359 -1.35 -2.83 32.36
CA THR B 359 -0.25 -1.87 32.15
C THR B 359 0.99 -2.42 32.87
N TYR B 360 2.10 -2.57 32.15
CA TYR B 360 3.38 -3.01 32.75
C TYR B 360 4.37 -1.84 32.78
N TYR B 361 5.01 -1.68 33.95
CA TYR B 361 6.14 -0.77 34.16
C TYR B 361 7.36 -1.51 33.60
N TRP B 362 7.77 -1.12 32.39
CA TRP B 362 8.69 -1.97 31.59
C TRP B 362 10.07 -2.01 32.26
N PRO B 363 10.62 -3.21 32.48
CA PRO B 363 11.93 -3.33 33.10
C PRO B 363 13.06 -2.97 32.13
N LYS B 364 14.17 -2.55 32.71
CA LYS B 364 15.48 -2.49 32.03
C LYS B 364 15.87 -3.92 31.62
N ASN B 365 16.82 -4.02 30.68
CA ASN B 365 17.27 -5.30 30.10
C ASN B 365 17.98 -6.18 31.14
N ASN B 366 18.20 -5.71 32.36
CA ASN B 366 18.73 -6.54 33.48
C ASN B 366 17.62 -6.90 34.47
N GLY B 367 16.36 -6.59 34.15
CA GLY B 367 15.23 -6.91 35.03
C GLY B 367 14.94 -5.86 36.09
N GLN B 368 15.80 -4.84 36.22
CA GLN B 368 15.72 -3.81 37.29
C GLN B 368 14.73 -2.74 36.85
N PRO B 369 14.03 -2.09 37.81
CA PRO B 369 13.06 -1.06 37.47
C PRO B 369 13.76 0.18 36.93
N SER B 370 13.06 0.89 36.05
CA SER B 370 13.48 2.22 35.58
C SER B 370 13.10 3.23 36.67
N VAL B 371 14.08 3.90 37.28
CA VAL B 371 13.82 4.79 38.44
C VAL B 371 14.00 6.26 38.02
N SER B 372 14.48 6.53 36.81
CA SER B 372 14.73 7.92 36.32
C SER B 372 14.94 7.90 34.81
N GLY B 373 14.81 9.06 34.17
CA GLY B 373 15.09 9.23 32.73
C GLY B 373 14.06 8.54 31.84
N GLU B 374 14.37 8.46 30.55
CA GLU B 374 13.47 7.99 29.49
C GLU B 374 12.97 6.59 29.86
N SER B 375 11.65 6.43 29.99
CA SER B 375 11.06 5.17 30.54
C SER B 375 9.89 4.71 29.71
N MET B 376 9.45 3.47 29.94
CA MET B 376 8.42 2.91 29.03
C MET B 376 7.31 2.17 29.81
N LEU B 377 6.07 2.31 29.34
CA LEU B 377 4.96 1.40 29.71
C LEU B 377 4.69 0.42 28.58
N LEU B 378 4.39 -0.84 28.91
CA LEU B 378 3.38 -1.57 28.11
C LEU B 378 2.03 -0.96 28.54
N ALA B 379 1.61 0.09 27.83
CA ALA B 379 0.45 0.95 28.18
C ALA B 379 -0.79 0.10 28.28
N SER B 380 -1.02 -0.76 27.30
CA SER B 380 -2.19 -1.69 27.29
C SER B 380 -1.74 -2.98 26.65
N TYR B 381 -1.98 -4.06 27.37
CA TYR B 381 -1.99 -5.44 26.88
C TYR B 381 -3.39 -5.94 27.14
N ASP B 382 -4.18 -6.03 26.09
CA ASP B 382 -5.64 -6.28 26.21
C ASP B 382 -6.08 -7.32 25.19
N ASP B 383 -7.18 -8.00 25.50
CA ASP B 383 -7.80 -9.00 24.60
C ASP B 383 -9.33 -8.90 24.69
N GLY B 384 -10.00 -9.87 24.08
CA GLY B 384 -11.47 -9.95 24.02
C GLY B 384 -12.03 -8.69 23.40
N SER B 385 -13.16 -8.23 23.91
CA SER B 385 -13.94 -7.13 23.29
C SER B 385 -13.16 -5.82 23.45
N ASN B 386 -12.12 -5.77 24.29
CA ASN B 386 -11.33 -4.52 24.49
C ASN B 386 -10.57 -4.12 23.21
N ILE B 387 -10.23 -5.08 22.34
CA ILE B 387 -9.41 -4.78 21.13
C ILE B 387 -10.20 -3.86 20.19
N GLY B 388 -11.49 -4.11 20.03
CA GLY B 388 -12.36 -3.24 19.19
C GLY B 388 -12.34 -1.80 19.65
N PHE B 389 -12.19 -1.55 20.95
CA PHE B 389 -12.13 -0.16 21.47
C PHE B 389 -10.91 0.53 20.89
N TRP B 390 -9.72 -0.10 20.97
CA TRP B 390 -8.45 0.53 20.48
C TRP B 390 -8.42 0.58 18.94
N ASP B 391 -8.88 -0.47 18.30
CA ASP B 391 -8.96 -0.59 16.83
C ASP B 391 -9.75 0.59 16.27
N GLY B 392 -10.90 0.93 16.86
CA GLY B 392 -11.75 2.00 16.32
C GLY B 392 -11.07 3.36 16.35
N LEU B 393 -9.97 3.50 17.10
CA LEU B 393 -9.27 4.80 17.19
C LEU B 393 -8.22 4.92 16.07
N ARG B 394 -7.99 3.87 15.28
CA ARG B 394 -7.04 3.91 14.14
C ARG B 394 -7.73 4.57 12.95
N PRO B 395 -6.98 5.35 12.13
CA PRO B 395 -7.45 5.70 10.79
C PRO B 395 -7.38 4.47 9.86
N LYS B 428 25.12 -9.47 17.09
CA LYS B 428 23.63 -9.69 17.05
C LYS B 428 22.93 -8.46 16.46
N ALA B 429 21.72 -8.64 15.91
CA ALA B 429 20.86 -7.51 15.50
C ALA B 429 19.40 -7.96 15.46
N LEU B 430 18.50 -7.05 15.79
CA LEU B 430 17.05 -7.18 15.55
C LEU B 430 16.80 -6.81 14.09
N ASN B 431 15.58 -6.95 13.59
CA ASN B 431 15.31 -6.82 12.13
C ASN B 431 14.07 -5.96 11.89
N GLN B 432 13.48 -5.36 12.93
CA GLN B 432 12.34 -4.42 12.82
C GLN B 432 12.61 -3.22 13.72
N THR B 433 12.08 -2.06 13.36
CA THR B 433 12.22 -0.83 14.18
C THR B 433 10.86 -0.51 14.81
N TRP B 434 10.93 0.16 15.96
CA TRP B 434 9.78 0.82 16.64
C TRP B 434 8.92 1.60 15.64
N HIS B 435 9.57 2.42 14.81
CA HIS B 435 8.88 3.36 13.89
C HIS B 435 7.93 2.59 12.96
N GLN B 436 8.28 1.36 12.57
CA GLN B 436 7.44 0.56 11.65
C GLN B 436 6.10 0.21 12.31
N TYR B 437 5.96 0.35 13.63
CA TYR B 437 4.72 -0.03 14.36
C TYR B 437 4.16 1.20 15.07
N LYS B 438 4.49 2.39 14.60
CA LYS B 438 4.10 3.66 15.27
C LYS B 438 2.59 3.69 15.50
N ALA B 439 2.15 4.13 16.68
CA ALA B 439 0.72 4.20 17.05
C ALA B 439 0.14 5.53 16.60
N PRO B 440 -1.13 5.56 16.16
CA PRO B 440 -1.76 6.83 15.81
C PRO B 440 -2.17 7.68 17.02
N ARG B 441 -2.17 8.99 16.80
CA ARG B 441 -2.31 10.02 17.86
C ARG B 441 -3.59 9.78 18.67
N LYS B 442 -4.74 9.59 18.02
CA LYS B 442 -6.04 9.48 18.72
C LYS B 442 -6.02 8.28 19.69
N MET B 443 -5.45 7.16 19.26
CA MET B 443 -5.28 5.96 20.11
C MET B 443 -4.45 6.38 21.34
N VAL B 444 -3.36 7.10 21.13
CA VAL B 444 -2.41 7.47 22.22
C VAL B 444 -3.11 8.42 23.21
N GLU B 445 -3.89 9.38 22.72
CA GLU B 445 -4.61 10.34 23.56
C GLU B 445 -5.60 9.60 24.50
N GLU B 446 -6.27 8.56 24.01
CA GLU B 446 -7.23 7.80 24.82
C GLU B 446 -6.46 6.92 25.83
N LEU B 447 -5.33 6.34 25.42
CA LEU B 447 -4.44 5.61 26.35
C LEU B 447 -4.06 6.56 27.48
N SER B 448 -3.63 7.79 27.17
CA SER B 448 -3.16 8.77 28.17
C SER B 448 -4.28 9.10 29.16
N ARG B 449 -5.49 9.32 28.65
CA ARG B 449 -6.70 9.60 29.46
C ARG B 449 -6.88 8.46 30.47
N GLN B 450 -6.90 7.22 29.99
CA GLN B 450 -7.18 6.05 30.86
C GLN B 450 -6.02 5.86 31.85
N LEU B 451 -4.75 5.99 31.42
CA LEU B 451 -3.60 5.82 32.35
C LEU B 451 -3.76 6.80 33.52
N LYS B 452 -4.20 8.01 33.23
CA LYS B 452 -4.39 9.06 34.26
C LYS B 452 -5.51 8.65 35.23
N GLN B 453 -6.63 8.19 34.71
CA GLN B 453 -7.75 7.73 35.56
C GLN B 453 -7.30 6.53 36.41
N ILE B 454 -6.58 5.58 35.81
CA ILE B 454 -6.07 4.37 36.53
C ILE B 454 -5.15 4.78 37.68
N HIS B 455 -4.23 5.72 37.46
CA HIS B 455 -3.20 6.12 38.44
C HIS B 455 -3.71 7.25 39.34
N ASP B 456 -4.90 7.78 39.06
CA ASP B 456 -5.57 8.85 39.83
C ASP B 456 -4.76 10.15 39.78
N VAL B 457 -4.26 10.54 38.62
CA VAL B 457 -3.57 11.84 38.40
C VAL B 457 -4.28 12.59 37.27
N ASP B 458 -4.20 13.93 37.23
CA ASP B 458 -4.78 14.73 36.11
C ASP B 458 -3.65 15.21 35.19
N TYR B 459 -2.39 15.02 35.56
CA TYR B 459 -1.24 15.48 34.73
C TYR B 459 -0.22 14.34 34.64
N THR B 460 0.21 14.04 33.41
CA THR B 460 1.38 13.19 33.16
C THR B 460 2.20 13.86 32.05
N PRO B 461 3.54 13.72 32.12
CA PRO B 461 4.44 14.14 31.06
C PRO B 461 3.99 13.49 29.74
N ALA B 462 4.17 14.22 28.65
CA ALA B 462 3.67 13.86 27.32
C ALA B 462 4.26 12.51 26.91
N VAL B 463 3.48 11.72 26.19
CA VAL B 463 4.02 10.55 25.46
C VAL B 463 5.05 11.05 24.44
N LYS B 464 6.25 10.48 24.45
CA LYS B 464 7.32 10.82 23.47
C LYS B 464 7.17 9.90 22.25
N ASN B 465 6.97 8.60 22.45
CA ASN B 465 6.95 7.60 21.37
C ASN B 465 5.90 6.56 21.71
N ALA B 466 5.30 5.95 20.70
CA ALA B 466 4.27 4.90 20.89
C ALA B 466 4.32 3.94 19.72
N SER B 467 4.18 2.64 20.02
CA SER B 467 4.10 1.55 19.03
C SER B 467 3.05 0.53 19.46
N PHE B 468 2.48 -0.21 18.52
CA PHE B 468 1.38 -1.17 18.80
C PHE B 468 1.41 -2.28 17.77
N ARG B 469 0.71 -3.35 18.11
CA ARG B 469 0.52 -4.52 17.24
C ARG B 469 -0.81 -5.16 17.62
N ASP B 470 -1.65 -5.36 16.62
CA ASP B 470 -2.95 -6.07 16.74
C ASP B 470 -2.75 -7.43 16.08
N TRP B 471 -2.63 -8.48 16.89
CA TRP B 471 -2.34 -9.85 16.44
C TRP B 471 -3.62 -10.56 16.02
N GLY B 472 -4.77 -9.89 16.00
CA GLY B 472 -5.97 -10.42 15.34
C GLY B 472 -5.84 -10.34 13.81
N GLU B 473 -4.94 -9.51 13.31
CA GLU B 473 -4.80 -9.24 11.85
C GLU B 473 -4.27 -10.47 11.10
N ASP B 474 -4.68 -10.62 9.85
CA ASP B 474 -4.11 -11.61 8.91
C ASP B 474 -2.59 -11.40 8.87
N PRO B 475 -1.77 -12.45 8.71
CA PRO B 475 -2.25 -13.83 8.62
C PRO B 475 -2.39 -14.62 9.94
N PHE B 476 -2.30 -13.95 11.09
CA PHE B 476 -2.17 -14.61 12.42
C PHE B 476 -3.53 -15.04 12.95
N GLY B 477 -4.55 -14.18 12.79
CA GLY B 477 -5.92 -14.40 13.30
C GLY B 477 -5.99 -14.19 14.81
N GLY B 478 -4.94 -14.54 15.53
CA GLY B 478 -4.86 -14.37 16.99
C GLY B 478 -3.43 -14.35 17.47
N GLY B 479 -3.22 -13.82 18.67
CA GLY B 479 -1.95 -13.94 19.40
C GLY B 479 -1.70 -15.38 19.82
N TRP B 480 -2.75 -16.11 20.16
CA TRP B 480 -2.72 -17.54 20.51
C TRP B 480 -3.93 -18.23 19.91
N ASN B 481 -3.96 -19.55 20.00
CA ASN B 481 -5.06 -20.38 19.47
C ASN B 481 -5.42 -21.37 20.56
N SER B 482 -6.71 -21.61 20.75
CA SER B 482 -7.22 -22.42 21.87
C SER B 482 -7.93 -23.64 21.31
N TRP B 483 -7.70 -24.81 21.91
CA TRP B 483 -8.45 -26.05 21.59
C TRP B 483 -9.96 -25.82 21.78
N ASN B 484 -10.76 -26.23 20.79
CA ASN B 484 -12.24 -26.16 20.85
C ASN B 484 -12.78 -27.31 21.72
N ILE B 485 -13.94 -27.06 22.29
CA ILE B 485 -14.75 -28.07 23.04
C ILE B 485 -15.07 -29.22 22.08
N GLY B 486 -15.06 -30.47 22.56
CA GLY B 486 -15.42 -31.65 21.76
C GLY B 486 -14.24 -32.20 20.96
N VAL B 487 -13.13 -31.48 20.83
CA VAL B 487 -11.89 -31.96 20.17
C VAL B 487 -11.10 -32.80 21.17
N LYS B 488 -10.45 -33.85 20.70
CA LYS B 488 -9.43 -34.61 21.47
C LYS B 488 -8.06 -34.12 21.03
N SER B 489 -7.50 -33.17 21.77
CA SER B 489 -6.20 -32.51 21.44
C SER B 489 -5.12 -33.58 21.26
N TRP B 490 -5.14 -34.62 22.07
CA TRP B 490 -4.05 -35.63 22.10
C TRP B 490 -4.04 -36.37 20.77
N GLU B 491 -5.18 -36.46 20.07
CA GLU B 491 -5.29 -37.11 18.74
C GLU B 491 -4.94 -36.08 17.66
N VAL B 492 -5.52 -34.89 17.72
CA VAL B 492 -5.34 -33.89 16.64
C VAL B 492 -3.88 -33.46 16.59
N LYS B 493 -3.22 -33.27 17.74
CA LYS B 493 -1.83 -32.76 17.73
C LYS B 493 -0.91 -33.77 17.04
N GLU B 494 -1.14 -35.06 17.21
CA GLU B 494 -0.34 -36.16 16.60
C GLU B 494 -0.71 -36.28 15.11
N LYS B 495 -2.00 -36.10 14.77
CA LYS B 495 -2.51 -36.28 13.39
C LYS B 495 -2.07 -35.11 12.51
N ILE B 496 -2.26 -33.88 12.96
CA ILE B 496 -2.21 -32.71 12.04
C ILE B 496 -0.77 -32.42 11.64
N VAL B 497 0.25 -32.91 12.35
CA VAL B 497 1.67 -32.65 11.94
C VAL B 497 1.92 -33.29 10.56
N HIS B 498 1.18 -34.33 10.24
CA HIS B 498 1.28 -35.08 8.94
C HIS B 498 -0.11 -35.62 8.63
N PRO B 499 -1.02 -34.75 8.19
CA PRO B 499 -2.47 -35.03 8.25
C PRO B 499 -3.08 -35.95 7.20
N ILE B 500 -2.36 -36.20 6.09
CA ILE B 500 -2.83 -37.07 4.97
C ILE B 500 -1.79 -38.18 4.74
N ASP B 501 -2.17 -39.44 4.91
CA ASP B 501 -1.31 -40.63 4.73
C ASP B 501 -0.71 -40.59 3.32
N ASN B 502 0.57 -40.93 3.17
CA ASN B 502 1.26 -41.09 1.86
C ASN B 502 1.27 -39.75 1.12
N CYS B 503 1.29 -38.65 1.86
CA CYS B 503 1.35 -37.26 1.36
C CYS B 503 2.35 -36.51 2.23
N SER B 504 3.43 -36.00 1.63
CA SER B 504 4.55 -35.35 2.36
C SER B 504 4.19 -33.90 2.74
N LEU B 505 2.97 -33.69 3.26
CA LEU B 505 2.48 -32.40 3.82
C LEU B 505 2.64 -32.46 5.34
N TYR B 506 3.29 -31.45 5.90
CA TYR B 506 3.56 -31.32 7.35
C TYR B 506 3.08 -29.95 7.83
N ILE B 507 2.66 -29.92 9.10
CA ILE B 507 2.18 -28.69 9.80
C ILE B 507 2.80 -28.65 11.19
N CYS B 508 3.32 -27.50 11.58
CA CYS B 508 3.82 -27.28 12.96
C CYS B 508 3.56 -25.83 13.36
N GLY B 509 3.77 -25.56 14.66
CA GLY B 509 3.55 -24.25 15.28
C GLY B 509 2.80 -24.36 16.60
N GLU B 510 2.63 -23.22 17.24
CA GLU B 510 1.90 -23.05 18.51
C GLU B 510 0.45 -23.55 18.38
N ALA B 511 -0.21 -23.38 17.22
CA ALA B 511 -1.70 -23.45 17.16
C ALA B 511 -2.22 -24.83 17.58
N TYR B 512 -1.55 -25.92 17.20
CA TYR B 512 -2.06 -27.30 17.45
C TYR B 512 -1.18 -27.98 18.50
N SER B 513 -0.77 -27.23 19.54
CA SER B 513 0.14 -27.70 20.62
C SER B 513 -0.57 -27.81 21.97
N ASP B 514 0.14 -28.38 22.93
CA ASP B 514 -0.24 -28.43 24.37
C ASP B 514 0.16 -27.11 25.01
N GLY B 515 1.07 -26.36 24.38
CA GLY B 515 1.60 -25.09 24.89
C GLY B 515 1.04 -23.91 24.13
N GLN B 516 -0.29 -23.83 23.96
CA GLN B 516 -0.93 -22.73 23.21
C GLN B 516 -0.62 -21.41 23.90
N GLY B 517 -0.38 -20.37 23.14
CA GLY B 517 0.05 -19.06 23.67
C GLY B 517 1.52 -19.00 24.04
N TRP B 518 2.31 -20.05 23.75
CA TRP B 518 3.75 -20.13 24.14
C TRP B 518 4.64 -20.57 22.97
N VAL B 519 5.87 -20.05 22.94
CA VAL B 519 6.96 -20.58 22.09
C VAL B 519 7.14 -22.06 22.39
N GLU B 520 7.04 -22.46 23.66
CA GLU B 520 7.16 -23.89 24.05
C GLU B 520 6.24 -24.74 23.16
N GLY B 521 5.00 -24.29 22.95
CA GLY B 521 4.03 -25.04 22.15
C GLY B 521 4.52 -25.25 20.71
N ALA B 522 5.00 -24.18 20.08
CA ALA B 522 5.60 -24.20 18.72
C ALA B 522 6.75 -25.20 18.66
N LEU B 523 7.63 -25.24 19.65
CA LEU B 523 8.77 -26.20 19.66
C LEU B 523 8.22 -27.61 19.85
N GLN B 524 7.19 -27.77 20.68
CA GLN B 524 6.61 -29.11 20.97
C GLN B 524 6.19 -29.77 19.64
N THR B 525 5.44 -29.04 18.81
CA THR B 525 4.83 -29.60 17.59
C THR B 525 5.90 -29.68 16.50
N ALA B 526 6.85 -28.76 16.45
CA ALA B 526 8.05 -28.89 15.56
C ALA B 526 8.72 -30.21 15.85
N ASP B 527 8.93 -30.58 17.12
CA ASP B 527 9.58 -31.86 17.50
C ASP B 527 8.72 -33.05 17.08
N ILE B 528 7.41 -33.00 17.27
CA ILE B 528 6.49 -34.11 16.86
C ILE B 528 6.56 -34.24 15.33
N MET B 529 6.55 -33.12 14.63
CA MET B 529 6.52 -33.06 13.15
C MET B 529 7.86 -33.62 12.63
N LEU B 530 8.99 -33.17 13.17
CA LEU B 530 10.34 -33.61 12.73
C LEU B 530 10.46 -35.12 12.92
N LYS B 531 10.02 -35.64 14.04
CA LYS B 531 10.10 -37.09 14.33
C LYS B 531 9.35 -37.85 13.24
N LYS B 532 8.14 -37.41 12.90
CA LYS B 532 7.31 -38.09 11.87
C LYS B 532 8.04 -37.97 10.53
N PHE B 533 8.49 -36.76 10.18
CA PHE B 533 9.18 -36.45 8.90
C PHE B 533 10.38 -37.41 8.74
N ILE B 534 11.21 -37.56 9.77
CA ILE B 534 12.45 -38.38 9.69
C ILE B 534 12.07 -39.86 9.58
N ALA B 535 11.01 -40.32 10.22
CA ALA B 535 10.55 -41.73 10.15
C ALA B 535 10.07 -42.05 8.71
N VAL B 536 9.34 -41.13 8.09
CA VAL B 536 8.84 -41.20 6.67
C VAL B 536 10.02 -40.61 5.88
N GLU B 537 10.00 -40.47 4.58
CA GLU B 537 10.99 -39.62 3.83
C GLU B 537 12.39 -40.25 3.80
N GLU C 2 -2.11 41.69 12.18
CA GLU C 2 -3.02 40.51 12.05
C GLU C 2 -3.25 40.13 10.57
N ASN C 3 -3.34 38.84 10.28
CA ASN C 3 -3.22 38.21 8.92
C ASN C 3 -4.44 38.51 8.05
N GLU C 4 -4.18 38.84 6.79
CA GLU C 4 -5.23 38.95 5.75
C GLU C 4 -6.03 37.64 5.69
N LYS C 5 -7.34 37.75 5.56
CA LYS C 5 -8.32 36.65 5.57
C LYS C 5 -9.12 36.77 4.28
N ILE C 6 -9.20 35.70 3.47
CA ILE C 6 -9.98 35.67 2.21
C ILE C 6 -10.79 34.38 2.19
N ASP C 7 -11.76 34.26 1.28
CA ASP C 7 -12.61 33.04 1.23
C ASP C 7 -11.92 31.94 0.41
N ILE C 8 -11.61 32.21 -0.86
CA ILE C 8 -11.03 31.24 -1.82
C ILE C 8 -9.70 31.80 -2.30
N ALA C 9 -8.65 31.03 -2.05
CA ALA C 9 -7.31 31.20 -2.64
C ALA C 9 -7.21 30.23 -3.82
N ILE C 10 -6.89 30.77 -5.00
CA ILE C 10 -6.55 29.97 -6.22
C ILE C 10 -5.10 30.29 -6.54
N VAL C 11 -4.26 29.25 -6.57
CA VAL C 11 -2.82 29.42 -6.89
C VAL C 11 -2.54 28.78 -8.24
N GLY C 12 -2.04 29.59 -9.19
CA GLY C 12 -1.69 29.20 -10.56
C GLY C 12 -2.54 29.98 -11.54
N GLY C 13 -1.89 30.84 -12.32
CA GLY C 13 -2.54 31.71 -13.31
C GLY C 13 -2.46 31.15 -14.71
N GLY C 14 -2.55 29.83 -14.84
CA GLY C 14 -2.74 29.17 -16.14
C GLY C 14 -4.21 29.13 -16.49
N VAL C 15 -4.57 28.44 -17.58
CA VAL C 15 -5.96 28.49 -18.06
C VAL C 15 -6.89 27.90 -16.99
N SER C 16 -6.54 26.79 -16.33
CA SER C 16 -7.49 26.16 -15.37
C SER C 16 -7.70 27.08 -14.15
N GLY C 17 -6.65 27.79 -13.73
CA GLY C 17 -6.72 28.73 -12.59
C GLY C 17 -7.67 29.89 -12.87
N VAL C 18 -7.46 30.60 -13.98
CA VAL C 18 -8.29 31.79 -14.32
C VAL C 18 -9.70 31.32 -14.71
N TYR C 19 -9.84 30.17 -15.34
CA TYR C 19 -11.18 29.63 -15.68
C TYR C 19 -11.95 29.37 -14.39
N SER C 20 -11.29 28.70 -13.45
CA SER C 20 -11.88 28.37 -12.12
C SER C 20 -12.23 29.66 -11.37
N ALA C 21 -11.35 30.66 -11.36
CA ALA C 21 -11.59 31.96 -10.70
C ALA C 21 -12.86 32.58 -11.28
N TRP C 22 -12.93 32.70 -12.60
CA TRP C 22 -14.09 33.25 -13.35
C TRP C 22 -15.37 32.52 -12.92
N LYS C 23 -15.36 31.19 -12.96
CA LYS C 23 -16.59 30.41 -12.69
C LYS C 23 -17.00 30.64 -11.24
N LEU C 24 -16.04 30.63 -10.32
CA LEU C 24 -16.34 30.64 -8.86
C LEU C 24 -16.86 32.02 -8.48
N LYS C 25 -16.34 33.09 -9.07
CA LYS C 25 -16.81 34.47 -8.76
C LYS C 25 -18.26 34.60 -9.27
N THR C 26 -18.61 33.97 -10.40
CA THR C 26 -19.98 33.97 -10.91
C THR C 26 -20.87 33.19 -9.94
N LYS C 27 -20.40 32.05 -9.47
CA LYS C 27 -21.20 31.16 -8.59
C LYS C 27 -21.35 31.80 -7.19
N TYR C 28 -20.31 32.48 -6.69
CA TYR C 28 -20.25 33.04 -5.30
C TYR C 28 -19.81 34.50 -5.36
N PRO C 29 -20.70 35.41 -5.78
CA PRO C 29 -20.32 36.80 -6.04
C PRO C 29 -19.87 37.54 -4.77
N ASN C 30 -20.27 37.04 -3.60
CA ASN C 30 -20.03 37.71 -2.30
C ASN C 30 -18.73 37.23 -1.67
N LYS C 31 -18.15 36.14 -2.16
CA LYS C 31 -16.84 35.63 -1.64
C LYS C 31 -15.69 36.52 -2.11
N LYS C 32 -14.72 36.71 -1.24
CA LYS C 32 -13.41 37.32 -1.57
C LYS C 32 -12.55 36.20 -2.17
N ILE C 33 -12.31 36.28 -3.48
CA ILE C 33 -11.56 35.25 -4.25
C ILE C 33 -10.30 35.95 -4.77
N VAL C 34 -9.13 35.43 -4.40
CA VAL C 34 -7.86 35.97 -4.93
C VAL C 34 -7.16 34.83 -5.68
N LEU C 35 -6.68 35.13 -6.89
CA LEU C 35 -5.82 34.20 -7.63
C LEU C 35 -4.38 34.71 -7.53
N PHE C 36 -3.48 33.83 -7.11
CA PHE C 36 -2.04 34.11 -6.97
C PHE C 36 -1.26 33.39 -8.10
N GLU C 37 -0.42 34.14 -8.81
CA GLU C 37 0.55 33.62 -9.81
C GLU C 37 1.95 34.05 -9.37
N GLY C 38 2.86 33.09 -9.26
CA GLY C 38 4.27 33.28 -8.84
C GLY C 38 5.04 34.03 -9.91
N GLY C 39 4.71 33.80 -11.19
CA GLY C 39 5.35 34.50 -12.32
C GLY C 39 4.78 35.91 -12.50
N ASP C 40 5.22 36.60 -13.54
CA ASP C 40 5.00 38.05 -13.75
C ASP C 40 3.82 38.28 -14.70
N HIS C 41 3.04 37.24 -15.03
CA HIS C 41 1.96 37.33 -16.05
C HIS C 41 1.03 36.14 -15.96
N ILE C 42 -0.22 36.33 -16.40
CA ILE C 42 -1.23 35.26 -16.55
C ILE C 42 -0.90 34.48 -17.83
N GLY C 43 -1.00 33.14 -17.80
CA GLY C 43 -0.98 32.31 -19.02
C GLY C 43 -0.43 30.91 -18.82
N GLY C 44 0.56 30.75 -17.94
CA GLY C 44 1.21 29.45 -17.68
C GLY C 44 1.82 28.94 -18.98
N ARG C 45 1.38 27.76 -19.46
CA ARG C 45 2.00 27.12 -20.66
C ARG C 45 1.39 27.64 -21.96
N LEU C 46 0.53 28.66 -21.92
CA LEU C 46 0.09 29.43 -23.09
C LEU C 46 0.89 30.74 -23.14
N LEU C 47 1.76 30.89 -24.14
CA LEU C 47 2.71 32.02 -24.22
C LEU C 47 2.76 32.42 -25.69
N SER C 48 2.04 33.51 -26.00
CA SER C 48 1.83 34.04 -27.34
C SER C 48 2.64 35.33 -27.46
N VAL C 49 3.55 35.44 -28.43
CA VAL C 49 4.38 36.66 -28.57
C VAL C 49 4.43 37.05 -30.04
N ILE C 50 4.35 38.35 -30.29
CA ILE C 50 4.42 38.95 -31.65
C ILE C 50 5.89 39.05 -32.01
N PRO C 51 6.34 38.52 -33.18
CA PRO C 51 7.72 38.65 -33.59
C PRO C 51 8.01 40.08 -34.00
N PRO C 52 9.22 40.60 -33.70
CA PRO C 52 9.66 41.88 -34.23
C PRO C 52 9.61 41.83 -35.76
N GLY C 53 9.06 42.88 -36.38
CA GLY C 53 9.02 43.02 -37.83
C GLY C 53 7.90 42.20 -38.46
N ILE C 54 7.11 41.48 -37.65
CA ILE C 54 6.01 40.65 -38.22
C ILE C 54 4.74 40.89 -37.42
N PRO C 55 4.08 42.05 -37.61
CA PRO C 55 2.93 42.42 -36.77
C PRO C 55 1.71 41.50 -37.01
N ASN C 56 1.65 40.79 -38.13
CA ASN C 56 0.50 39.90 -38.48
C ASN C 56 0.84 38.43 -38.18
N MET C 57 1.80 38.16 -37.29
CA MET C 57 2.08 36.78 -36.80
C MET C 57 2.07 36.74 -35.27
N VAL C 58 1.79 35.54 -34.73
CA VAL C 58 1.90 35.27 -33.28
C VAL C 58 2.64 33.94 -33.11
N ALA C 59 3.86 34.01 -32.59
CA ALA C 59 4.66 32.83 -32.22
C ALA C 59 4.03 32.22 -30.97
N GLU C 60 3.82 30.91 -30.99
CA GLU C 60 3.28 30.13 -29.84
C GLU C 60 4.44 29.35 -29.21
N LEU C 61 5.08 29.94 -28.21
CA LEU C 61 6.15 29.28 -27.43
C LEU C 61 5.57 28.16 -26.57
N GLY C 62 4.28 28.25 -26.24
CA GLY C 62 3.56 27.16 -25.55
C GLY C 62 2.51 26.55 -26.46
N GLY C 63 1.34 26.25 -25.92
CA GLY C 63 0.21 25.69 -26.69
C GLY C 63 -0.13 26.49 -27.93
N MET C 64 -0.43 25.84 -29.05
CA MET C 64 -0.58 26.59 -30.34
C MET C 64 -1.86 26.23 -31.11
N ARG C 65 -2.54 25.12 -30.84
CA ARG C 65 -3.66 24.69 -31.73
C ARG C 65 -4.66 23.82 -30.97
N ILE C 66 -5.87 23.72 -31.51
CA ILE C 66 -6.91 22.80 -30.95
C ILE C 66 -7.37 21.84 -32.04
N LEU C 67 -7.89 20.70 -31.60
CA LEU C 67 -8.65 19.76 -32.46
C LEU C 67 -10.13 20.14 -32.33
N GLU C 68 -10.62 20.98 -33.23
CA GLU C 68 -11.95 21.63 -33.11
C GLU C 68 -13.10 20.61 -33.13
N ASN C 69 -12.88 19.37 -33.59
CA ASN C 69 -13.92 18.34 -33.82
C ASN C 69 -14.07 17.45 -32.59
N THR C 70 -13.01 17.33 -31.80
CA THR C 70 -12.87 16.47 -30.60
C THR C 70 -13.03 17.28 -29.30
N GLN C 71 -12.52 18.52 -29.26
CA GLN C 71 -12.24 19.29 -28.02
C GLN C 71 -13.38 20.27 -27.78
N LYS C 72 -14.51 19.73 -27.34
CA LYS C 72 -15.79 20.45 -27.16
C LYS C 72 -15.63 21.54 -26.08
N LEU C 73 -14.79 21.28 -25.06
CA LEU C 73 -14.71 22.22 -23.91
C LEU C 73 -14.00 23.47 -24.39
N ILE C 74 -12.84 23.38 -25.05
CA ILE C 74 -12.12 24.62 -25.48
C ILE C 74 -12.97 25.34 -26.55
N VAL C 75 -13.64 24.61 -27.45
CA VAL C 75 -14.52 25.26 -28.47
C VAL C 75 -15.64 26.03 -27.75
N LYS C 76 -16.28 25.44 -26.75
CA LYS C 76 -17.39 26.09 -25.98
C LYS C 76 -16.85 27.31 -25.20
N LEU C 77 -15.67 27.19 -24.59
CA LEU C 77 -15.08 28.31 -23.82
C LEU C 77 -14.78 29.47 -24.78
N ILE C 78 -14.26 29.20 -25.97
CA ILE C 78 -14.02 30.29 -26.96
C ILE C 78 -15.34 31.02 -27.21
N ASP C 79 -16.44 30.29 -27.39
CA ASP C 79 -17.79 30.91 -27.61
C ASP C 79 -18.18 31.69 -26.34
N ASP C 80 -17.95 31.14 -25.15
CA ASP C 80 -18.33 31.83 -23.88
C ASP C 80 -17.54 33.12 -23.76
N ILE C 81 -16.29 33.11 -24.17
CA ILE C 81 -15.43 34.33 -24.14
C ILE C 81 -15.94 35.32 -25.19
N ASN C 82 -16.18 34.85 -26.42
CA ASN C 82 -16.56 35.70 -27.58
C ASN C 82 -17.93 36.34 -27.33
N GLU C 83 -18.84 35.71 -26.58
CA GLU C 83 -20.19 36.32 -26.34
C GLU C 83 -20.04 37.52 -25.38
N LYS C 84 -18.88 37.68 -24.72
CA LYS C 84 -18.62 38.82 -23.80
C LYS C 84 -17.71 39.84 -24.48
N LEU C 85 -16.83 39.43 -25.39
CA LEU C 85 -15.86 40.35 -26.04
C LEU C 85 -16.59 41.20 -27.09
N SER C 86 -16.06 42.39 -27.34
CA SER C 86 -16.39 43.31 -28.45
C SER C 86 -16.12 42.60 -29.79
N GLN C 87 -16.69 43.12 -30.88
CA GLN C 87 -16.44 42.58 -32.25
C GLN C 87 -14.94 42.72 -32.59
N GLU C 88 -14.30 43.82 -32.20
CA GLU C 88 -12.86 44.11 -32.41
C GLU C 88 -11.99 42.98 -31.80
N ASP C 89 -12.35 42.51 -30.60
CA ASP C 89 -11.52 41.61 -29.74
C ASP C 89 -11.81 40.12 -30.03
N GLN C 90 -12.81 39.80 -30.85
CA GLN C 90 -13.25 38.39 -31.00
C GLN C 90 -12.03 37.48 -31.14
N ILE C 91 -12.04 36.34 -30.48
CA ILE C 91 -11.07 35.24 -30.76
C ILE C 91 -11.42 34.64 -32.12
N GLU C 92 -10.46 34.61 -33.05
CA GLU C 92 -10.65 34.02 -34.40
C GLU C 92 -9.64 32.89 -34.57
N LEU C 93 -10.12 31.78 -35.12
CA LEU C 93 -9.31 30.60 -35.45
C LEU C 93 -9.01 30.59 -36.96
N TYR C 94 -7.93 29.93 -37.31
CA TYR C 94 -7.49 29.71 -38.71
C TYR C 94 -7.07 28.26 -38.80
N ASP C 95 -7.15 27.70 -40.00
CA ASP C 95 -6.73 26.30 -40.28
C ASP C 95 -5.19 26.22 -40.16
N PHE C 96 -4.67 25.17 -39.52
CA PHE C 96 -3.26 25.01 -39.10
C PHE C 96 -2.64 23.79 -39.77
N PRO C 97 -1.86 23.95 -40.85
CA PRO C 97 -1.35 22.79 -41.59
C PRO C 97 -0.16 22.10 -40.88
N VAL C 98 0.10 20.81 -41.18
CA VAL C 98 1.27 20.03 -40.61
C VAL C 98 1.98 19.25 -41.73
N ASP C 99 1.33 18.27 -42.34
CA ASP C 99 2.00 17.38 -43.31
C ASP C 99 1.51 17.79 -44.70
N GLN C 100 2.20 18.70 -45.38
CA GLN C 100 2.08 18.85 -46.87
C GLN C 100 3.03 17.86 -47.55
N PRO C 101 2.61 17.22 -48.67
CA PRO C 101 3.39 16.18 -49.34
C PRO C 101 4.80 16.59 -49.76
N GLN C 102 5.04 17.87 -50.07
CA GLN C 102 6.34 18.41 -50.56
C GLN C 102 7.30 18.69 -49.39
N ASN C 103 6.83 18.54 -48.14
CA ASN C 103 7.65 18.94 -46.98
C ASN C 103 8.80 17.94 -46.86
N ILE C 104 9.86 18.33 -46.19
CA ILE C 104 11.11 17.53 -46.18
C ILE C 104 11.08 16.62 -44.95
N ALA C 105 11.59 15.41 -45.13
CA ALA C 105 11.99 14.51 -44.03
C ALA C 105 13.46 14.23 -44.26
N TYR C 106 14.33 14.81 -43.43
CA TYR C 106 15.79 14.58 -43.49
C TYR C 106 16.13 13.51 -42.46
N LEU C 107 16.16 12.25 -42.91
CA LEU C 107 16.21 11.04 -42.05
C LEU C 107 17.44 10.21 -42.42
N ARG C 108 18.28 9.89 -41.45
CA ARG C 108 19.47 9.02 -41.62
C ARG C 108 20.29 9.51 -42.80
N GLY C 109 20.42 10.82 -42.92
CA GLY C 109 21.28 11.46 -43.93
C GLY C 109 20.64 11.52 -45.30
N GLU C 110 19.37 11.17 -45.46
CA GLU C 110 18.69 11.20 -46.77
C GLU C 110 17.64 12.29 -46.77
N HIS C 111 17.62 13.09 -47.83
CA HIS C 111 16.54 14.07 -48.14
C HIS C 111 15.34 13.37 -48.77
N LEU C 112 14.23 13.26 -48.06
CA LEU C 112 12.95 12.72 -48.58
C LEU C 112 11.92 13.84 -48.59
N ARG C 113 10.87 13.67 -49.37
CA ARG C 113 9.63 14.42 -49.25
C ARG C 113 8.66 13.48 -48.55
N LEU C 114 7.68 14.01 -47.84
CA LEU C 114 6.69 13.17 -47.12
C LEU C 114 6.02 12.19 -48.10
N PHE C 115 5.80 12.56 -49.37
CA PHE C 115 5.14 11.66 -50.35
C PHE C 115 6.00 10.41 -50.61
N ASP C 116 7.33 10.46 -50.40
CA ASP C 116 8.22 9.28 -50.53
C ASP C 116 7.77 8.18 -49.58
N PHE C 117 7.19 8.50 -48.43
CA PHE C 117 6.86 7.47 -47.41
C PHE C 117 5.91 6.44 -48.01
N THR C 118 4.98 6.85 -48.87
CA THR C 118 4.01 5.94 -49.52
C THR C 118 4.37 5.67 -50.97
N ASN C 119 5.13 6.54 -51.64
CA ASN C 119 5.28 6.50 -53.12
C ASN C 119 6.60 5.85 -53.50
N ASP C 120 7.52 5.70 -52.55
CA ASP C 120 8.92 5.26 -52.85
C ASP C 120 9.56 4.64 -51.61
N PRO C 121 9.03 3.49 -51.12
CA PRO C 121 9.57 2.80 -49.94
C PRO C 121 11.06 2.39 -49.97
N ASP C 122 11.61 2.17 -51.16
CA ASP C 122 13.03 1.74 -51.28
C ASP C 122 13.90 2.93 -50.85
N LYS C 123 13.42 4.15 -51.02
CA LYS C 123 14.14 5.39 -50.68
C LYS C 123 14.09 5.64 -49.17
N VAL C 124 13.09 5.12 -48.46
CA VAL C 124 12.90 5.37 -47.01
C VAL C 124 13.90 4.48 -46.27
N PRO C 125 14.91 5.05 -45.60
CA PRO C 125 16.04 4.25 -45.13
C PRO C 125 15.77 3.59 -43.76
N TYR C 126 14.63 2.91 -43.66
CA TYR C 126 14.17 2.13 -42.48
C TYR C 126 13.78 0.76 -43.01
N LYS C 127 14.26 -0.29 -42.34
CA LYS C 127 13.97 -1.69 -42.73
C LYS C 127 12.62 -2.12 -42.19
N LEU C 128 11.57 -1.56 -42.77
CA LEU C 128 10.19 -1.83 -42.36
C LEU C 128 9.82 -3.22 -42.89
N SER C 129 8.96 -3.94 -42.15
CA SER C 129 8.51 -5.31 -42.44
C SER C 129 7.53 -5.29 -43.61
N PHE C 130 7.14 -6.47 -44.06
CA PHE C 130 6.16 -6.71 -45.15
C PHE C 130 4.88 -5.88 -44.95
N LEU C 131 4.35 -5.81 -43.73
CA LEU C 131 3.08 -5.13 -43.41
C LEU C 131 3.30 -3.62 -43.22
N GLU C 132 4.51 -3.18 -42.86
CA GLU C 132 4.79 -1.80 -42.42
C GLU C 132 5.22 -0.94 -43.60
N LYS C 133 5.93 -1.57 -44.54
CA LYS C 133 6.68 -0.95 -45.65
C LYS C 133 5.71 -0.09 -46.45
N GLY C 134 6.13 1.06 -46.89
CA GLY C 134 5.30 1.89 -47.77
C GLY C 134 4.22 2.63 -47.00
N ASN C 135 4.31 2.74 -45.68
CA ASN C 135 3.26 3.45 -44.88
C ASN C 135 3.84 4.60 -44.06
N THR C 136 3.01 5.57 -43.71
CA THR C 136 3.31 6.66 -42.76
C THR C 136 3.37 6.07 -41.34
N SER C 137 3.94 6.81 -40.38
CA SER C 137 3.95 6.46 -38.94
C SER C 137 2.52 6.36 -38.42
N GLY C 138 1.66 7.33 -38.77
CA GLY C 138 0.23 7.28 -38.45
C GLY C 138 -0.39 5.94 -38.78
N THR C 139 -0.23 5.48 -40.03
CA THR C 139 -0.80 4.19 -40.51
C THR C 139 -0.21 3.03 -39.69
N ILE C 140 1.10 3.02 -39.50
CA ILE C 140 1.79 1.90 -38.79
C ILE C 140 1.28 1.84 -37.33
N ILE C 141 1.27 2.96 -36.63
CA ILE C 141 0.90 2.96 -35.19
C ILE C 141 -0.61 2.68 -35.04
N VAL C 142 -1.49 3.28 -35.85
CA VAL C 142 -2.95 2.99 -35.73
C VAL C 142 -3.18 1.49 -35.93
N ASN C 143 -2.54 0.89 -36.94
CA ASN C 143 -2.69 -0.56 -37.20
C ASN C 143 -2.13 -1.37 -36.01
N ALA C 144 -1.00 -0.96 -35.43
CA ALA C 144 -0.43 -1.63 -34.23
C ALA C 144 -1.47 -1.61 -33.10
N ILE C 145 -2.08 -0.45 -32.88
CA ILE C 145 -3.08 -0.22 -31.80
C ILE C 145 -4.29 -1.13 -32.09
N GLU C 146 -4.71 -1.26 -33.35
CA GLU C 146 -5.84 -2.16 -33.69
C GLU C 146 -5.46 -3.61 -33.35
N GLN C 147 -4.21 -4.03 -33.60
CA GLN C 147 -3.77 -5.42 -33.25
C GLN C 147 -3.86 -5.61 -31.73
N LEU C 148 -3.52 -4.58 -30.94
CA LEU C 148 -3.38 -4.66 -29.46
C LEU C 148 -4.77 -4.65 -28.81
N VAL C 149 -5.67 -3.80 -29.31
CA VAL C 149 -7.04 -3.65 -28.73
C VAL C 149 -8.05 -3.76 -29.87
N PRO C 150 -8.38 -4.99 -30.30
CA PRO C 150 -9.21 -5.14 -31.49
C PRO C 150 -10.54 -4.42 -31.35
N GLY C 151 -10.93 -3.70 -32.40
CA GLY C 151 -12.17 -2.91 -32.48
C GLY C 151 -11.94 -1.46 -32.09
N ILE C 152 -10.82 -1.12 -31.44
CA ILE C 152 -10.61 0.24 -30.84
C ILE C 152 -10.54 1.31 -31.94
N THR C 153 -10.10 0.99 -33.17
CA THR C 153 -9.83 2.02 -34.21
C THR C 153 -11.07 2.20 -35.07
N ASN C 154 -12.15 1.48 -34.77
CA ASN C 154 -13.47 1.71 -35.40
C ASN C 154 -13.82 3.20 -35.28
N THR C 155 -14.02 3.89 -36.41
CA THR C 155 -14.12 5.39 -36.48
C THR C 155 -15.47 5.88 -35.92
N ASP C 156 -16.44 4.98 -35.69
CA ASP C 156 -17.77 5.29 -35.07
C ASP C 156 -17.63 5.57 -33.56
N LEU C 157 -16.52 5.20 -32.91
CA LEU C 157 -16.32 5.39 -31.44
C LEU C 157 -15.76 6.80 -31.15
N THR C 158 -16.18 7.41 -30.04
CA THR C 158 -15.62 8.65 -29.44
C THR C 158 -14.34 8.32 -28.65
N GLU C 159 -13.56 9.34 -28.26
CA GLU C 159 -12.41 9.21 -27.32
C GLU C 159 -12.89 8.52 -26.02
N GLU C 160 -14.05 8.94 -25.51
CA GLU C 160 -14.63 8.48 -24.22
C GLU C 160 -14.97 6.98 -24.32
N GLU C 161 -15.61 6.52 -25.40
CA GLU C 161 -15.91 5.08 -25.63
C GLU C 161 -14.61 4.25 -25.73
N ARG C 162 -13.58 4.79 -26.39
CA ARG C 162 -12.27 4.10 -26.52
C ARG C 162 -11.56 4.01 -25.15
N LEU C 163 -11.63 5.09 -24.36
CA LEU C 163 -11.03 5.15 -23.01
C LEU C 163 -11.66 4.05 -22.16
N LYS C 164 -13.00 3.93 -22.21
CA LYS C 164 -13.81 2.86 -21.54
C LYS C 164 -13.36 1.45 -22.00
N MET C 165 -13.30 1.20 -23.31
CA MET C 165 -12.87 -0.11 -23.87
C MET C 165 -11.48 -0.42 -23.28
N CYS C 166 -10.60 0.58 -23.14
CA CYS C 166 -9.20 0.39 -22.70
C CYS C 166 -9.16 0.06 -21.20
N GLN C 167 -10.12 0.59 -20.44
CA GLN C 167 -10.31 0.35 -18.97
C GLN C 167 -10.71 -1.10 -18.72
N GLU C 168 -11.47 -1.73 -19.63
CA GLU C 168 -11.95 -3.13 -19.52
C GLU C 168 -11.08 -4.09 -20.35
N ALA C 169 -10.19 -3.59 -21.22
CA ALA C 169 -9.39 -4.44 -22.14
C ALA C 169 -8.28 -5.16 -21.37
N THR C 170 -7.97 -6.38 -21.79
CA THR C 170 -6.77 -7.10 -21.34
C THR C 170 -5.89 -7.44 -22.55
N PHE C 171 -4.62 -7.68 -22.26
CA PHE C 171 -3.60 -8.12 -23.23
C PHE C 171 -2.83 -9.27 -22.56
N GLU C 172 -2.96 -10.48 -23.10
CA GLU C 172 -2.34 -11.71 -22.55
C GLU C 172 -2.68 -11.80 -21.05
N GLY C 173 -3.95 -11.57 -20.71
CA GLY C 173 -4.49 -11.80 -19.36
C GLY C 173 -4.28 -10.60 -18.44
N ALA C 174 -3.55 -9.56 -18.85
CA ALA C 174 -3.22 -8.41 -17.97
C ALA C 174 -4.07 -7.20 -18.36
N PRO C 175 -4.66 -6.49 -17.38
CA PRO C 175 -5.35 -5.23 -17.65
C PRO C 175 -4.40 -4.25 -18.34
N LEU C 176 -4.90 -3.54 -19.34
CA LEU C 176 -4.16 -2.54 -20.15
C LEU C 176 -3.50 -1.50 -19.25
N TYR C 177 -4.19 -1.05 -18.17
CA TYR C 177 -3.66 0.04 -17.28
C TYR C 177 -2.37 -0.41 -16.56
N THR C 178 -2.05 -1.70 -16.56
CA THR C 178 -0.78 -2.24 -15.96
C THR C 178 0.33 -2.33 -16.99
N LEU C 179 0.08 -1.95 -18.24
CA LEU C 179 1.07 -2.15 -19.34
C LEU C 179 1.50 -0.82 -19.92
N GLY C 180 2.69 -0.85 -20.53
CA GLY C 180 3.32 0.32 -21.13
C GLY C 180 3.07 0.40 -22.63
N PHE C 181 2.86 1.61 -23.12
CA PHE C 181 2.60 1.91 -24.54
C PHE C 181 3.75 1.39 -25.40
N TRP C 182 4.98 1.75 -25.04
CA TRP C 182 6.22 1.32 -25.73
C TRP C 182 6.35 -0.20 -25.66
N ASN C 183 6.19 -0.82 -24.49
CA ASN C 183 6.22 -2.30 -24.37
C ASN C 183 5.24 -2.92 -25.36
N LEU C 184 4.01 -2.43 -25.43
CA LEU C 184 2.99 -3.10 -26.26
C LEU C 184 3.28 -2.85 -27.74
N LEU C 185 3.66 -1.64 -28.10
CA LEU C 185 3.94 -1.35 -29.53
C LEU C 185 5.06 -2.30 -29.98
N TYR C 186 6.02 -2.60 -29.11
CA TYR C 186 7.19 -3.44 -29.44
C TYR C 186 6.76 -4.89 -29.66
N ARG C 187 5.56 -5.28 -29.25
CA ARG C 187 5.06 -6.66 -29.49
C ARG C 187 4.50 -6.76 -30.90
N VAL C 188 4.19 -5.64 -31.57
CA VAL C 188 3.41 -5.70 -32.84
C VAL C 188 4.08 -4.93 -33.98
N ILE C 189 5.04 -4.04 -33.72
CA ILE C 189 5.80 -3.37 -34.81
C ILE C 189 7.29 -3.70 -34.63
N SER C 190 8.03 -3.68 -35.74
CA SER C 190 9.49 -3.88 -35.78
C SER C 190 10.19 -2.76 -35.00
N GLY C 191 11.40 -3.00 -34.52
CA GLY C 191 12.21 -1.92 -33.94
C GLY C 191 12.39 -0.78 -34.92
N GLU C 192 12.54 -1.10 -36.20
CA GLU C 192 12.69 -0.10 -37.28
C GLU C 192 11.40 0.71 -37.46
N ALA C 193 10.22 0.10 -37.38
CA ALA C 193 8.94 0.84 -37.46
C ALA C 193 8.79 1.79 -36.26
N TYR C 194 9.26 1.37 -35.09
CA TYR C 194 9.18 2.20 -33.88
C TYR C 194 10.08 3.42 -34.10
N GLN C 195 11.31 3.20 -34.56
CA GLN C 195 12.27 4.32 -34.77
C GLN C 195 11.76 5.22 -35.88
N PHE C 196 11.19 4.66 -36.95
CA PHE C 196 10.60 5.45 -38.06
C PHE C 196 9.48 6.34 -37.50
N SER C 197 8.72 5.82 -36.56
CA SER C 197 7.54 6.53 -35.96
C SER C 197 8.03 7.67 -35.07
N ILE C 198 9.07 7.43 -34.27
CA ILE C 198 9.78 8.51 -33.53
C ILE C 198 10.25 9.59 -34.52
N ASP C 199 11.10 9.19 -35.45
CA ASP C 199 11.86 10.14 -36.32
C ASP C 199 10.87 10.95 -37.16
N SER C 200 10.07 10.29 -38.00
CA SER C 200 9.20 10.98 -38.98
C SER C 200 7.98 11.57 -38.29
N GLY C 201 7.59 11.05 -37.13
CA GLY C 201 6.41 11.58 -36.40
C GLY C 201 6.74 12.86 -35.66
N GLY C 202 8.02 13.11 -35.40
CA GLY C 202 8.53 14.38 -34.86
C GLY C 202 8.72 14.42 -33.36
N TYR C 203 8.14 13.47 -32.61
CA TYR C 203 8.15 13.48 -31.13
C TYR C 203 8.82 12.22 -30.59
N ASN C 204 9.63 12.41 -29.56
CA ASN C 204 10.17 11.32 -28.70
C ASN C 204 9.20 11.04 -27.54
N SER C 205 8.51 12.05 -26.96
CA SER C 205 7.78 11.84 -25.67
C SER C 205 6.45 11.12 -25.90
N THR C 206 5.91 11.10 -27.11
CA THR C 206 4.54 10.54 -27.31
C THR C 206 4.54 9.01 -27.24
N LEU C 207 5.65 8.38 -27.57
CA LEU C 207 5.75 6.91 -27.75
C LEU C 207 6.56 6.32 -26.62
N VAL C 208 6.79 7.07 -25.54
CA VAL C 208 7.50 6.52 -24.34
C VAL C 208 6.64 5.49 -23.61
N ASN C 209 7.22 4.86 -22.59
CA ASN C 209 6.56 3.75 -21.86
C ASN C 209 5.64 4.39 -20.82
N TRP C 210 4.57 5.03 -21.29
CA TRP C 210 3.51 5.53 -20.38
C TRP C 210 2.30 4.59 -20.47
N ASN C 211 1.27 4.90 -19.70
CA ASN C 211 0.14 3.99 -19.46
C ASN C 211 -0.54 3.67 -20.78
N ALA C 212 -0.59 2.37 -21.18
CA ALA C 212 -1.18 1.94 -22.46
C ALA C 212 -2.67 2.26 -22.49
N ALA C 213 -3.38 2.10 -21.37
CA ALA C 213 -4.83 2.34 -21.30
C ALA C 213 -5.13 3.80 -21.61
N ASP C 214 -4.26 4.72 -21.19
CA ASP C 214 -4.41 6.18 -21.45
C ASP C 214 -3.79 6.54 -22.81
N ALA C 215 -2.64 5.98 -23.15
CA ALA C 215 -1.88 6.38 -24.36
C ALA C 215 -2.69 6.06 -25.62
N ILE C 216 -3.35 4.90 -25.67
CA ILE C 216 -4.00 4.40 -26.90
C ILE C 216 -5.11 5.35 -27.36
N PRO C 217 -6.14 5.70 -26.55
CA PRO C 217 -7.19 6.63 -27.01
C PRO C 217 -6.65 8.02 -27.32
N TRP C 218 -5.74 8.51 -26.47
CA TRP C 218 -5.04 9.78 -26.66
C TRP C 218 -4.36 9.78 -28.05
N TYR C 219 -3.62 8.72 -28.38
CA TYR C 219 -2.88 8.65 -29.66
C TYR C 219 -3.87 8.66 -30.82
N LEU C 220 -4.95 7.89 -30.71
CA LEU C 220 -5.94 7.74 -31.82
C LEU C 220 -6.59 9.08 -32.16
N SER C 221 -6.89 9.91 -31.16
CA SER C 221 -7.67 11.15 -31.35
C SER C 221 -6.76 12.26 -31.92
N ASP C 222 -5.45 12.18 -31.76
CA ASP C 222 -4.57 13.19 -32.41
C ASP C 222 -3.67 12.53 -33.46
N PHE C 223 -2.54 11.99 -33.01
CA PHE C 223 -1.35 11.60 -33.82
C PHE C 223 -1.68 10.44 -34.76
N GLY C 224 -2.93 9.96 -34.78
CA GLY C 224 -3.32 8.76 -35.53
C GLY C 224 -4.20 9.09 -36.71
N ILE C 225 -5.51 9.08 -36.44
CA ILE C 225 -6.62 9.23 -37.41
C ILE C 225 -6.71 10.72 -37.81
N LYS C 226 -6.17 11.05 -38.99
CA LYS C 226 -6.15 12.34 -39.77
C LYS C 226 -6.33 13.60 -38.92
N PRO C 227 -5.39 13.90 -37.99
CA PRO C 227 -5.59 15.02 -37.09
C PRO C 227 -5.75 16.32 -37.90
N VAL C 228 -6.86 17.05 -37.62
CA VAL C 228 -7.32 18.38 -38.17
C VAL C 228 -7.23 19.44 -37.04
N TYR C 229 -6.49 20.53 -37.25
CA TYR C 229 -6.11 21.51 -36.20
C TYR C 229 -6.54 22.95 -36.56
N LYS C 230 -6.80 23.80 -35.55
CA LYS C 230 -6.96 25.27 -35.69
C LYS C 230 -5.95 26.01 -34.79
N GLY C 231 -5.38 27.08 -35.28
CA GLY C 231 -4.56 28.04 -34.53
C GLY C 231 -5.35 29.29 -34.21
N PHE C 232 -4.74 30.22 -33.46
CA PHE C 232 -5.39 31.44 -32.92
C PHE C 232 -4.77 32.66 -33.60
N LYS C 233 -5.59 33.43 -34.31
CA LYS C 233 -5.17 34.67 -34.99
C LYS C 233 -4.35 35.53 -34.04
N ASN C 234 -4.83 35.75 -32.82
CA ASN C 234 -4.18 36.71 -31.87
C ASN C 234 -3.56 35.96 -30.68
N GLY C 235 -3.32 34.66 -30.83
CA GLY C 235 -2.59 33.85 -29.84
C GLY C 235 -3.53 33.13 -28.91
N PHE C 236 -3.21 31.87 -28.60
CA PHE C 236 -3.94 31.00 -27.67
C PHE C 236 -4.03 31.72 -26.31
N GLN C 237 -3.02 32.51 -25.99
CA GLN C 237 -2.88 33.12 -24.65
C GLN C 237 -4.01 34.11 -24.41
N GLN C 238 -4.67 34.61 -25.46
CA GLN C 238 -5.83 35.50 -25.28
C GLN C 238 -6.88 34.78 -24.45
N VAL C 239 -6.93 33.44 -24.45
CA VAL C 239 -7.98 32.69 -23.71
C VAL C 239 -7.82 32.97 -22.21
N PRO C 240 -6.66 32.64 -21.57
CA PRO C 240 -6.49 32.91 -20.15
C PRO C 240 -6.47 34.41 -19.84
N ILE C 241 -5.89 35.23 -20.69
CA ILE C 241 -5.87 36.72 -20.46
C ILE C 241 -7.33 37.24 -20.37
N SER C 242 -8.21 36.82 -21.27
CA SER C 242 -9.65 37.24 -21.31
C SER C 242 -10.35 36.79 -20.03
N LEU C 243 -10.11 35.55 -19.60
CA LEU C 243 -10.78 35.03 -18.38
C LEU C 243 -10.29 35.82 -17.16
N ALA C 244 -9.00 36.14 -17.09
CA ALA C 244 -8.45 36.97 -15.99
C ALA C 244 -9.20 38.30 -15.98
N ASN C 245 -9.27 38.96 -17.14
CA ASN C 245 -9.98 40.26 -17.29
C ASN C 245 -11.40 40.12 -16.77
N PHE C 246 -12.15 39.08 -17.18
CA PHE C 246 -13.55 38.88 -16.74
C PHE C 246 -13.61 38.77 -15.21
N PHE C 247 -12.72 37.95 -14.65
CA PHE C 247 -12.66 37.72 -13.19
C PHE C 247 -12.51 39.07 -12.48
N GLU C 248 -11.60 39.93 -12.95
CA GLU C 248 -11.31 41.24 -12.31
C GLU C 248 -12.50 42.21 -12.51
N GLU C 249 -13.08 42.28 -13.70
CA GLU C 249 -14.30 43.09 -13.96
C GLU C 249 -15.39 42.69 -12.96
N ASP C 250 -15.46 41.40 -12.62
CA ASP C 250 -16.54 40.85 -11.77
C ASP C 250 -16.18 41.04 -10.29
N GLY C 251 -15.02 41.65 -9.98
CA GLY C 251 -14.61 41.98 -8.60
C GLY C 251 -13.61 40.98 -8.03
N GLY C 252 -13.12 40.05 -8.85
CA GLY C 252 -12.03 39.15 -8.43
C GLY C 252 -10.73 39.92 -8.33
N GLU C 253 -9.79 39.40 -7.55
CA GLU C 253 -8.44 40.00 -7.46
C GLU C 253 -7.39 38.99 -7.97
N ILE C 254 -6.46 39.49 -8.78
CA ILE C 254 -5.28 38.74 -9.25
C ILE C 254 -4.02 39.39 -8.67
N ARG C 255 -3.15 38.58 -8.07
CA ARG C 255 -1.81 39.00 -7.62
C ARG C 255 -0.76 38.23 -8.40
N LEU C 256 -0.01 38.98 -9.21
CA LEU C 256 1.20 38.49 -9.93
C LEU C 256 2.41 38.60 -8.98
N ASN C 257 3.50 37.91 -9.28
CA ASN C 257 4.77 37.93 -8.50
C ASN C 257 4.46 37.51 -7.07
N ALA C 258 3.50 36.62 -6.91
CA ALA C 258 2.99 36.13 -5.61
C ALA C 258 3.14 34.61 -5.58
N LYS C 259 4.33 34.16 -5.21
CA LYS C 259 4.68 32.72 -5.16
C LYS C 259 4.15 32.14 -3.84
N LEU C 260 3.32 31.10 -3.90
CA LEU C 260 3.00 30.29 -2.69
C LEU C 260 4.26 29.52 -2.30
N GLU C 261 4.78 29.72 -1.08
CA GLU C 261 6.04 29.10 -0.57
C GLU C 261 5.70 27.81 0.16
N GLY C 262 4.47 27.69 0.66
CA GLY C 262 3.99 26.52 1.41
C GLY C 262 2.67 26.83 2.07
N PHE C 263 1.96 25.84 2.59
CA PHE C 263 0.71 26.09 3.33
C PHE C 263 0.55 25.05 4.43
N GLU C 264 -0.05 25.52 5.52
CA GLU C 264 -0.43 24.72 6.70
C GLU C 264 -1.95 24.76 6.79
N PHE C 265 -2.55 23.72 7.35
CA PHE C 265 -3.99 23.66 7.69
C PHE C 265 -4.13 23.68 9.21
N LYS C 266 -4.55 24.80 9.78
CA LYS C 266 -4.69 25.06 11.24
C LYS C 266 -6.04 25.74 11.49
N ASN C 267 -6.81 25.27 12.47
CA ASN C 267 -8.08 25.93 12.91
C ASN C 267 -9.06 25.98 11.74
N ASN C 268 -9.17 24.89 10.98
CA ASN C 268 -10.08 24.77 9.82
C ASN C 268 -9.83 25.88 8.77
N LEU C 269 -8.62 26.41 8.70
CA LEU C 269 -8.21 27.44 7.70
C LEU C 269 -6.95 26.94 6.98
N PHE C 270 -6.73 27.37 5.75
CA PHE C 270 -5.41 27.28 5.08
C PHE C 270 -4.65 28.53 5.47
N GLU C 271 -3.44 28.34 6.00
CA GLU C 271 -2.45 29.42 6.21
C GLU C 271 -1.47 29.36 5.05
N LEU C 272 -1.55 30.29 4.12
CA LEU C 272 -0.68 30.35 2.92
C LEU C 272 0.50 31.25 3.23
N THR C 273 1.72 30.80 3.02
CA THR C 273 2.91 31.68 3.07
C THR C 273 3.17 32.20 1.65
N ILE C 274 3.01 33.50 1.45
CA ILE C 274 3.19 34.21 0.16
C ILE C 274 3.96 35.50 0.45
N ASP C 275 5.16 35.65 -0.11
CA ASP C 275 6.04 36.84 0.08
C ASP C 275 6.37 37.03 1.56
N GLY C 276 6.61 35.93 2.30
CA GLY C 276 6.90 35.96 3.74
C GLY C 276 5.76 36.50 4.62
N GLU C 277 4.54 36.63 4.08
CA GLU C 277 3.31 36.97 4.84
C GLU C 277 2.41 35.74 4.91
N ILE C 278 1.58 35.65 5.94
CA ILE C 278 0.57 34.58 6.07
C ILE C 278 -0.78 35.14 5.63
N ILE C 279 -1.45 34.41 4.74
CA ILE C 279 -2.85 34.72 4.31
C ILE C 279 -3.73 33.54 4.65
N GLU C 280 -4.87 33.80 5.29
CA GLU C 280 -5.82 32.74 5.69
C GLU C 280 -6.86 32.64 4.59
N ALA C 281 -7.22 31.41 4.23
CA ALA C 281 -8.26 31.15 3.22
C ALA C 281 -9.07 29.97 3.70
N THR C 282 -10.36 29.93 3.44
CA THR C 282 -11.16 28.77 3.88
C THR C 282 -11.02 27.65 2.85
N GLN C 283 -10.90 27.96 1.54
CA GLN C 283 -10.62 26.92 0.50
C GLN C 283 -9.35 27.26 -0.28
N LEU C 284 -8.60 26.24 -0.64
CA LEU C 284 -7.36 26.38 -1.46
C LEU C 284 -7.47 25.51 -2.72
N ILE C 285 -7.30 26.15 -3.88
CA ILE C 285 -7.32 25.48 -5.20
C ILE C 285 -5.93 25.64 -5.80
N LEU C 286 -5.27 24.52 -6.08
CA LEU C 286 -3.92 24.49 -6.72
C LEU C 286 -4.15 24.13 -8.20
N ALA C 287 -4.04 25.15 -9.06
CA ALA C 287 -4.27 25.02 -10.52
C ALA C 287 -2.91 24.92 -11.17
N MET C 288 -2.26 23.77 -11.02
CA MET C 288 -0.82 23.64 -11.31
C MET C 288 -0.48 22.17 -11.50
N PRO C 289 0.55 21.87 -12.33
CA PRO C 289 0.91 20.49 -12.62
C PRO C 289 1.73 19.83 -11.49
N ARG C 290 2.07 18.57 -11.69
CA ARG C 290 2.77 17.74 -10.67
C ARG C 290 4.03 18.46 -10.15
N ARG C 291 4.87 18.96 -11.03
CA ARG C 291 6.17 19.50 -10.58
C ARG C 291 5.90 20.67 -9.62
N SER C 292 4.85 21.44 -9.88
CA SER C 292 4.49 22.60 -9.04
C SER C 292 4.05 22.12 -7.66
N LEU C 293 3.29 21.02 -7.61
CA LEU C 293 2.90 20.34 -6.36
C LEU C 293 4.15 19.80 -5.66
N ASP C 294 5.09 19.19 -6.39
CA ASP C 294 6.33 18.61 -5.81
C ASP C 294 7.13 19.72 -5.13
N LEU C 295 7.23 20.89 -5.76
CA LEU C 295 8.03 22.00 -5.21
C LEU C 295 7.39 22.52 -3.90
N LEU C 296 6.10 22.32 -3.68
CA LEU C 296 5.40 22.84 -2.48
C LEU C 296 5.45 21.81 -1.34
N THR C 297 5.83 20.56 -1.63
CA THR C 297 5.60 19.41 -0.76
C THR C 297 6.40 19.53 0.55
N ASN C 298 7.66 19.98 0.54
CA ASN C 298 8.51 20.05 1.76
C ASN C 298 7.91 21.07 2.75
N THR C 299 7.21 22.11 2.30
CA THR C 299 6.64 23.17 3.18
C THR C 299 5.11 23.07 3.25
N SER C 300 4.50 21.92 2.91
CA SER C 300 3.04 21.75 2.84
C SER C 300 2.66 20.34 3.28
N PRO C 301 2.57 20.09 4.61
CA PRO C 301 2.26 18.76 5.14
C PRO C 301 1.13 18.00 4.45
N LYS C 302 0.06 18.67 4.03
CA LYS C 302 -1.10 17.97 3.42
C LYS C 302 -0.65 17.31 2.09
N LEU C 303 0.24 17.95 1.32
CA LEU C 303 0.74 17.38 0.05
C LEU C 303 1.58 16.13 0.34
N GLN C 304 2.25 16.07 1.50
CA GLN C 304 3.06 14.89 1.91
C GLN C 304 2.15 13.68 2.15
N GLU C 305 0.86 13.90 2.41
CA GLU C 305 -0.12 12.81 2.68
C GLU C 305 -0.59 12.19 1.35
N ILE C 306 -0.37 12.83 0.19
CA ILE C 306 -1.00 12.39 -1.09
C ILE C 306 0.08 12.19 -2.17
N GLN C 307 1.25 11.71 -1.78
CA GLN C 307 2.42 11.51 -2.69
C GLN C 307 2.07 10.55 -3.83
N SER C 308 1.34 9.48 -3.56
CA SER C 308 1.08 8.43 -4.58
C SER C 308 0.12 9.00 -5.64
N LEU C 309 -0.81 9.90 -5.25
CA LEU C 309 -1.69 10.62 -6.19
C LEU C 309 -0.86 11.58 -7.04
N ILE C 310 -0.08 12.45 -6.40
CA ILE C 310 0.74 13.47 -7.09
C ILE C 310 1.72 12.77 -8.06
N GLY C 311 2.32 11.67 -7.62
CA GLY C 311 3.34 10.89 -8.35
C GLY C 311 2.77 10.00 -9.45
N SER C 312 1.48 10.14 -9.79
CA SER C 312 0.81 9.19 -10.72
C SER C 312 1.03 9.61 -12.19
N VAL C 313 1.69 10.74 -12.44
CA VAL C 313 2.02 11.22 -13.79
C VAL C 313 3.51 11.56 -13.81
N THR C 314 4.08 11.64 -15.03
CA THR C 314 5.50 12.00 -15.25
C THR C 314 5.52 13.25 -16.11
N PRO C 315 6.24 14.32 -15.70
CA PRO C 315 6.40 15.49 -16.55
C PRO C 315 7.24 15.12 -17.79
N ARG C 316 6.86 15.71 -18.94
CA ARG C 316 7.49 15.50 -20.25
C ARG C 316 7.92 16.85 -20.79
N PRO C 317 9.20 17.22 -20.64
CA PRO C 317 9.72 18.47 -21.18
C PRO C 317 9.39 18.58 -22.68
N LEU C 318 9.14 19.82 -23.11
CA LEU C 318 9.00 20.24 -24.51
C LEU C 318 9.84 21.51 -24.66
N PHE C 319 10.41 21.71 -25.85
CA PHE C 319 11.29 22.85 -26.15
C PHE C 319 10.86 23.45 -27.49
N LYS C 320 10.72 24.76 -27.56
CA LYS C 320 10.43 25.47 -28.83
C LYS C 320 11.41 26.63 -28.95
N VAL C 321 11.89 26.86 -30.17
CA VAL C 321 12.68 28.07 -30.51
C VAL C 321 12.23 28.54 -31.89
N PHE C 322 11.95 29.83 -32.01
CA PHE C 322 11.51 30.50 -33.25
C PHE C 322 12.65 31.35 -33.77
N THR C 323 12.79 31.43 -35.10
CA THR C 323 13.77 32.31 -35.78
C THR C 323 13.02 33.08 -36.88
N THR C 324 13.46 34.30 -37.15
CA THR C 324 12.88 35.19 -38.19
C THR C 324 13.97 35.58 -39.18
N TYR C 325 13.54 35.94 -40.38
CA TYR C 325 14.39 36.21 -41.56
C TYR C 325 13.72 37.31 -42.36
N SER C 326 14.49 37.99 -43.20
CA SER C 326 13.98 39.08 -44.06
C SER C 326 13.18 38.47 -45.23
N SER C 327 13.29 37.15 -45.46
CA SER C 327 12.57 36.44 -46.55
C SER C 327 12.35 34.99 -46.17
N PRO C 328 11.29 34.34 -46.69
CA PRO C 328 11.05 32.92 -46.41
C PRO C 328 11.91 32.06 -47.34
N TRP C 329 13.18 31.92 -46.99
CA TRP C 329 14.23 31.32 -47.85
C TRP C 329 13.90 29.84 -48.13
N TRP C 330 13.19 29.19 -47.22
CA TRP C 330 12.79 27.77 -47.35
C TRP C 330 11.95 27.53 -48.63
N ARG C 331 11.26 28.56 -49.14
CA ARG C 331 10.36 28.40 -50.31
C ARG C 331 11.16 27.95 -51.52
N ASN C 332 12.47 28.20 -51.50
CA ASN C 332 13.38 27.83 -52.60
C ASN C 332 13.78 26.35 -52.50
N ALA C 333 13.31 25.61 -51.49
CA ALA C 333 13.63 24.18 -51.29
C ALA C 333 12.43 23.30 -51.65
N GLY C 334 11.56 23.80 -52.52
CA GLY C 334 10.51 22.98 -53.16
C GLY C 334 11.06 22.23 -54.37
N TYR C 335 10.20 21.75 -55.25
CA TYR C 335 10.61 20.94 -56.42
C TYR C 335 9.69 21.23 -57.60
N THR C 336 10.17 20.80 -58.77
CA THR C 336 9.54 20.98 -60.09
C THR C 336 8.78 19.70 -60.41
N ASP C 337 7.46 19.79 -60.62
CA ASP C 337 6.63 18.59 -60.81
C ASP C 337 6.86 18.07 -62.24
N SER C 338 6.25 16.93 -62.55
CA SER C 338 6.34 16.21 -63.85
C SER C 338 5.82 17.07 -65.01
N GLU C 339 5.13 18.19 -64.75
CA GLU C 339 4.58 19.10 -65.80
C GLU C 339 5.37 20.41 -65.83
N GLY C 340 6.49 20.49 -65.10
CA GLY C 340 7.33 21.70 -65.05
C GLY C 340 6.79 22.82 -64.16
N GLY C 341 5.79 22.56 -63.31
CA GLY C 341 5.34 23.57 -62.33
C GLY C 341 6.16 23.47 -61.05
N TYR C 342 6.44 24.61 -60.41
CA TYR C 342 7.19 24.67 -59.15
C TYR C 342 6.24 24.48 -57.98
N ILE C 343 6.59 23.58 -57.05
CA ILE C 343 5.85 23.28 -55.81
C ILE C 343 6.66 23.85 -54.65
N PRO C 344 6.24 25.01 -54.09
CA PRO C 344 7.02 25.66 -53.04
C PRO C 344 6.91 24.90 -51.71
N LEU C 345 7.98 24.94 -50.92
CA LEU C 345 7.99 24.50 -49.52
C LEU C 345 7.55 25.70 -48.67
N GLN C 346 6.38 25.67 -48.07
CA GLN C 346 5.90 26.91 -47.44
C GLN C 346 4.88 26.74 -46.33
N SER C 347 4.42 25.54 -46.00
CA SER C 347 3.45 25.43 -44.90
C SER C 347 3.58 24.06 -44.23
N GLY C 348 3.20 24.02 -42.95
CA GLY C 348 3.23 22.80 -42.13
C GLY C 348 4.65 22.55 -41.65
N ARG C 349 4.98 21.27 -41.54
CA ARG C 349 6.11 20.75 -40.76
C ARG C 349 7.08 19.97 -41.67
N THR C 350 8.37 20.25 -41.51
CA THR C 350 9.50 19.42 -41.98
C THR C 350 10.08 18.70 -40.76
N VAL C 351 10.46 17.43 -40.90
CA VAL C 351 10.94 16.58 -39.76
C VAL C 351 12.36 16.09 -40.04
N THR C 352 13.05 15.71 -38.98
CA THR C 352 14.43 15.21 -39.06
C THR C 352 14.74 14.38 -37.83
N ASP C 353 15.74 13.50 -37.96
CA ASP C 353 16.28 12.75 -36.81
C ASP C 353 17.38 13.60 -36.16
N LEU C 354 17.78 14.73 -36.75
CA LEU C 354 18.71 15.67 -36.08
C LEU C 354 18.01 16.25 -34.86
N PRO C 355 18.75 16.84 -33.90
CA PRO C 355 18.12 17.43 -32.72
C PRO C 355 17.07 18.53 -32.98
N ILE C 356 17.09 19.20 -34.13
CA ILE C 356 15.97 20.13 -34.50
C ILE C 356 14.64 19.38 -34.42
N ARG C 357 14.59 18.14 -34.94
CA ARG C 357 13.42 17.23 -34.96
C ARG C 357 12.22 17.74 -35.78
N GLN C 358 11.72 18.93 -35.51
CA GLN C 358 10.50 19.48 -36.18
C GLN C 358 10.71 20.96 -36.46
N THR C 359 10.47 21.37 -37.70
CA THR C 359 10.50 22.78 -38.15
C THR C 359 9.13 23.11 -38.77
N TYR C 360 8.49 24.17 -38.32
CA TYR C 360 7.25 24.67 -38.94
C TYR C 360 7.49 25.98 -39.69
N TYR C 361 6.98 26.04 -40.90
CA TYR C 361 6.89 27.27 -41.73
C TYR C 361 5.71 28.05 -41.16
N TRP C 362 6.00 29.05 -40.33
CA TRP C 362 4.96 29.66 -39.47
C TRP C 362 3.95 30.42 -40.35
N PRO C 363 2.65 30.15 -40.17
CA PRO C 363 1.63 30.78 -40.98
C PRO C 363 1.39 32.23 -40.52
N LYS C 364 0.90 33.04 -41.45
CA LYS C 364 0.23 34.33 -41.14
C LYS C 364 -1.00 34.07 -40.26
N ASN C 365 -1.48 35.12 -39.60
CA ASN C 365 -2.59 35.03 -38.61
C ASN C 365 -3.92 34.68 -39.28
N ASN C 366 -3.99 34.56 -40.60
CA ASN C 366 -5.19 34.07 -41.32
C ASN C 366 -4.95 32.62 -41.81
N GLY C 367 -3.86 31.98 -41.40
CA GLY C 367 -3.58 30.58 -41.79
C GLY C 367 -2.85 30.45 -43.11
N GLN C 368 -2.64 31.55 -43.85
CA GLN C 368 -2.06 31.54 -45.21
C GLN C 368 -0.54 31.52 -45.07
N PRO C 369 0.18 30.92 -46.03
CA PRO C 369 1.64 30.88 -45.98
C PRO C 369 2.24 32.28 -46.17
N SER C 370 3.40 32.49 -45.55
CA SER C 370 4.24 33.67 -45.79
C SER C 370 5.01 33.46 -47.07
N VAL C 371 4.76 34.26 -48.11
CA VAL C 371 5.36 34.01 -49.47
C VAL C 371 6.43 35.06 -49.77
N SER C 372 6.58 36.09 -48.94
CA SER C 372 7.56 37.18 -49.15
C SER C 372 7.72 38.00 -47.87
N GLY C 373 8.81 38.76 -47.78
CA GLY C 373 9.04 39.68 -46.64
C GLY C 373 9.35 38.93 -45.34
N GLU C 374 9.38 39.68 -44.23
CA GLU C 374 9.84 39.20 -42.90
C GLU C 374 9.04 37.96 -42.53
N SER C 375 9.71 36.84 -42.29
CA SER C 375 9.04 35.53 -42.13
C SER C 375 9.62 34.77 -40.94
N MET C 376 8.94 33.71 -40.52
CA MET C 376 9.34 33.04 -39.27
C MET C 376 9.30 31.51 -39.41
N LEU C 377 10.27 30.85 -38.78
CA LEU C 377 10.22 29.40 -38.50
C LEU C 377 9.90 29.18 -37.03
N LEU C 378 9.09 28.18 -36.71
CA LEU C 378 9.32 27.39 -35.48
C LEU C 378 10.53 26.50 -35.84
N ALA C 379 11.73 27.01 -35.58
CA ALA C 379 13.01 26.44 -36.03
C ALA C 379 13.16 25.02 -35.48
N SER C 380 12.87 24.84 -34.20
CA SER C 380 12.88 23.50 -33.57
C SER C 380 11.77 23.43 -32.55
N TYR C 381 10.96 22.40 -32.67
CA TYR C 381 10.02 21.89 -31.65
C TYR C 381 10.48 20.48 -31.37
N ASP C 382 11.12 20.27 -30.23
CA ASP C 382 11.83 19.02 -29.94
C ASP C 382 11.55 18.60 -28.49
N ASP C 383 11.68 17.30 -28.23
CA ASP C 383 11.52 16.73 -26.88
C ASP C 383 12.53 15.59 -26.67
N GLY C 384 12.35 14.85 -25.59
CA GLY C 384 13.24 13.74 -25.19
C GLY C 384 14.66 14.22 -25.10
N SER C 385 15.60 13.38 -25.51
CA SER C 385 17.05 13.62 -25.27
C SER C 385 17.52 14.81 -26.12
N ASN C 386 16.70 15.27 -27.08
CA ASN C 386 17.11 16.40 -27.97
C ASN C 386 17.19 17.72 -27.18
N ILE C 387 16.47 17.85 -26.08
CA ILE C 387 16.42 19.14 -25.32
C ILE C 387 17.80 19.40 -24.70
N GLY C 388 18.45 18.36 -24.18
CA GLY C 388 19.82 18.49 -23.62
C GLY C 388 20.80 19.06 -24.64
N PHE C 389 20.62 18.76 -25.93
CA PHE C 389 21.52 19.29 -26.99
C PHE C 389 21.41 20.82 -27.02
N TRP C 390 20.19 21.35 -27.08
CA TRP C 390 19.92 22.83 -27.19
C TRP C 390 20.26 23.52 -25.86
N ASP C 391 19.88 22.91 -24.74
CA ASP C 391 20.18 23.42 -23.38
C ASP C 391 21.68 23.65 -23.22
N GLY C 392 22.53 22.71 -23.65
CA GLY C 392 23.98 22.84 -23.47
C GLY C 392 24.57 24.03 -24.21
N LEU C 393 23.83 24.61 -25.16
CA LEU C 393 24.34 25.77 -25.92
C LEU C 393 24.02 27.08 -25.21
N ARG C 394 23.25 27.06 -24.13
CA ARG C 394 22.92 28.27 -23.32
C ARG C 394 24.11 28.62 -22.43
N PRO C 395 24.40 29.91 -22.23
CA PRO C 395 25.49 30.33 -21.33
C PRO C 395 25.12 30.23 -19.84
N LYS C 428 -7.99 44.36 -26.90
CA LYS C 428 -7.19 43.16 -26.48
C LYS C 428 -5.69 43.51 -26.41
N ALA C 429 -4.91 42.74 -25.64
CA ALA C 429 -3.43 42.85 -25.61
C ALA C 429 -2.83 41.56 -25.05
N LEU C 430 -1.64 41.21 -25.54
CA LEU C 430 -0.80 40.14 -24.96
C LEU C 430 -0.05 40.77 -23.78
N ASN C 431 0.69 39.98 -23.00
CA ASN C 431 1.26 40.46 -21.72
C ASN C 431 2.73 40.05 -21.61
N GLN C 432 3.33 39.48 -22.66
CA GLN C 432 4.78 39.17 -22.73
C GLN C 432 5.32 39.63 -24.08
N THR C 433 6.60 39.99 -24.13
CA THR C 433 7.27 40.33 -25.40
C THR C 433 8.22 39.20 -25.79
N TRP C 434 8.44 39.08 -27.10
CA TRP C 434 9.50 38.28 -27.74
C TRP C 434 10.83 38.45 -27.00
N HIS C 435 11.24 39.69 -26.75
CA HIS C 435 12.56 40.04 -26.18
C HIS C 435 12.75 39.33 -24.83
N GLN C 436 11.69 39.13 -24.05
CA GLN C 436 11.80 38.47 -22.74
C GLN C 436 12.23 37.01 -22.88
N TYR C 437 12.17 36.42 -24.09
CA TYR C 437 12.53 34.99 -24.30
C TYR C 437 13.66 34.89 -25.32
N LYS C 438 14.44 35.97 -25.46
CA LYS C 438 15.48 36.03 -26.52
C LYS C 438 16.41 34.81 -26.42
N ALA C 439 16.77 34.21 -27.56
CA ALA C 439 17.65 33.03 -27.63
C ALA C 439 19.10 33.46 -27.66
N PRO C 440 20.02 32.69 -27.06
CA PRO C 440 21.45 32.99 -27.16
C PRO C 440 22.07 32.63 -28.51
N ARG C 441 23.10 33.37 -28.87
CA ARG C 441 23.72 33.35 -30.21
C ARG C 441 24.18 31.93 -30.57
N LYS C 442 24.90 31.25 -29.68
CA LYS C 442 25.49 29.91 -29.97
C LYS C 442 24.37 28.92 -30.31
N MET C 443 23.26 28.95 -29.58
CA MET C 443 22.08 28.10 -29.84
C MET C 443 21.60 28.42 -31.27
N VAL C 444 21.48 29.70 -31.63
CA VAL C 444 20.95 30.13 -32.95
C VAL C 444 21.90 29.65 -34.07
N GLU C 445 23.20 29.76 -33.88
CA GLU C 445 24.20 29.35 -34.89
C GLU C 445 24.07 27.85 -35.18
N GLU C 446 23.83 27.03 -34.16
CA GLU C 446 23.71 25.56 -34.35
C GLU C 446 22.36 25.27 -35.03
N LEU C 447 21.30 25.98 -34.66
CA LEU C 447 20.01 25.86 -35.36
C LEU C 447 20.23 26.16 -36.84
N SER C 448 20.93 27.25 -37.17
CA SER C 448 21.16 27.69 -38.59
C SER C 448 21.91 26.61 -39.36
N ARG C 449 22.96 26.04 -38.77
CA ARG C 449 23.75 24.91 -39.34
C ARG C 449 22.78 23.77 -39.69
N GLN C 450 21.96 23.33 -38.73
CA GLN C 450 21.07 22.16 -38.92
C GLN C 450 19.98 22.51 -39.96
N LEU C 451 19.37 23.71 -39.90
CA LEU C 451 18.33 24.08 -40.89
C LEU C 451 18.90 23.97 -42.30
N LYS C 452 20.16 24.37 -42.47
CA LYS C 452 20.85 24.33 -43.79
C LYS C 452 21.03 22.87 -44.24
N GLN C 453 21.50 22.01 -43.36
CA GLN C 453 21.69 20.57 -43.69
C GLN C 453 20.31 19.94 -44.00
N ILE C 454 19.29 20.28 -43.22
CA ILE C 454 17.90 19.74 -43.44
C ILE C 454 17.38 20.15 -44.82
N HIS C 455 17.58 21.40 -45.22
CA HIS C 455 17.00 21.96 -46.47
C HIS C 455 17.98 21.78 -47.64
N ASP C 456 19.18 21.25 -47.36
CA ASP C 456 20.25 20.98 -48.35
C ASP C 456 20.73 22.27 -49.04
N VAL C 457 20.95 23.34 -48.27
CA VAL C 457 21.52 24.62 -48.78
C VAL C 457 22.77 24.94 -47.96
N ASP C 458 23.73 25.69 -48.53
CA ASP C 458 24.94 26.15 -47.77
C ASP C 458 24.77 27.63 -47.42
N TYR C 459 23.75 28.30 -47.95
CA TYR C 459 23.54 29.75 -47.64
C TYR C 459 22.08 29.98 -47.28
N THR C 460 21.86 30.68 -46.17
CA THR C 460 20.53 31.24 -45.81
C THR C 460 20.75 32.67 -45.30
N PRO C 461 19.79 33.57 -45.59
CA PRO C 461 19.78 34.91 -45.01
C PRO C 461 19.84 34.81 -43.49
N ALA C 462 20.51 35.78 -42.88
CA ALA C 462 20.85 35.81 -41.45
C ALA C 462 19.56 35.73 -40.63
N VAL C 463 19.62 35.05 -39.49
CA VAL C 463 18.56 35.14 -38.46
C VAL C 463 18.51 36.59 -37.96
N LYS C 464 17.34 37.22 -37.97
CA LYS C 464 17.13 38.61 -37.48
C LYS C 464 16.79 38.55 -35.99
N ASN C 465 15.90 37.65 -35.59
CA ASN C 465 15.39 37.58 -34.20
C ASN C 465 15.17 36.12 -33.85
N ALA C 466 15.30 35.78 -32.58
CA ALA C 466 15.12 34.41 -32.08
C ALA C 466 14.62 34.46 -30.64
N SER C 467 13.69 33.58 -30.32
CA SER C 467 13.12 33.38 -28.97
C SER C 467 12.93 31.89 -28.71
N PHE C 468 12.95 31.48 -27.44
CA PHE C 468 12.86 30.06 -27.05
C PHE C 468 12.21 29.95 -25.67
N ARG C 469 11.75 28.74 -25.38
CA ARG C 469 11.22 28.35 -24.07
C ARG C 469 11.51 26.88 -23.87
N ASP C 470 12.12 26.55 -22.73
CA ASP C 470 12.34 25.17 -22.24
C ASP C 470 11.34 24.90 -21.13
N TRP C 471 10.30 24.12 -21.43
CA TRP C 471 9.19 23.85 -20.48
C TRP C 471 9.54 22.70 -19.53
N GLY C 472 10.76 22.18 -19.58
CA GLY C 472 11.26 21.28 -18.52
C GLY C 472 11.58 22.06 -17.25
N GLU C 473 11.79 23.37 -17.36
CA GLU C 473 12.19 24.24 -16.24
C GLU C 473 11.09 24.32 -15.16
N ASP C 474 11.51 24.49 -13.92
CA ASP C 474 10.61 24.78 -12.78
C ASP C 474 9.85 26.05 -13.13
N PRO C 475 8.59 26.21 -12.71
CA PRO C 475 7.86 25.20 -11.94
C PRO C 475 7.06 24.14 -12.72
N PHE C 476 7.24 24.08 -14.06
CA PHE C 476 6.37 23.28 -14.96
C PHE C 476 6.79 21.80 -14.96
N GLY C 477 8.10 21.54 -14.99
CA GLY C 477 8.69 20.18 -15.07
C GLY C 477 8.57 19.57 -16.46
N GLY C 478 7.50 19.89 -17.17
CA GLY C 478 7.27 19.43 -18.54
C GLY C 478 6.27 20.31 -19.26
N GLY C 479 6.28 20.23 -20.58
CA GLY C 479 5.23 20.82 -21.43
C GLY C 479 3.91 20.09 -21.24
N TRP C 480 3.96 18.79 -21.02
CA TRP C 480 2.79 17.93 -20.72
C TRP C 480 3.17 16.92 -19.64
N ASN C 481 2.17 16.20 -19.13
CA ASN C 481 2.37 15.18 -18.08
C ASN C 481 1.63 13.93 -18.53
N SER C 482 2.24 12.77 -18.35
CA SER C 482 1.70 11.49 -18.87
C SER C 482 1.35 10.57 -17.71
N TRP C 483 0.20 9.91 -17.79
CA TRP C 483 -0.19 8.86 -16.82
C TRP C 483 0.88 7.75 -16.77
N ASN C 484 1.28 7.37 -15.56
CA ASN C 484 2.25 6.27 -15.32
C ASN C 484 1.55 4.91 -15.47
N ILE C 485 2.35 3.92 -15.85
CA ILE C 485 1.94 2.49 -15.90
C ILE C 485 1.47 2.08 -14.50
N GLY C 486 0.44 1.25 -14.39
CA GLY C 486 -0.07 0.72 -13.11
C GLY C 486 -1.04 1.69 -12.43
N VAL C 487 -1.16 2.93 -12.88
CA VAL C 487 -2.15 3.91 -12.34
C VAL C 487 -3.49 3.66 -13.01
N LYS C 488 -4.58 3.82 -12.27
CA LYS C 488 -5.95 3.87 -12.84
C LYS C 488 -6.35 5.33 -12.96
N SER C 489 -6.15 5.92 -14.13
CA SER C 489 -6.41 7.36 -14.39
C SER C 489 -7.85 7.70 -14.01
N TRP C 490 -8.79 6.79 -14.26
CA TRP C 490 -10.24 7.07 -14.07
C TRP C 490 -10.51 7.27 -12.59
N GLU C 491 -9.70 6.68 -11.70
CA GLU C 491 -9.84 6.84 -10.24
C GLU C 491 -9.06 8.08 -9.79
N VAL C 492 -7.83 8.23 -10.24
CA VAL C 492 -6.95 9.33 -9.75
C VAL C 492 -7.57 10.66 -10.19
N LYS C 493 -8.07 10.77 -11.43
CA LYS C 493 -8.57 12.09 -11.91
C LYS C 493 -9.78 12.53 -11.05
N GLU C 494 -10.62 11.61 -10.60
CA GLU C 494 -11.82 11.90 -9.76
C GLU C 494 -11.37 12.20 -8.32
N LYS C 495 -10.36 11.51 -7.82
CA LYS C 495 -9.87 11.63 -6.42
C LYS C 495 -9.07 12.93 -6.27
N ILE C 496 -8.13 13.21 -7.16
CA ILE C 496 -7.08 14.23 -6.90
C ILE C 496 -7.68 15.64 -6.96
N VAL C 497 -8.85 15.85 -7.59
CA VAL C 497 -9.44 17.22 -7.63
C VAL C 497 -9.76 17.67 -6.19
N HIS C 498 -9.99 16.73 -5.29
CA HIS C 498 -10.34 16.99 -3.85
C HIS C 498 -9.78 15.81 -3.05
N PRO C 499 -8.45 15.77 -2.87
CA PRO C 499 -7.76 14.51 -2.52
C PRO C 499 -7.81 14.08 -1.04
N ILE C 500 -8.19 14.95 -0.10
CA ILE C 500 -8.29 14.63 1.35
C ILE C 500 -9.72 14.95 1.82
N ASP C 501 -10.45 13.93 2.30
CA ASP C 501 -11.84 14.06 2.80
C ASP C 501 -11.86 15.14 3.89
N ASN C 502 -12.91 15.96 3.92
CA ASN C 502 -13.17 16.93 5.02
C ASN C 502 -12.06 17.98 5.07
N CYS C 503 -11.45 18.25 3.92
CA CYS C 503 -10.34 19.21 3.74
C CYS C 503 -10.61 19.97 2.43
N SER C 504 -10.78 21.27 2.49
CA SER C 504 -11.15 22.13 1.35
C SER C 504 -9.93 22.44 0.47
N LEU C 505 -9.12 21.39 0.18
CA LEU C 505 -7.97 21.43 -0.76
C LEU C 505 -8.44 20.86 -2.09
N TYR C 506 -8.23 21.62 -3.15
CA TYR C 506 -8.62 21.24 -4.54
C TYR C 506 -7.41 21.37 -5.45
N ILE C 507 -7.40 20.54 -6.51
CA ILE C 507 -6.33 20.51 -7.55
C ILE C 507 -6.98 20.41 -8.93
N CYS C 508 -6.52 21.21 -9.88
CA CYS C 508 -6.97 21.11 -11.30
C CYS C 508 -5.83 21.50 -12.23
N GLY C 509 -6.02 21.22 -13.52
CA GLY C 509 -5.02 21.45 -14.58
C GLY C 509 -4.90 20.28 -15.53
N GLU C 510 -4.10 20.47 -16.56
CA GLU C 510 -3.80 19.44 -17.59
C GLU C 510 -3.24 18.15 -16.97
N ALA C 511 -2.45 18.23 -15.90
CA ALA C 511 -1.56 17.11 -15.49
C ALA C 511 -2.35 15.84 -15.15
N TYR C 512 -3.51 15.96 -14.49
CA TYR C 512 -4.28 14.78 -13.99
C TYR C 512 -5.57 14.66 -14.81
N SER C 513 -5.49 14.90 -16.12
CA SER C 513 -6.66 14.89 -17.05
C SER C 513 -6.55 13.71 -18.04
N ASP C 514 -7.62 13.54 -18.79
CA ASP C 514 -7.70 12.62 -19.94
C ASP C 514 -7.11 13.31 -21.17
N GLY C 515 -7.01 14.64 -21.12
CA GLY C 515 -6.49 15.46 -22.24
C GLY C 515 -5.10 15.98 -21.95
N GLN C 516 -4.17 15.10 -21.57
CA GLN C 516 -2.78 15.49 -21.24
C GLN C 516 -2.14 16.10 -22.49
N GLY C 517 -1.34 17.15 -22.32
CA GLY C 517 -0.76 17.88 -23.46
C GLY C 517 -1.73 18.86 -24.11
N TRP C 518 -2.95 19.03 -23.57
CA TRP C 518 -3.99 19.92 -24.16
C TRP C 518 -4.62 20.87 -23.13
N VAL C 519 -4.97 22.06 -23.57
CA VAL C 519 -5.90 22.96 -22.84
C VAL C 519 -7.17 22.19 -22.52
N GLU C 520 -7.68 21.37 -23.44
CA GLU C 520 -8.91 20.59 -23.19
C GLU C 520 -8.79 19.84 -21.85
N GLY C 521 -7.64 19.24 -21.59
CA GLY C 521 -7.41 18.48 -20.35
C GLY C 521 -7.54 19.36 -19.11
N ALA C 522 -6.91 20.53 -19.13
CA ALA C 522 -7.00 21.55 -18.06
C ALA C 522 -8.47 21.94 -17.80
N LEU C 523 -9.28 22.13 -18.83
CA LEU C 523 -10.72 22.49 -18.66
C LEU C 523 -11.48 21.30 -18.11
N GLN C 524 -11.13 20.09 -18.56
CA GLN C 524 -11.83 18.86 -18.12
C GLN C 524 -11.76 18.79 -16.58
N THR C 525 -10.56 18.96 -16.00
CA THR C 525 -10.34 18.73 -14.57
C THR C 525 -10.85 19.95 -13.80
N ALA C 526 -10.74 21.16 -14.37
CA ALA C 526 -11.40 22.36 -13.79
C ALA C 526 -12.90 22.07 -13.60
N ASP C 527 -13.56 21.48 -14.60
CA ASP C 527 -15.02 21.17 -14.51
C ASP C 527 -15.27 20.11 -13.44
N ILE C 528 -14.44 19.07 -13.36
CA ILE C 528 -14.62 17.99 -12.34
C ILE C 528 -14.43 18.62 -10.95
N MET C 529 -13.41 19.47 -10.82
CA MET C 529 -13.05 20.12 -9.54
C MET C 529 -14.21 21.05 -9.13
N LEU C 530 -14.69 21.91 -10.03
CA LEU C 530 -15.76 22.89 -9.72
C LEU C 530 -17.01 22.13 -9.28
N LYS C 531 -17.38 21.07 -9.96
CA LYS C 531 -18.57 20.28 -9.60
C LYS C 531 -18.43 19.79 -8.15
N LYS C 532 -17.27 19.26 -7.78
CA LYS C 532 -17.01 18.74 -6.41
C LYS C 532 -17.11 19.91 -5.44
N PHE C 533 -16.43 21.01 -5.75
CA PHE C 533 -16.34 22.22 -4.91
C PHE C 533 -17.76 22.72 -4.62
N ILE C 534 -18.63 22.82 -5.64
CA ILE C 534 -20.01 23.36 -5.48
C ILE C 534 -20.85 22.39 -4.64
N ALA C 535 -20.66 21.07 -4.79
CA ALA C 535 -21.41 20.06 -4.00
C ALA C 535 -21.05 20.17 -2.51
N VAL C 536 -19.77 20.41 -2.20
CA VAL C 536 -19.20 20.33 -0.82
C VAL C 536 -19.37 21.64 -0.03
N GLU C 537 -19.12 22.80 -0.61
CA GLU C 537 -18.75 24.04 0.14
C GLU C 537 -19.96 24.97 0.38
N GLU D 2 -28.80 -28.14 -22.50
CA GLU D 2 -28.79 -26.66 -22.77
C GLU D 2 -29.29 -25.88 -21.54
N ASN D 3 -28.67 -24.73 -21.25
CA ASN D 3 -28.82 -23.98 -19.97
C ASN D 3 -30.19 -23.27 -19.89
N GLU D 4 -30.89 -23.44 -18.77
CA GLU D 4 -32.12 -22.67 -18.48
C GLU D 4 -31.80 -21.17 -18.53
N LYS D 5 -32.69 -20.38 -19.12
CA LYS D 5 -32.53 -18.91 -19.32
C LYS D 5 -33.74 -18.24 -18.68
N ILE D 6 -33.51 -17.29 -17.77
CA ILE D 6 -34.60 -16.55 -17.08
C ILE D 6 -34.26 -15.06 -17.16
N ASP D 7 -35.20 -14.18 -16.84
CA ASP D 7 -34.96 -12.72 -16.92
C ASP D 7 -34.29 -12.23 -15.62
N ILE D 8 -34.98 -12.41 -14.49
CA ILE D 8 -34.52 -11.91 -13.16
C ILE D 8 -34.35 -13.11 -12.24
N ALA D 9 -33.11 -13.27 -11.76
CA ALA D 9 -32.76 -14.17 -10.63
C ALA D 9 -32.70 -13.32 -9.36
N ILE D 10 -33.47 -13.72 -8.35
CA ILE D 10 -33.40 -13.14 -6.98
C ILE D 10 -32.93 -14.25 -6.05
N VAL D 11 -31.81 -14.03 -5.38
CA VAL D 11 -31.25 -15.05 -4.45
C VAL D 11 -31.36 -14.52 -3.01
N GLY D 12 -32.07 -15.26 -2.16
CA GLY D 12 -32.34 -14.93 -0.76
C GLY D 12 -33.83 -14.79 -0.52
N GLY D 13 -34.41 -15.74 0.22
CA GLY D 13 -35.84 -15.78 0.56
C GLY D 13 -36.14 -15.19 1.92
N GLY D 14 -35.40 -14.15 2.32
CA GLY D 14 -35.80 -13.30 3.47
C GLY D 14 -36.79 -12.23 3.01
N VAL D 15 -37.11 -11.27 3.86
CA VAL D 15 -38.20 -10.31 3.59
C VAL D 15 -37.82 -9.49 2.34
N SER D 16 -36.58 -9.00 2.22
CA SER D 16 -36.22 -8.10 1.11
C SER D 16 -36.30 -8.85 -0.22
N GLY D 17 -35.95 -10.14 -0.22
CA GLY D 17 -35.97 -10.99 -1.43
C GLY D 17 -37.41 -11.18 -1.92
N VAL D 18 -38.30 -11.67 -1.06
CA VAL D 18 -39.71 -11.95 -1.45
C VAL D 18 -40.45 -10.64 -1.69
N TYR D 19 -40.14 -9.57 -0.97
CA TYR D 19 -40.75 -8.25 -1.22
C TYR D 19 -40.35 -7.78 -2.62
N SER D 20 -39.07 -7.85 -2.93
CA SER D 20 -38.51 -7.47 -4.25
C SER D 20 -39.15 -8.35 -5.35
N ALA D 21 -39.24 -9.66 -5.15
CA ALA D 21 -39.86 -10.57 -6.12
C ALA D 21 -41.30 -10.09 -6.41
N TRP D 22 -42.09 -9.92 -5.37
CA TRP D 22 -43.49 -9.45 -5.45
C TRP D 22 -43.54 -8.14 -6.27
N LYS D 23 -42.73 -7.15 -5.90
CA LYS D 23 -42.79 -5.82 -6.56
C LYS D 23 -42.43 -5.96 -8.04
N LEU D 24 -41.39 -6.74 -8.33
CA LEU D 24 -40.81 -6.81 -9.69
C LEU D 24 -41.78 -7.56 -10.60
N LYS D 25 -42.46 -8.60 -10.10
CA LYS D 25 -43.43 -9.36 -10.91
C LYS D 25 -44.62 -8.43 -11.23
N THR D 26 -45.00 -7.56 -10.31
CA THR D 26 -46.08 -6.59 -10.56
C THR D 26 -45.61 -5.59 -11.63
N LYS D 27 -44.36 -5.13 -11.53
CA LYS D 27 -43.82 -4.11 -12.45
C LYS D 27 -43.61 -4.73 -13.85
N TYR D 28 -43.17 -5.99 -13.92
CA TYR D 28 -42.79 -6.68 -15.20
C TYR D 28 -43.48 -8.04 -15.27
N PRO D 29 -44.79 -8.07 -15.57
CA PRO D 29 -45.56 -9.31 -15.47
C PRO D 29 -45.11 -10.37 -16.49
N ASN D 30 -44.43 -9.93 -17.56
CA ASN D 30 -44.07 -10.81 -18.70
C ASN D 30 -42.67 -11.40 -18.49
N LYS D 31 -41.89 -10.88 -17.54
CA LYS D 31 -40.54 -11.43 -17.23
C LYS D 31 -40.66 -12.74 -16.46
N LYS D 32 -39.77 -13.68 -16.77
CA LYS D 32 -39.56 -14.92 -15.99
C LYS D 32 -38.66 -14.56 -14.79
N ILE D 33 -39.25 -14.55 -13.61
CA ILE D 33 -38.58 -14.14 -12.34
C ILE D 33 -38.57 -15.38 -11.44
N VAL D 34 -37.38 -15.80 -11.03
CA VAL D 34 -37.24 -16.94 -10.11
C VAL D 34 -36.52 -16.45 -8.86
N LEU D 35 -37.06 -16.77 -7.69
CA LEU D 35 -36.36 -16.50 -6.41
C LEU D 35 -35.79 -17.82 -5.90
N PHE D 36 -34.51 -17.82 -5.59
CA PHE D 36 -33.78 -19.00 -5.06
C PHE D 36 -33.48 -18.79 -3.57
N GLU D 37 -33.84 -19.76 -2.74
CA GLU D 37 -33.45 -19.84 -1.31
C GLU D 37 -32.66 -21.13 -1.08
N GLY D 38 -31.46 -21.02 -0.50
CA GLY D 38 -30.56 -22.16 -0.21
C GLY D 38 -31.13 -23.03 0.89
N GLY D 39 -31.83 -22.44 1.86
CA GLY D 39 -32.47 -23.19 2.98
C GLY D 39 -33.80 -23.77 2.53
N ASP D 40 -34.55 -24.38 3.45
CA ASP D 40 -35.69 -25.28 3.15
C ASP D 40 -37.02 -24.53 3.32
N HIS D 41 -36.99 -23.19 3.44
CA HIS D 41 -38.20 -22.39 3.75
C HIS D 41 -37.93 -20.90 3.50
N ILE D 42 -38.99 -20.17 3.24
CA ILE D 42 -39.00 -18.69 3.13
C ILE D 42 -38.98 -18.09 4.54
N GLY D 43 -38.18 -17.06 4.79
CA GLY D 43 -38.26 -16.25 6.03
C GLY D 43 -36.93 -15.62 6.45
N GLY D 44 -35.81 -16.30 6.22
CA GLY D 44 -34.49 -15.87 6.67
C GLY D 44 -34.47 -15.62 8.18
N ARG D 45 -34.23 -14.39 8.61
CA ARG D 45 -34.10 -14.05 10.06
C ARG D 45 -35.45 -13.76 10.73
N LEU D 46 -36.57 -13.98 10.02
CA LEU D 46 -37.92 -14.06 10.62
C LEU D 46 -38.30 -15.54 10.77
N LEU D 47 -38.34 -16.06 12.00
CA LEU D 47 -38.59 -17.50 12.27
C LEU D 47 -39.58 -17.57 13.43
N SER D 48 -40.84 -17.85 13.09
CA SER D 48 -42.00 -17.87 13.98
C SER D 48 -42.42 -19.32 14.18
N VAL D 49 -42.47 -19.81 15.41
CA VAL D 49 -42.85 -21.22 15.66
C VAL D 49 -43.85 -21.28 16.81
N ILE D 50 -44.85 -22.15 16.67
CA ILE D 50 -45.88 -22.39 17.71
C ILE D 50 -45.27 -23.36 18.72
N PRO D 51 -45.29 -23.06 20.03
CA PRO D 51 -44.77 -23.99 21.02
C PRO D 51 -45.72 -25.17 21.15
N PRO D 52 -45.20 -26.39 21.35
CA PRO D 52 -46.03 -27.53 21.72
C PRO D 52 -46.81 -27.19 23.00
N GLY D 53 -48.11 -27.48 23.00
CA GLY D 53 -48.97 -27.31 24.19
C GLY D 53 -49.42 -25.87 24.38
N ILE D 54 -49.01 -24.96 23.48
CA ILE D 54 -49.41 -23.53 23.64
C ILE D 54 -49.87 -23.03 22.27
N PRO D 55 -51.08 -23.42 21.83
CA PRO D 55 -51.54 -23.09 20.47
C PRO D 55 -51.79 -21.57 20.29
N ASN D 56 -51.97 -20.81 21.36
CA ASN D 56 -52.23 -19.35 21.30
C ASN D 56 -50.96 -18.53 21.55
N MET D 57 -49.77 -19.12 21.35
CA MET D 57 -48.49 -18.37 21.39
C MET D 57 -47.68 -18.60 20.11
N VAL D 58 -46.82 -17.66 19.79
CA VAL D 58 -45.83 -17.78 18.69
C VAL D 58 -44.48 -17.32 19.22
N ALA D 59 -43.54 -18.24 19.38
CA ALA D 59 -42.15 -17.96 19.74
C ALA D 59 -41.47 -17.33 18.52
N GLU D 60 -40.78 -16.22 18.73
CA GLU D 60 -40.00 -15.50 17.69
C GLU D 60 -38.51 -15.78 17.91
N LEU D 61 -37.99 -16.81 17.24
CA LEU D 61 -36.55 -17.14 17.28
C LEU D 61 -35.76 -16.08 16.52
N GLY D 62 -36.39 -15.39 15.57
CA GLY D 62 -35.80 -14.25 14.86
C GLY D 62 -36.49 -12.95 15.29
N GLY D 63 -36.72 -12.06 14.33
CA GLY D 63 -37.38 -10.75 14.58
C GLY D 63 -38.73 -10.94 15.28
N MET D 64 -39.07 -10.07 16.23
CA MET D 64 -40.28 -10.31 17.05
C MET D 64 -41.19 -9.08 17.14
N ARG D 65 -40.75 -7.87 16.83
CA ARG D 65 -41.57 -6.67 17.13
C ARG D 65 -41.19 -5.52 16.21
N ILE D 66 -42.09 -4.54 16.06
CA ILE D 66 -41.81 -3.30 15.29
C ILE D 66 -42.02 -2.08 16.20
N LEU D 67 -41.41 -0.97 15.83
CA LEU D 67 -41.71 0.36 16.39
C LEU D 67 -42.74 1.00 15.48
N GLU D 68 -44.03 0.82 15.78
CA GLU D 68 -45.15 1.20 14.89
C GLU D 68 -45.19 2.70 14.59
N ASN D 69 -44.52 3.55 15.37
CA ASN D 69 -44.63 5.04 15.28
C ASN D 69 -43.54 5.59 14.37
N THR D 70 -42.44 4.87 14.24
CA THR D 70 -41.19 5.24 13.53
C THR D 70 -41.11 4.51 12.17
N GLN D 71 -41.54 3.25 12.09
CA GLN D 71 -41.19 2.29 11.03
C GLN D 71 -42.33 2.24 10.02
N LYS D 72 -42.43 3.30 9.21
CA LYS D 72 -43.56 3.53 8.28
C LYS D 72 -43.56 2.45 7.18
N LEU D 73 -42.40 1.95 6.78
CA LEU D 73 -42.33 0.97 5.67
C LEU D 73 -42.97 -0.34 6.13
N ILE D 74 -42.59 -0.89 7.29
CA ILE D 74 -43.16 -2.20 7.72
C ILE D 74 -44.65 -2.01 8.02
N VAL D 75 -45.04 -0.87 8.61
CA VAL D 75 -46.50 -0.61 8.88
C VAL D 75 -47.26 -0.61 7.55
N LYS D 76 -46.74 0.08 6.53
CA LYS D 76 -47.41 0.17 5.20
C LYS D 76 -47.45 -1.21 4.52
N LEU D 77 -46.38 -1.99 4.63
CA LEU D 77 -46.36 -3.35 4.03
C LEU D 77 -47.42 -4.23 4.69
N ILE D 78 -47.56 -4.16 6.01
CA ILE D 78 -48.63 -4.94 6.70
C ILE D 78 -50.00 -4.56 6.09
N ASP D 79 -50.26 -3.28 5.85
CA ASP D 79 -51.53 -2.81 5.22
C ASP D 79 -51.62 -3.36 3.79
N ASP D 80 -50.52 -3.32 3.03
CA ASP D 80 -50.49 -3.80 1.63
C ASP D 80 -50.80 -5.30 1.63
N ILE D 81 -50.29 -6.02 2.61
CA ILE D 81 -50.54 -7.50 2.71
C ILE D 81 -52.00 -7.71 3.09
N ASN D 82 -52.46 -7.01 4.12
CA ASN D 82 -53.83 -7.18 4.69
C ASN D 82 -54.90 -6.80 3.65
N GLU D 83 -54.63 -5.86 2.73
CA GLU D 83 -55.68 -5.49 1.73
C GLU D 83 -55.86 -6.63 0.72
N LYS D 84 -54.94 -7.60 0.68
CA LYS D 84 -55.04 -8.80 -0.22
C LYS D 84 -55.51 -10.03 0.56
N LEU D 85 -55.21 -10.14 1.85
CA LEU D 85 -55.55 -11.34 2.66
C LEU D 85 -57.05 -11.32 3.01
N SER D 86 -57.59 -12.50 3.22
CA SER D 86 -58.94 -12.79 3.77
C SER D 86 -59.04 -12.19 5.18
N GLN D 87 -60.26 -12.03 5.70
CA GLN D 87 -60.53 -11.57 7.09
C GLN D 87 -59.88 -12.56 8.08
N GLU D 88 -60.00 -13.88 7.83
CA GLU D 88 -59.44 -14.96 8.67
C GLU D 88 -57.92 -14.76 8.86
N ASP D 89 -57.21 -14.40 7.78
CA ASP D 89 -55.72 -14.40 7.68
C ASP D 89 -55.12 -13.06 8.10
N GLN D 90 -55.92 -12.04 8.37
CA GLN D 90 -55.39 -10.67 8.59
C GLN D 90 -54.20 -10.76 9.53
N ILE D 91 -53.14 -10.02 9.24
CA ILE D 91 -52.02 -9.80 10.19
C ILE D 91 -52.55 -8.88 11.29
N GLU D 92 -52.45 -9.31 12.55
CA GLU D 92 -52.88 -8.51 13.71
C GLU D 92 -51.67 -8.28 14.61
N LEU D 93 -51.53 -7.04 15.09
CA LEU D 93 -50.48 -6.64 16.05
C LEU D 93 -51.09 -6.57 17.46
N TYR D 94 -50.23 -6.73 18.46
CA TYR D 94 -50.56 -6.60 19.89
C TYR D 94 -49.44 -5.78 20.53
N ASP D 95 -49.72 -5.12 21.64
CA ASP D 95 -48.73 -4.32 22.40
C ASP D 95 -47.74 -5.30 23.07
N PHE D 96 -46.44 -4.97 23.01
CA PHE D 96 -45.31 -5.85 23.40
C PHE D 96 -44.53 -5.22 24.56
N PRO D 97 -44.72 -5.67 25.82
CA PRO D 97 -44.07 -4.99 26.95
C PRO D 97 -42.59 -5.38 27.10
N VAL D 98 -41.77 -4.53 27.76
CA VAL D 98 -40.32 -4.82 28.05
C VAL D 98 -39.99 -4.51 29.53
N ASP D 99 -40.06 -3.25 29.94
CA ASP D 99 -39.60 -2.85 31.28
C ASP D 99 -40.85 -2.59 32.15
N GLN D 100 -41.38 -3.59 32.84
CA GLN D 100 -42.32 -3.36 33.99
C GLN D 100 -41.51 -3.10 35.28
N PRO D 101 -41.96 -2.18 36.15
CA PRO D 101 -41.18 -1.78 37.32
C PRO D 101 -40.83 -2.92 38.29
N GLN D 102 -41.67 -3.97 38.39
CA GLN D 102 -41.51 -5.12 39.31
C GLN D 102 -40.52 -6.16 38.73
N ASN D 103 -40.04 -5.96 37.50
CA ASN D 103 -39.22 -6.99 36.82
C ASN D 103 -37.87 -7.02 37.53
N ILE D 104 -37.17 -8.14 37.40
CA ILE D 104 -35.93 -8.36 38.19
C ILE D 104 -34.74 -7.88 37.35
N ALA D 105 -33.78 -7.27 38.04
CA ALA D 105 -32.42 -7.07 37.54
C ALA D 105 -31.50 -7.78 38.52
N TYR D 106 -30.95 -8.92 38.11
CA TYR D 106 -29.98 -9.69 38.92
C TYR D 106 -28.55 -9.31 38.47
N LEU D 107 -27.98 -8.31 39.15
CA LEU D 107 -26.76 -7.59 38.75
C LEU D 107 -25.70 -7.72 39.86
N ARG D 108 -24.52 -8.20 39.51
CA ARG D 108 -23.36 -8.32 40.42
C ARG D 108 -23.80 -9.03 41.70
N GLY D 109 -24.63 -10.06 41.55
CA GLY D 109 -25.03 -10.89 42.69
C GLY D 109 -26.15 -10.28 43.53
N GLU D 110 -26.72 -9.16 43.14
CA GLU D 110 -27.82 -8.48 43.90
C GLU D 110 -29.12 -8.61 43.12
N HIS D 111 -30.18 -9.00 43.82
CA HIS D 111 -31.58 -9.00 43.30
C HIS D 111 -32.17 -7.60 43.41
N LEU D 112 -32.40 -6.92 42.29
CA LEU D 112 -33.07 -5.60 42.23
C LEU D 112 -34.38 -5.75 41.46
N ARG D 113 -35.29 -4.80 41.65
CA ARG D 113 -36.42 -4.56 40.74
C ARG D 113 -36.02 -3.35 39.91
N LEU D 114 -36.56 -3.23 38.71
CA LEU D 114 -36.22 -2.10 37.80
C LEU D 114 -36.49 -0.77 38.51
N PHE D 115 -37.50 -0.67 39.39
CA PHE D 115 -37.81 0.61 40.09
C PHE D 115 -36.65 1.01 41.02
N ASP D 116 -35.82 0.08 41.49
CA ASP D 116 -34.62 0.41 42.32
C ASP D 116 -33.69 1.36 41.54
N PHE D 117 -33.64 1.28 40.21
CA PHE D 117 -32.65 2.06 39.43
C PHE D 117 -32.87 3.56 39.71
N THR D 118 -34.11 4.01 39.87
CA THR D 118 -34.45 5.44 40.15
C THR D 118 -34.83 5.66 41.61
N ASN D 119 -35.27 4.63 42.34
CA ASN D 119 -35.91 4.82 43.67
C ASN D 119 -34.92 4.53 44.79
N ASP D 120 -33.80 3.88 44.48
CA ASP D 120 -32.89 3.35 45.52
C ASP D 120 -31.47 3.16 44.95
N PRO D 121 -30.79 4.25 44.55
CA PRO D 121 -29.41 4.19 44.02
C PRO D 121 -28.32 3.54 44.88
N ASP D 122 -28.49 3.57 46.20
CA ASP D 122 -27.50 2.93 47.12
C ASP D 122 -27.52 1.42 46.89
N LYS D 123 -28.66 0.87 46.48
CA LYS D 123 -28.85 -0.57 46.26
C LYS D 123 -28.23 -0.98 44.91
N VAL D 124 -28.08 -0.04 43.97
CA VAL D 124 -27.61 -0.36 42.59
C VAL D 124 -26.10 -0.51 42.68
N PRO D 125 -25.56 -1.72 42.48
CA PRO D 125 -24.15 -1.98 42.81
C PRO D 125 -23.18 -1.54 41.69
N TYR D 126 -23.36 -0.30 41.20
CA TYR D 126 -22.50 0.34 40.19
C TYR D 126 -22.12 1.71 40.76
N LYS D 127 -20.86 2.08 40.64
CA LYS D 127 -20.34 3.36 41.17
C LYS D 127 -20.57 4.47 40.15
N LEU D 128 -21.82 4.86 40.02
CA LEU D 128 -22.24 5.88 39.03
C LEU D 128 -21.84 7.24 39.57
N SER D 129 -21.52 8.17 38.69
CA SER D 129 -21.04 9.54 39.00
C SER D 129 -22.20 10.38 39.53
N PHE D 130 -21.89 11.60 39.96
CA PHE D 130 -22.86 12.60 40.45
C PHE D 130 -24.04 12.78 39.49
N LEU D 131 -23.79 12.86 38.18
CA LEU D 131 -24.82 13.10 37.14
C LEU D 131 -25.53 11.81 36.71
N GLU D 132 -24.92 10.65 36.89
CA GLU D 132 -25.39 9.35 36.36
C GLU D 132 -26.29 8.65 37.37
N LYS D 133 -25.97 8.84 38.65
CA LYS D 133 -26.51 8.12 39.84
C LYS D 133 -28.03 8.21 39.80
N GLY D 134 -28.74 7.15 40.12
CA GLY D 134 -30.20 7.22 40.26
C GLY D 134 -30.90 7.29 38.91
N ASN D 135 -30.26 6.90 37.82
CA ASN D 135 -30.89 6.92 36.48
C ASN D 135 -30.84 5.55 35.80
N THR D 136 -31.77 5.33 34.87
CA THR D 136 -31.79 4.15 33.97
C THR D 136 -30.65 4.28 32.96
N SER D 137 -30.30 3.18 32.27
CA SER D 137 -29.33 3.17 31.14
C SER D 137 -29.82 4.08 30.01
N GLY D 138 -31.11 4.01 29.69
CA GLY D 138 -31.74 4.90 28.69
C GLY D 138 -31.43 6.35 28.98
N THR D 139 -31.71 6.81 30.20
CA THR D 139 -31.46 8.21 30.62
C THR D 139 -29.97 8.53 30.48
N ILE D 140 -29.10 7.65 30.97
CA ILE D 140 -27.63 7.90 30.97
C ILE D 140 -27.13 8.02 29.52
N ILE D 141 -27.48 7.07 28.66
CA ILE D 141 -26.95 7.05 27.26
C ILE D 141 -27.57 8.21 26.46
N VAL D 142 -28.86 8.49 26.58
CA VAL D 142 -29.46 9.64 25.83
C VAL D 142 -28.76 10.93 26.25
N ASN D 143 -28.51 11.14 27.55
CA ASN D 143 -27.82 12.37 28.02
C ASN D 143 -26.39 12.39 27.48
N ALA D 144 -25.70 11.24 27.44
CA ALA D 144 -24.34 11.14 26.87
C ALA D 144 -24.37 11.62 25.41
N ILE D 145 -25.34 11.13 24.66
CA ILE D 145 -25.52 11.43 23.21
C ILE D 145 -25.79 12.94 23.08
N GLU D 146 -26.59 13.53 23.96
CA GLU D 146 -26.84 14.99 23.90
C GLU D 146 -25.52 15.74 24.14
N GLN D 147 -24.65 15.28 25.04
CA GLN D 147 -23.34 15.95 25.29
C GLN D 147 -22.48 15.87 24.02
N LEU D 148 -22.54 14.75 23.29
CA LEU D 148 -21.68 14.45 22.11
C LEU D 148 -22.16 15.23 20.88
N VAL D 149 -23.46 15.31 20.68
CA VAL D 149 -24.06 15.99 19.48
C VAL D 149 -25.14 16.94 19.98
N PRO D 150 -24.77 18.13 20.46
CA PRO D 150 -25.76 19.01 21.09
C PRO D 150 -26.94 19.32 20.14
N GLY D 151 -28.16 19.20 20.67
CA GLY D 151 -29.41 19.43 19.94
C GLY D 151 -30.00 18.14 19.40
N ILE D 152 -29.24 17.03 19.34
CA ILE D 152 -29.67 15.79 18.63
C ILE D 152 -30.87 15.14 19.34
N THR D 153 -31.03 15.32 20.65
CA THR D 153 -32.08 14.58 21.43
C THR D 153 -33.35 15.40 21.49
N ASN D 154 -33.38 16.57 20.88
CA ASN D 154 -34.60 17.38 20.69
C ASN D 154 -35.68 16.48 20.06
N THR D 155 -36.82 16.30 20.75
CA THR D 155 -37.85 15.27 20.41
C THR D 155 -38.67 15.68 19.17
N ASP D 156 -38.54 16.92 18.69
CA ASP D 156 -39.16 17.42 17.43
C ASP D 156 -38.49 16.83 16.18
N LEU D 157 -37.27 16.28 16.27
CA LEU D 157 -36.52 15.76 15.09
C LEU D 157 -36.93 14.30 14.79
N THR D 158 -36.98 13.93 13.50
CA THR D 158 -37.12 12.53 12.99
C THR D 158 -35.76 11.83 13.03
N GLU D 159 -35.75 10.50 12.86
CA GLU D 159 -34.50 9.69 12.67
C GLU D 159 -33.68 10.29 11.52
N GLU D 160 -34.35 10.65 10.41
CA GLU D 160 -33.71 11.12 9.16
C GLU D 160 -33.02 12.47 9.41
N GLU D 161 -33.67 13.41 10.09
CA GLU D 161 -33.07 14.73 10.47
C GLU D 161 -31.85 14.53 11.40
N ARG D 162 -31.93 13.58 12.35
CA ARG D 162 -30.81 13.27 13.28
C ARG D 162 -29.63 12.64 12.51
N LEU D 163 -29.94 11.74 11.56
CA LEU D 163 -28.92 11.08 10.70
C LEU D 163 -28.16 12.17 9.94
N LYS D 164 -28.88 13.14 9.35
CA LYS D 164 -28.33 14.32 8.63
C LYS D 164 -27.45 15.18 9.56
N MET D 165 -27.94 15.54 10.75
CA MET D 165 -27.15 16.31 11.74
C MET D 165 -25.84 15.55 11.99
N CYS D 166 -25.89 14.22 12.08
CA CYS D 166 -24.73 13.36 12.44
C CYS D 166 -23.73 13.33 11.28
N GLN D 167 -24.21 13.46 10.05
CA GLN D 167 -23.41 13.48 8.79
C GLN D 167 -22.57 14.76 8.73
N GLU D 168 -23.10 15.87 9.25
CA GLU D 168 -22.42 17.20 9.25
C GLU D 168 -21.75 17.48 10.61
N ALA D 169 -22.03 16.70 11.65
CA ALA D 169 -21.49 16.93 13.01
C ALA D 169 -19.99 16.57 13.06
N THR D 170 -19.26 17.31 13.86
CA THR D 170 -17.88 16.99 14.26
C THR D 170 -17.81 16.87 15.78
N PHE D 171 -16.76 16.19 16.24
CA PHE D 171 -16.38 16.05 17.65
C PHE D 171 -14.88 16.34 17.72
N GLU D 172 -14.49 17.39 18.42
CA GLU D 172 -13.07 17.85 18.49
C GLU D 172 -12.50 17.94 17.09
N GLY D 173 -13.28 18.48 16.13
CA GLY D 173 -12.82 18.77 14.75
C GLY D 173 -12.85 17.55 13.83
N ALA D 174 -13.19 16.35 14.32
CA ALA D 174 -13.24 15.13 13.47
C ALA D 174 -14.69 14.80 13.12
N PRO D 175 -14.97 14.48 11.84
CA PRO D 175 -16.33 14.09 11.44
C PRO D 175 -16.77 12.88 12.26
N LEU D 176 -18.04 12.87 12.68
CA LEU D 176 -18.67 11.78 13.46
C LEU D 176 -18.48 10.42 12.77
N TYR D 177 -18.60 10.36 11.44
CA TYR D 177 -18.54 9.06 10.69
C TYR D 177 -17.14 8.41 10.81
N THR D 178 -16.14 9.15 11.28
CA THR D 178 -14.75 8.63 11.50
C THR D 178 -14.58 8.14 12.94
N LEU D 179 -15.59 8.25 13.79
CA LEU D 179 -15.44 7.94 15.23
C LEU D 179 -16.33 6.77 15.66
N GLY D 180 -15.95 6.13 16.75
CA GLY D 180 -16.63 4.93 17.30
C GLY D 180 -17.59 5.31 18.42
N PHE D 181 -18.73 4.64 18.45
CA PHE D 181 -19.80 4.86 19.45
C PHE D 181 -19.25 4.63 20.86
N TRP D 182 -18.60 3.50 21.07
CA TRP D 182 -17.96 3.12 22.37
C TRP D 182 -16.87 4.13 22.73
N ASN D 183 -16.00 4.51 21.81
CA ASN D 183 -14.95 5.55 22.06
C ASN D 183 -15.63 6.83 22.57
N LEU D 184 -16.67 7.29 21.90
CA LEU D 184 -17.26 8.60 22.24
C LEU D 184 -18.03 8.48 23.55
N LEU D 185 -18.77 7.40 23.76
CA LEU D 185 -19.53 7.27 25.03
C LEU D 185 -18.53 7.32 26.18
N TYR D 186 -17.34 6.74 26.00
CA TYR D 186 -16.32 6.67 27.07
C TYR D 186 -15.76 8.06 27.37
N ARG D 187 -15.97 9.05 26.50
CA ARG D 187 -15.51 10.42 26.76
C ARG D 187 -16.51 11.13 27.69
N VAL D 188 -17.75 10.63 27.85
CA VAL D 188 -18.82 11.40 28.53
C VAL D 188 -19.52 10.60 29.65
N ILE D 189 -19.40 9.28 29.69
CA ILE D 189 -19.92 8.47 30.83
C ILE D 189 -18.77 7.71 31.48
N SER D 190 -18.93 7.41 32.76
CA SER D 190 -17.98 6.62 33.57
C SER D 190 -17.87 5.20 33.01
N GLY D 191 -16.77 4.50 33.27
CA GLY D 191 -16.67 3.08 32.94
C GLY D 191 -17.80 2.29 33.59
N GLU D 192 -18.17 2.66 34.81
CA GLU D 192 -19.28 2.03 35.56
C GLU D 192 -20.63 2.31 34.88
N ALA D 193 -20.88 3.50 34.38
CA ALA D 193 -22.15 3.80 33.64
C ALA D 193 -22.19 2.97 32.35
N TYR D 194 -21.07 2.77 31.70
CA TYR D 194 -21.01 1.98 30.45
C TYR D 194 -21.36 0.55 30.79
N GLN D 195 -20.74 -0.01 31.85
CA GLN D 195 -21.02 -1.41 32.23
C GLN D 195 -22.46 -1.53 32.70
N PHE D 196 -22.97 -0.54 33.45
CA PHE D 196 -24.38 -0.53 33.92
C PHE D 196 -25.30 -0.58 32.69
N SER D 197 -24.95 0.15 31.64
CA SER D 197 -25.77 0.25 30.39
C SER D 197 -25.74 -1.07 29.61
N ILE D 198 -24.57 -1.72 29.53
CA ILE D 198 -24.47 -3.12 29.01
C ILE D 198 -25.39 -4.03 29.81
N ASP D 199 -25.13 -4.12 31.11
CA ASP D 199 -25.73 -5.14 32.01
C ASP D 199 -27.24 -4.94 32.05
N SER D 200 -27.73 -3.79 32.49
CA SER D 200 -29.17 -3.54 32.71
C SER D 200 -29.88 -3.32 31.39
N GLY D 201 -29.18 -2.89 30.34
CA GLY D 201 -29.83 -2.66 29.02
C GLY D 201 -30.05 -3.95 28.28
N GLY D 202 -29.37 -5.03 28.67
CA GLY D 202 -29.60 -6.39 28.15
C GLY D 202 -28.74 -6.81 26.97
N TYR D 203 -28.09 -5.86 26.29
CA TYR D 203 -27.34 -6.13 25.05
C TYR D 203 -25.87 -5.72 25.20
N ASN D 204 -24.99 -6.57 24.70
CA ASN D 204 -23.55 -6.27 24.47
C ASN D 204 -23.34 -5.63 23.09
N SER D 205 -24.08 -6.01 22.03
CA SER D 205 -23.72 -5.63 20.64
C SER D 205 -24.13 -4.19 20.33
N THR D 206 -25.04 -3.58 21.08
CA THR D 206 -25.60 -2.27 20.69
C THR D 206 -24.60 -1.17 21.00
N LEU D 207 -23.72 -1.39 21.99
CA LEU D 207 -22.85 -0.33 22.53
C LEU D 207 -21.40 -0.63 22.13
N VAL D 208 -21.19 -1.50 21.14
CA VAL D 208 -19.81 -1.77 20.60
C VAL D 208 -19.27 -0.56 19.83
N ASN D 209 -18.03 -0.65 19.39
CA ASN D 209 -17.32 0.46 18.72
C ASN D 209 -17.71 0.41 17.25
N TRP D 210 -18.97 0.69 16.94
CA TRP D 210 -19.44 0.86 15.55
C TRP D 210 -19.60 2.34 15.24
N ASN D 211 -19.98 2.64 14.01
CA ASN D 211 -19.92 4.02 13.46
C ASN D 211 -20.81 4.93 14.32
N ALA D 212 -20.22 5.97 14.93
CA ALA D 212 -20.95 6.88 15.83
C ALA D 212 -22.03 7.64 15.06
N ALA D 213 -21.75 8.06 13.81
CA ALA D 213 -22.72 8.81 12.98
C ALA D 213 -23.99 7.97 12.76
N ASP D 214 -23.86 6.65 12.62
CA ASP D 214 -25.00 5.72 12.41
C ASP D 214 -25.56 5.27 13.78
N ALA D 215 -24.71 5.01 14.78
CA ALA D 215 -25.13 4.43 16.07
C ALA D 215 -26.05 5.42 16.81
N ILE D 216 -25.72 6.71 16.78
CA ILE D 216 -26.42 7.74 17.61
C ILE D 216 -27.90 7.83 17.21
N PRO D 217 -28.28 8.10 15.94
CA PRO D 217 -29.71 8.18 15.58
C PRO D 217 -30.45 6.85 15.78
N TRP D 218 -29.80 5.75 15.43
CA TRP D 218 -30.31 4.39 15.62
C TRP D 218 -30.63 4.19 17.11
N TYR D 219 -29.70 4.55 18.00
CA TYR D 219 -29.90 4.37 19.47
C TYR D 219 -31.10 5.18 19.92
N LEU D 220 -31.19 6.43 19.50
CA LEU D 220 -32.22 7.39 19.95
C LEU D 220 -33.62 6.89 19.59
N SER D 221 -33.79 6.28 18.43
CA SER D 221 -35.14 5.91 17.92
C SER D 221 -35.61 4.61 18.59
N ASP D 222 -34.72 3.79 19.14
CA ASP D 222 -35.21 2.60 19.89
C ASP D 222 -34.84 2.70 21.38
N PHE D 223 -33.60 2.31 21.71
CA PHE D 223 -33.14 2.01 23.09
C PHE D 223 -33.10 3.28 23.96
N GLY D 224 -33.51 4.43 23.41
CA GLY D 224 -33.37 5.75 24.03
C GLY D 224 -34.67 6.30 24.56
N ILE D 225 -35.49 6.90 23.68
CA ILE D 225 -36.87 7.41 23.98
C ILE D 225 -37.53 6.60 25.13
N LYS D 226 -38.83 6.42 25.04
CA LYS D 226 -39.62 5.35 25.72
C LYS D 226 -39.99 4.42 24.59
N PRO D 227 -39.09 3.55 24.11
CA PRO D 227 -39.42 2.72 22.94
C PRO D 227 -40.75 1.98 23.20
N VAL D 228 -41.69 2.12 22.24
CA VAL D 228 -43.06 1.53 22.13
C VAL D 228 -43.06 0.49 20.98
N TYR D 229 -43.41 -0.77 21.28
CA TYR D 229 -43.26 -1.93 20.36
C TYR D 229 -44.58 -2.65 20.13
N LYS D 230 -44.76 -3.27 18.96
CA LYS D 230 -45.86 -4.22 18.66
C LYS D 230 -45.29 -5.59 18.24
N GLY D 231 -45.92 -6.67 18.69
CA GLY D 231 -45.67 -8.04 18.23
C GLY D 231 -46.75 -8.51 17.27
N PHE D 232 -46.60 -9.72 16.74
CA PHE D 232 -47.47 -10.31 15.68
C PHE D 232 -48.23 -11.47 16.28
N LYS D 233 -49.56 -11.38 16.28
CA LYS D 233 -50.44 -12.45 16.78
C LYS D 233 -50.02 -13.81 16.20
N ASN D 234 -49.80 -13.89 14.89
CA ASN D 234 -49.52 -15.17 14.18
C ASN D 234 -48.08 -15.22 13.67
N GLY D 235 -47.19 -14.39 14.23
CA GLY D 235 -45.75 -14.45 13.94
C GLY D 235 -45.34 -13.47 12.86
N PHE D 236 -44.22 -12.79 13.05
CA PHE D 236 -43.60 -11.84 12.10
C PHE D 236 -43.39 -12.55 10.75
N GLN D 237 -43.16 -13.86 10.79
CA GLN D 237 -42.79 -14.63 9.59
C GLN D 237 -43.95 -14.67 8.59
N GLN D 238 -45.17 -14.44 9.05
CA GLN D 238 -46.33 -14.33 8.13
C GLN D 238 -46.05 -13.27 7.06
N VAL D 239 -45.23 -12.26 7.36
CA VAL D 239 -44.97 -11.16 6.39
C VAL D 239 -44.28 -11.72 5.15
N PRO D 240 -43.07 -12.33 5.26
CA PRO D 240 -42.40 -12.89 4.09
C PRO D 240 -43.17 -14.07 3.48
N ILE D 241 -43.82 -14.90 4.30
CA ILE D 241 -44.60 -16.06 3.77
C ILE D 241 -45.69 -15.52 2.85
N SER D 242 -46.43 -14.48 3.26
CA SER D 242 -47.55 -13.90 2.49
C SER D 242 -47.01 -13.32 1.17
N LEU D 243 -45.87 -12.62 1.22
CA LEU D 243 -45.28 -12.02 -0.01
C LEU D 243 -44.88 -13.15 -1.00
N ALA D 244 -44.31 -14.23 -0.51
CA ALA D 244 -43.95 -15.41 -1.33
C ALA D 244 -45.23 -15.91 -2.00
N ASN D 245 -46.29 -16.13 -1.21
CA ASN D 245 -47.60 -16.61 -1.72
C ASN D 245 -48.06 -15.68 -2.86
N PHE D 246 -48.04 -14.36 -2.65
CA PHE D 246 -48.51 -13.39 -3.66
C PHE D 246 -47.67 -13.53 -4.93
N PHE D 247 -46.36 -13.62 -4.77
CA PHE D 247 -45.42 -13.74 -5.91
C PHE D 247 -45.82 -14.96 -6.77
N GLU D 248 -46.07 -16.10 -6.13
CA GLU D 248 -46.42 -17.37 -6.82
C GLU D 248 -47.82 -17.26 -7.46
N GLU D 249 -48.83 -16.74 -6.76
CA GLU D 249 -50.18 -16.49 -7.34
C GLU D 249 -50.04 -15.66 -8.61
N ASP D 250 -49.09 -14.72 -8.63
CA ASP D 250 -48.91 -13.75 -9.73
C ASP D 250 -48.05 -14.37 -10.86
N GLY D 251 -47.62 -15.63 -10.70
CA GLY D 251 -46.89 -16.38 -11.73
C GLY D 251 -45.38 -16.40 -11.48
N GLY D 252 -44.93 -15.89 -10.34
CA GLY D 252 -43.51 -15.98 -9.95
C GLY D 252 -43.17 -17.41 -9.58
N GLU D 253 -41.90 -17.77 -9.64
CA GLU D 253 -41.45 -19.11 -9.21
C GLU D 253 -40.46 -18.98 -8.05
N ILE D 254 -40.64 -19.81 -7.04
CA ILE D 254 -39.73 -19.94 -5.86
C ILE D 254 -39.11 -21.34 -5.88
N ARG D 255 -37.80 -21.40 -5.74
CA ARG D 255 -37.06 -22.68 -5.57
C ARG D 255 -36.36 -22.65 -4.20
N LEU D 256 -36.80 -23.55 -3.34
CA LEU D 256 -36.16 -23.85 -2.04
C LEU D 256 -35.04 -24.87 -2.27
N ASN D 257 -34.12 -24.99 -1.30
CA ASN D 257 -33.01 -25.98 -1.35
C ASN D 257 -32.18 -25.73 -2.61
N ALA D 258 -32.08 -24.46 -3.01
CA ALA D 258 -31.40 -24.01 -4.21
C ALA D 258 -30.35 -22.98 -3.81
N LYS D 259 -29.17 -23.48 -3.44
CA LYS D 259 -28.05 -22.63 -2.97
C LYS D 259 -27.31 -22.10 -4.20
N LEU D 260 -27.18 -20.77 -4.34
CA LEU D 260 -26.25 -20.20 -5.33
C LEU D 260 -24.82 -20.52 -4.87
N GLU D 261 -24.03 -21.23 -5.69
CA GLU D 261 -22.63 -21.66 -5.37
C GLU D 261 -21.64 -20.60 -5.82
N GLY D 262 -22.02 -19.80 -6.79
CA GLY D 262 -21.19 -18.73 -7.37
C GLY D 262 -21.80 -18.24 -8.68
N PHE D 263 -21.28 -17.16 -9.23
CA PHE D 263 -21.78 -16.65 -10.52
C PHE D 263 -20.65 -15.96 -11.27
N GLU D 264 -20.73 -16.10 -12.60
CA GLU D 264 -19.84 -15.45 -13.58
C GLU D 264 -20.70 -14.52 -14.42
N PHE D 265 -20.10 -13.45 -14.92
CA PHE D 265 -20.73 -12.53 -15.90
C PHE D 265 -20.02 -12.67 -17.24
N LYS D 266 -20.68 -13.33 -18.20
CA LYS D 266 -20.15 -13.63 -19.56
C LYS D 266 -21.23 -13.27 -20.59
N ASN D 267 -20.87 -12.53 -21.65
CA ASN D 267 -21.77 -12.27 -22.80
C ASN D 267 -23.02 -11.52 -22.32
N ASN D 268 -22.82 -10.52 -21.46
CA ASN D 268 -23.90 -9.67 -20.87
C ASN D 268 -24.97 -10.51 -20.16
N LEU D 269 -24.63 -11.70 -19.67
CA LEU D 269 -25.55 -12.57 -18.89
C LEU D 269 -24.87 -12.93 -17.55
N PHE D 270 -25.66 -13.18 -16.51
CA PHE D 270 -25.18 -13.84 -15.28
C PHE D 270 -25.32 -15.34 -15.53
N GLU D 271 -24.23 -16.07 -15.33
CA GLU D 271 -24.25 -17.55 -15.26
C GLU D 271 -24.24 -17.91 -13.78
N LEU D 272 -25.36 -18.43 -13.28
CA LEU D 272 -25.52 -18.83 -11.87
C LEU D 272 -25.24 -20.32 -11.77
N THR D 273 -24.37 -20.74 -10.88
CA THR D 273 -24.22 -22.18 -10.54
C THR D 273 -25.12 -22.47 -9.36
N ILE D 274 -26.14 -23.30 -9.54
CA ILE D 274 -27.14 -23.70 -8.52
C ILE D 274 -27.38 -25.21 -8.68
N ASP D 275 -27.07 -26.01 -7.65
CA ASP D 275 -27.27 -27.50 -7.65
C ASP D 275 -26.46 -28.13 -8.80
N GLY D 276 -25.23 -27.66 -9.02
CA GLY D 276 -24.35 -28.16 -10.10
C GLY D 276 -24.88 -27.91 -11.51
N GLU D 277 -25.92 -27.09 -11.68
CA GLU D 277 -26.48 -26.69 -13.01
C GLU D 277 -26.18 -25.22 -13.25
N ILE D 278 -26.02 -24.81 -14.51
CA ILE D 278 -25.83 -23.38 -14.86
C ILE D 278 -27.16 -22.79 -15.33
N ILE D 279 -27.55 -21.65 -14.75
CA ILE D 279 -28.78 -20.91 -15.15
C ILE D 279 -28.38 -19.51 -15.59
N GLU D 280 -28.88 -19.07 -16.74
CA GLU D 280 -28.55 -17.73 -17.27
C GLU D 280 -29.65 -16.76 -16.83
N ALA D 281 -29.27 -15.57 -16.42
CA ALA D 281 -30.23 -14.53 -15.99
C ALA D 281 -29.70 -13.21 -16.52
N THR D 282 -30.57 -12.30 -16.93
CA THR D 282 -30.05 -11.00 -17.42
C THR D 282 -29.79 -10.07 -16.21
N GLN D 283 -30.59 -10.15 -15.14
CA GLN D 283 -30.34 -9.38 -13.89
C GLN D 283 -30.25 -10.32 -12.68
N LEU D 284 -29.37 -9.99 -11.76
CA LEU D 284 -29.13 -10.78 -10.52
C LEU D 284 -29.29 -9.86 -9.31
N ILE D 285 -30.19 -10.25 -8.42
CA ILE D 285 -30.49 -9.52 -7.16
C ILE D 285 -30.10 -10.43 -6.00
N LEU D 286 -29.15 -9.98 -5.19
CA LEU D 286 -28.68 -10.71 -3.98
C LEU D 286 -29.33 -10.04 -2.76
N ALA D 287 -30.35 -10.69 -2.22
CA ALA D 287 -31.15 -10.18 -1.07
C ALA D 287 -30.64 -10.90 0.17
N MET D 288 -29.47 -10.51 0.63
CA MET D 288 -28.70 -11.32 1.59
C MET D 288 -27.65 -10.44 2.26
N PRO D 289 -27.31 -10.72 3.53
CA PRO D 289 -26.38 -9.88 4.27
C PRO D 289 -24.91 -10.11 3.90
N ARG D 290 -24.02 -9.35 4.53
CA ARG D 290 -22.56 -9.36 4.22
C ARG D 290 -22.01 -10.78 4.21
N ARG D 291 -22.27 -11.57 5.25
CA ARG D 291 -21.65 -12.89 5.39
C ARG D 291 -22.02 -13.73 4.17
N SER D 292 -23.27 -13.59 3.69
CA SER D 292 -23.78 -14.37 2.56
C SER D 292 -23.02 -13.97 1.28
N LEU D 293 -22.75 -12.67 1.10
CA LEU D 293 -21.91 -12.11 0.02
C LEU D 293 -20.46 -12.64 0.19
N ASP D 294 -19.92 -12.68 1.42
CA ASP D 294 -18.52 -13.15 1.69
C ASP D 294 -18.40 -14.61 1.25
N LEU D 295 -19.39 -15.43 1.55
CA LEU D 295 -19.36 -16.87 1.21
C LEU D 295 -19.39 -17.06 -0.31
N LEU D 296 -19.91 -16.10 -1.09
CA LEU D 296 -20.02 -16.24 -2.56
C LEU D 296 -18.76 -15.72 -3.26
N THR D 297 -17.91 -15.00 -2.53
CA THR D 297 -16.83 -14.17 -3.13
C THR D 297 -15.77 -15.04 -3.85
N ASN D 298 -15.38 -16.20 -3.32
CA ASN D 298 -14.30 -17.04 -3.93
C ASN D 298 -14.77 -17.57 -5.30
N THR D 299 -16.06 -17.79 -5.52
CA THR D 299 -16.62 -18.35 -6.78
C THR D 299 -17.40 -17.29 -7.57
N SER D 300 -17.19 -15.99 -7.31
CA SER D 300 -17.96 -14.88 -7.93
C SER D 300 -17.04 -13.69 -8.16
N PRO D 301 -16.25 -13.69 -9.25
CA PRO D 301 -15.33 -12.59 -9.53
C PRO D 301 -15.89 -11.17 -9.37
N LYS D 302 -17.16 -10.91 -9.71
CA LYS D 302 -17.70 -9.54 -9.57
C LYS D 302 -17.67 -9.10 -8.09
N LEU D 303 -17.97 -10.00 -7.15
CA LEU D 303 -17.97 -9.68 -5.70
C LEU D 303 -16.53 -9.34 -5.25
N GLN D 304 -15.51 -9.95 -5.87
CA GLN D 304 -14.07 -9.67 -5.57
C GLN D 304 -13.72 -8.22 -5.91
N GLU D 305 -14.48 -7.58 -6.81
CA GLU D 305 -14.21 -6.19 -7.26
C GLU D 305 -14.79 -5.19 -6.25
N ILE D 306 -15.67 -5.60 -5.32
CA ILE D 306 -16.43 -4.63 -4.47
C ILE D 306 -16.24 -4.97 -2.99
N GLN D 307 -15.05 -5.44 -2.61
CA GLN D 307 -14.74 -5.91 -1.24
C GLN D 307 -14.93 -4.77 -0.22
N SER D 308 -14.56 -3.53 -0.56
CA SER D 308 -14.59 -2.41 0.40
C SER D 308 -16.05 -2.04 0.69
N LEU D 309 -16.95 -2.16 -0.29
CA LEU D 309 -18.41 -1.96 -0.12
C LEU D 309 -18.95 -3.08 0.78
N ILE D 310 -18.72 -4.33 0.41
CA ILE D 310 -19.24 -5.51 1.16
C ILE D 310 -18.72 -5.45 2.62
N GLY D 311 -17.44 -5.11 2.81
CA GLY D 311 -16.74 -5.10 4.11
C GLY D 311 -17.07 -3.88 4.97
N SER D 312 -18.04 -3.06 4.59
CA SER D 312 -18.32 -1.77 5.26
C SER D 312 -19.23 -1.96 6.48
N VAL D 313 -19.70 -3.18 6.75
CA VAL D 313 -20.50 -3.52 7.95
C VAL D 313 -19.86 -4.73 8.64
N THR D 314 -20.19 -4.95 9.92
CA THR D 314 -19.74 -6.11 10.72
C THR D 314 -20.96 -6.91 11.16
N PRO D 315 -20.99 -8.24 10.96
CA PRO D 315 -22.10 -9.03 11.48
C PRO D 315 -22.02 -9.09 13.02
N ARG D 316 -23.18 -9.09 13.65
CA ARG D 316 -23.38 -9.10 15.11
C ARG D 316 -24.25 -10.29 15.50
N PRO D 317 -23.65 -11.43 15.89
CA PRO D 317 -24.42 -12.60 16.32
C PRO D 317 -25.45 -12.22 17.38
N LEU D 318 -26.58 -12.91 17.33
CA LEU D 318 -27.66 -12.88 18.33
C LEU D 318 -28.07 -14.32 18.58
N PHE D 319 -28.46 -14.64 19.81
CA PHE D 319 -28.86 -16.01 20.22
C PHE D 319 -30.17 -15.92 20.99
N LYS D 320 -31.13 -16.79 20.67
CA LYS D 320 -32.39 -16.89 21.44
C LYS D 320 -32.65 -18.36 21.74
N VAL D 321 -33.15 -18.64 22.94
CA VAL D 321 -33.63 -19.97 23.36
C VAL D 321 -34.88 -19.75 24.21
N PHE D 322 -35.94 -20.50 23.88
CA PHE D 322 -37.26 -20.49 24.53
C PHE D 322 -37.41 -21.77 25.35
N THR D 323 -38.06 -21.67 26.51
CA THR D 323 -38.40 -22.83 27.35
C THR D 323 -39.87 -22.72 27.74
N THR D 324 -40.54 -23.87 27.89
CA THR D 324 -41.97 -23.96 28.28
C THR D 324 -42.07 -24.77 29.56
N TYR D 325 -43.17 -24.53 30.27
CA TYR D 325 -43.45 -25.09 31.60
C TYR D 325 -44.95 -25.35 31.69
N SER D 326 -45.37 -26.21 32.61
CA SER D 326 -46.81 -26.51 32.84
C SER D 326 -47.45 -25.34 33.57
N SER D 327 -46.67 -24.40 34.13
CA SER D 327 -47.21 -23.22 34.84
C SER D 327 -46.24 -22.04 34.75
N PRO D 328 -46.73 -20.79 34.81
CA PRO D 328 -45.84 -19.63 34.78
C PRO D 328 -45.29 -19.37 36.19
N TRP D 329 -44.27 -20.16 36.57
CA TRP D 329 -43.72 -20.24 37.95
C TRP D 329 -43.12 -18.89 38.34
N TRP D 330 -42.66 -18.11 37.38
CA TRP D 330 -42.06 -16.78 37.61
C TRP D 330 -43.05 -15.84 38.32
N ARG D 331 -44.36 -16.04 38.18
CA ARG D 331 -45.39 -15.12 38.74
C ARG D 331 -45.28 -15.11 40.26
N ASN D 332 -44.68 -16.15 40.83
CA ASN D 332 -44.47 -16.27 42.30
C ASN D 332 -43.26 -15.46 42.76
N ALA D 333 -42.55 -14.78 41.84
CA ALA D 333 -41.34 -13.99 42.19
C ALA D 333 -41.66 -12.50 42.09
N GLY D 334 -42.92 -12.14 42.23
CA GLY D 334 -43.35 -10.73 42.45
C GLY D 334 -43.17 -10.33 43.92
N TYR D 335 -43.80 -9.24 44.34
CA TYR D 335 -43.64 -8.71 45.72
C TYR D 335 -44.98 -8.13 46.20
N THR D 336 -45.04 -7.89 47.50
CA THR D 336 -46.22 -7.38 48.25
C THR D 336 -46.01 -5.87 48.41
N ASP D 337 -46.96 -5.06 47.91
CA ASP D 337 -46.77 -3.58 47.93
C ASP D 337 -47.02 -3.07 49.36
N SER D 338 -46.79 -1.77 49.56
CA SER D 338 -46.91 -1.09 50.88
C SER D 338 -48.33 -1.15 51.43
N GLU D 339 -49.34 -1.58 50.64
CA GLU D 339 -50.76 -1.71 51.08
C GLU D 339 -51.13 -3.18 51.20
N GLY D 340 -50.19 -4.11 51.06
CA GLY D 340 -50.46 -5.56 51.14
C GLY D 340 -51.08 -6.17 49.88
N GLY D 341 -51.10 -5.48 48.73
CA GLY D 341 -51.47 -6.13 47.45
C GLY D 341 -50.27 -6.85 46.81
N TYR D 342 -50.49 -7.99 46.17
CA TYR D 342 -49.41 -8.74 45.47
C TYR D 342 -49.24 -8.20 44.06
N ILE D 343 -47.99 -7.92 43.67
CA ILE D 343 -47.60 -7.45 42.32
C ILE D 343 -46.89 -8.61 41.61
N PRO D 344 -47.58 -9.30 40.67
CA PRO D 344 -46.99 -10.47 40.03
C PRO D 344 -45.89 -10.09 39.04
N LEU D 345 -44.89 -10.96 38.91
CA LEU D 345 -43.87 -10.87 37.85
C LEU D 345 -44.42 -11.60 36.63
N GLN D 346 -44.77 -10.90 35.54
CA GLN D 346 -45.53 -11.63 34.51
C GLN D 346 -45.44 -11.06 33.11
N SER D 347 -44.79 -9.93 32.88
CA SER D 347 -44.71 -9.40 31.52
C SER D 347 -43.42 -8.60 31.32
N GLY D 348 -42.96 -8.56 30.07
CA GLY D 348 -41.75 -7.85 29.66
C GLY D 348 -40.53 -8.67 30.03
N ARG D 349 -39.47 -7.97 30.41
CA ARG D 349 -38.09 -8.50 30.43
C ARG D 349 -37.51 -8.37 31.85
N THR D 350 -36.84 -9.43 32.28
CA THR D 350 -35.91 -9.46 33.43
C THR D 350 -34.49 -9.52 32.85
N VAL D 351 -33.53 -8.78 33.45
CA VAL D 351 -32.14 -8.70 32.95
C VAL D 351 -31.16 -9.22 34.00
N THR D 352 -29.99 -9.61 33.54
CA THR D 352 -28.90 -10.07 34.40
C THR D 352 -27.57 -9.88 33.70
N ASP D 353 -26.50 -9.85 34.50
CA ASP D 353 -25.12 -9.86 33.96
C ASP D 353 -24.69 -11.31 33.78
N LEU D 354 -25.46 -12.30 34.24
CA LEU D 354 -25.20 -13.73 33.91
C LEU D 354 -25.34 -13.93 32.40
N PRO D 355 -24.80 -15.03 31.83
CA PRO D 355 -24.90 -15.28 30.39
C PRO D 355 -26.32 -15.34 29.80
N ILE D 356 -27.33 -15.63 30.61
CA ILE D 356 -28.74 -15.52 30.16
C ILE D 356 -28.99 -14.12 29.59
N ARG D 357 -28.53 -13.07 30.28
CA ARG D 357 -28.64 -11.62 29.96
C ARG D 357 -30.09 -11.10 29.95
N GLN D 358 -30.99 -11.70 29.19
CA GLN D 358 -32.38 -11.20 29.03
C GLN D 358 -33.35 -12.36 29.03
N THR D 359 -34.39 -12.28 29.86
CA THR D 359 -35.49 -13.27 29.95
C THR D 359 -36.81 -12.54 29.74
N TYR D 360 -37.61 -12.98 28.78
CA TYR D 360 -38.97 -12.43 28.57
C TYR D 360 -40.04 -13.42 29.01
N TYR D 361 -41.00 -12.91 29.77
CA TYR D 361 -42.26 -13.60 30.12
C TYR D 361 -43.15 -13.50 28.89
N TRP D 362 -43.20 -14.57 28.11
CA TRP D 362 -43.73 -14.50 26.72
C TRP D 362 -45.23 -14.23 26.77
N PRO D 363 -45.71 -13.23 26.00
CA PRO D 363 -47.12 -12.89 26.01
C PRO D 363 -47.93 -13.89 25.20
N LYS D 364 -49.22 -14.02 25.58
CA LYS D 364 -50.26 -14.59 24.71
C LYS D 364 -50.35 -13.77 23.42
N ASN D 365 -50.98 -14.32 22.39
CA ASN D 365 -51.05 -13.73 21.03
C ASN D 365 -51.92 -12.47 21.01
N ASN D 366 -52.55 -12.09 22.11
CA ASN D 366 -53.29 -10.81 22.24
C ASN D 366 -52.49 -9.82 23.09
N GLY D 367 -51.25 -10.16 23.46
CA GLY D 367 -50.40 -9.23 24.24
C GLY D 367 -50.58 -9.38 25.74
N GLN D 368 -51.55 -10.17 26.19
CA GLN D 368 -51.90 -10.31 27.63
C GLN D 368 -50.95 -11.32 28.26
N PRO D 369 -50.67 -11.19 29.58
CA PRO D 369 -49.77 -12.12 30.25
C PRO D 369 -50.41 -13.51 30.36
N SER D 370 -49.56 -14.53 30.38
CA SER D 370 -49.94 -15.91 30.70
C SER D 370 -50.04 -16.03 32.22
N VAL D 371 -51.22 -16.26 32.77
CA VAL D 371 -51.43 -16.23 34.26
C VAL D 371 -51.62 -17.64 34.79
N SER D 372 -51.74 -18.65 33.94
CA SER D 372 -51.95 -20.07 34.34
C SER D 372 -51.71 -21.00 33.16
N GLY D 373 -51.51 -22.29 33.45
CA GLY D 373 -51.34 -23.33 32.42
C GLY D 373 -50.02 -23.21 31.65
N GLU D 374 -49.91 -23.97 30.56
CA GLU D 374 -48.67 -24.14 29.79
C GLU D 374 -48.17 -22.75 29.36
N SER D 375 -46.94 -22.39 29.74
CA SER D 375 -46.43 -21.02 29.59
C SER D 375 -45.00 -21.05 29.07
N MET D 376 -44.51 -19.90 28.59
CA MET D 376 -43.22 -19.88 27.90
C MET D 376 -42.34 -18.71 28.36
N LEU D 377 -41.04 -18.97 28.46
CA LEU D 377 -40.00 -17.90 28.54
C LEU D 377 -39.28 -17.79 27.21
N LEU D 378 -38.95 -16.58 26.79
CA LEU D 378 -37.69 -16.37 26.06
C LEU D 378 -36.61 -16.44 27.15
N ALA D 379 -36.11 -17.65 27.41
CA ALA D 379 -35.23 -18.00 28.54
C ALA D 379 -33.97 -17.15 28.48
N SER D 380 -33.37 -17.04 27.31
CA SER D 380 -32.19 -16.17 27.09
C SER D 380 -32.27 -15.57 25.71
N TYR D 381 -32.14 -14.26 25.66
CA TYR D 381 -31.85 -13.47 24.45
C TYR D 381 -30.53 -12.77 24.73
N ASP D 382 -29.44 -13.26 24.16
CA ASP D 382 -28.09 -12.84 24.56
C ASP D 382 -27.21 -12.62 23.32
N ASP D 383 -26.19 -11.79 23.48
CA ASP D 383 -25.25 -11.48 22.39
C ASP D 383 -23.83 -11.33 22.97
N GLY D 384 -22.90 -10.85 22.15
CA GLY D 384 -21.48 -10.70 22.48
C GLY D 384 -20.91 -12.02 22.98
N SER D 385 -20.04 -11.95 23.96
CA SER D 385 -19.25 -13.10 24.44
C SER D 385 -20.17 -14.10 25.13
N ASN D 386 -21.41 -13.74 25.44
CA ASN D 386 -22.35 -14.68 26.12
C ASN D 386 -22.74 -15.86 25.22
N ILE D 387 -22.68 -15.68 23.90
CA ILE D 387 -23.12 -16.74 22.94
C ILE D 387 -22.17 -17.93 23.04
N GLY D 388 -20.86 -17.67 23.16
CA GLY D 388 -19.87 -18.76 23.36
C GLY D 388 -20.20 -19.65 24.54
N PHE D 389 -20.77 -19.09 25.60
CA PHE D 389 -21.14 -19.85 26.81
C PHE D 389 -22.19 -20.90 26.44
N TRP D 390 -23.26 -20.49 25.75
CA TRP D 390 -24.38 -21.39 25.38
C TRP D 390 -23.93 -22.36 24.28
N ASP D 391 -23.22 -21.87 23.28
CA ASP D 391 -22.69 -22.69 22.16
C ASP D 391 -21.87 -23.85 22.71
N GLY D 392 -20.99 -23.63 23.69
CA GLY D 392 -20.14 -24.71 24.22
C GLY D 392 -20.93 -25.83 24.88
N LEU D 393 -22.21 -25.59 25.21
CA LEU D 393 -23.04 -26.65 25.84
C LEU D 393 -23.72 -27.53 24.76
N ARG D 394 -23.59 -27.21 23.47
CA ARG D 394 -24.16 -28.05 22.38
C ARG D 394 -23.26 -29.25 22.13
N PRO D 395 -23.81 -30.43 21.80
CA PRO D 395 -22.99 -31.60 21.48
C PRO D 395 -22.33 -31.55 20.10
N LYS D 428 -53.13 -18.30 8.29
CA LYS D 428 -52.56 -18.88 7.02
C LYS D 428 -51.82 -20.16 7.40
N ALA D 429 -50.49 -20.24 7.23
CA ALA D 429 -49.68 -21.33 7.80
C ALA D 429 -48.24 -20.84 7.98
N LEU D 430 -47.62 -21.25 9.09
CA LEU D 430 -46.15 -21.14 9.27
C LEU D 430 -45.51 -22.29 8.50
N ASN D 431 -44.18 -22.29 8.41
CA ASN D 431 -43.48 -23.24 7.49
C ASN D 431 -42.32 -23.91 8.21
N GLN D 432 -42.15 -23.67 9.52
CA GLN D 432 -41.16 -24.38 10.36
C GLN D 432 -41.83 -24.83 11.65
N THR D 433 -41.36 -25.92 12.25
CA THR D 433 -41.86 -26.41 13.54
C THR D 433 -40.81 -26.12 14.62
N TRP D 434 -41.30 -25.96 15.85
CA TRP D 434 -40.50 -25.93 17.10
C TRP D 434 -39.46 -27.04 17.10
N HIS D 435 -39.88 -28.27 16.80
CA HIS D 435 -39.03 -29.49 16.92
C HIS D 435 -37.78 -29.33 16.06
N GLN D 436 -37.85 -28.65 14.91
CA GLN D 436 -36.66 -28.48 14.02
C GLN D 436 -35.58 -27.65 14.70
N TYR D 437 -35.88 -26.93 15.81
CA TYR D 437 -34.89 -26.06 16.50
C TYR D 437 -34.70 -26.54 17.95
N LYS D 438 -35.00 -27.80 18.22
CA LYS D 438 -34.99 -28.36 19.59
C LYS D 438 -33.63 -28.08 20.26
N ALA D 439 -33.64 -27.67 21.52
CA ALA D 439 -32.42 -27.33 22.29
C ALA D 439 -31.87 -28.60 22.95
N PRO D 440 -30.55 -28.76 23.05
CA PRO D 440 -29.98 -29.91 23.76
C PRO D 440 -30.07 -29.77 25.29
N ARG D 441 -30.17 -30.92 25.94
CA ARG D 441 -30.49 -31.04 27.38
C ARG D 441 -29.47 -30.25 28.22
N LYS D 442 -28.16 -30.38 27.98
CA LYS D 442 -27.12 -29.74 28.83
C LYS D 442 -27.27 -28.22 28.79
N MET D 443 -27.58 -27.66 27.62
CA MET D 443 -27.87 -26.22 27.46
C MET D 443 -29.06 -25.89 28.36
N VAL D 444 -30.13 -26.69 28.29
CA VAL D 444 -31.39 -26.43 29.03
C VAL D 444 -31.12 -26.49 30.55
N GLU D 445 -30.33 -27.44 31.01
CA GLU D 445 -30.02 -27.61 32.46
C GLU D 445 -29.30 -26.36 32.99
N GLU D 446 -28.39 -25.78 32.21
CA GLU D 446 -27.64 -24.58 32.65
C GLU D 446 -28.59 -23.37 32.61
N LEU D 447 -29.46 -23.27 31.61
CA LEU D 447 -30.50 -22.21 31.56
C LEU D 447 -31.33 -22.31 32.84
N SER D 448 -31.75 -23.50 33.23
CA SER D 448 -32.64 -23.73 34.40
C SER D 448 -31.93 -23.27 35.69
N ARG D 449 -30.67 -23.63 35.83
CA ARG D 449 -29.81 -23.23 36.97
C ARG D 449 -29.79 -21.69 37.06
N GLN D 450 -29.50 -21.01 35.97
CA GLN D 450 -29.39 -19.54 35.96
C GLN D 450 -30.77 -18.91 36.21
N LEU D 451 -31.84 -19.39 35.57
CA LEU D 451 -33.20 -18.83 35.80
C LEU D 451 -33.52 -18.87 37.31
N LYS D 452 -33.13 -19.95 37.97
CA LYS D 452 -33.39 -20.13 39.42
C LYS D 452 -32.59 -19.10 40.22
N GLN D 453 -31.30 -18.93 39.90
CA GLN D 453 -30.46 -17.93 40.59
C GLN D 453 -31.03 -16.52 40.34
N ILE D 454 -31.45 -16.23 39.11
CA ILE D 454 -31.99 -14.90 38.74
C ILE D 454 -33.26 -14.61 39.55
N HIS D 455 -34.15 -15.59 39.69
CA HIS D 455 -35.48 -15.40 40.33
C HIS D 455 -35.40 -15.69 41.83
N ASP D 456 -34.23 -16.11 42.32
CA ASP D 456 -33.96 -16.46 43.74
C ASP D 456 -34.85 -17.59 44.25
N VAL D 457 -35.02 -18.63 43.45
CA VAL D 457 -35.81 -19.84 43.83
C VAL D 457 -34.89 -21.05 43.70
N ASP D 458 -35.17 -22.09 44.48
CA ASP D 458 -34.40 -23.34 44.62
C ASP D 458 -35.12 -24.43 43.78
N TYR D 459 -36.40 -24.23 43.47
CA TYR D 459 -37.25 -25.20 42.73
C TYR D 459 -38.04 -24.47 41.65
N THR D 460 -38.04 -25.02 40.44
CA THR D 460 -38.98 -24.64 39.36
C THR D 460 -39.48 -25.92 38.70
N PRO D 461 -40.75 -25.93 38.23
CA PRO D 461 -41.29 -27.02 37.43
C PRO D 461 -40.38 -27.25 36.21
N ALA D 462 -40.26 -28.51 35.82
CA ALA D 462 -39.33 -28.98 34.79
C ALA D 462 -39.63 -28.25 33.47
N VAL D 463 -38.59 -27.98 32.70
CA VAL D 463 -38.77 -27.54 31.29
C VAL D 463 -39.46 -28.68 30.51
N LYS D 464 -40.56 -28.39 29.82
CA LYS D 464 -41.30 -29.36 28.99
C LYS D 464 -40.72 -29.37 27.56
N ASN D 465 -40.44 -28.20 27.00
CA ASN D 465 -39.96 -28.06 25.61
C ASN D 465 -38.98 -26.91 25.55
N ALA D 466 -38.02 -26.99 24.63
CA ALA D 466 -37.01 -25.94 24.44
C ALA D 466 -36.61 -25.91 22.98
N SER D 467 -36.43 -24.69 22.44
CA SER D 467 -35.94 -24.42 21.08
C SER D 467 -34.96 -23.24 21.11
N PHE D 468 -34.03 -23.19 20.15
CA PHE D 468 -32.99 -22.15 20.10
C PHE D 468 -32.57 -21.90 18.66
N ARG D 469 -31.89 -20.78 18.46
CA ARG D 469 -31.30 -20.39 17.17
C ARG D 469 -30.10 -19.50 17.47
N ASP D 470 -28.96 -19.84 16.90
CA ASP D 470 -27.71 -19.06 16.93
C ASP D 470 -27.54 -18.40 15.56
N TRP D 471 -27.82 -17.10 15.48
CA TRP D 471 -27.80 -16.34 14.22
C TRP D 471 -26.39 -15.89 13.86
N GLY D 472 -25.38 -16.29 14.62
CA GLY D 472 -23.98 -16.11 14.18
C GLY D 472 -23.61 -17.12 13.10
N GLU D 473 -24.37 -18.21 12.99
CA GLU D 473 -24.11 -19.31 12.03
C GLU D 473 -24.23 -18.83 10.57
N ASP D 474 -23.41 -19.43 9.70
CA ASP D 474 -23.53 -19.28 8.24
C ASP D 474 -24.96 -19.69 7.84
N PRO D 475 -25.60 -19.06 6.84
CA PRO D 475 -24.96 -17.96 6.08
C PRO D 475 -25.20 -16.53 6.58
N PHE D 476 -25.73 -16.37 7.79
CA PHE D 476 -26.19 -15.05 8.32
C PHE D 476 -25.03 -14.24 8.88
N GLY D 477 -24.10 -14.89 9.59
CA GLY D 477 -22.94 -14.25 10.25
C GLY D 477 -23.37 -13.48 11.51
N GLY D 478 -24.56 -12.88 11.48
CA GLY D 478 -25.11 -12.17 12.66
C GLY D 478 -26.61 -12.04 12.59
N GLY D 479 -27.24 -11.75 13.72
CA GLY D 479 -28.66 -11.35 13.77
C GLY D 479 -28.87 -10.00 13.12
N TRP D 480 -27.89 -9.10 13.24
CA TRP D 480 -27.88 -7.77 12.61
C TRP D 480 -26.47 -7.46 12.12
N ASN D 481 -26.33 -6.37 11.38
CA ASN D 481 -25.04 -5.93 10.83
C ASN D 481 -24.91 -4.44 11.14
N SER D 482 -23.72 -4.00 11.53
CA SER D 482 -23.48 -2.62 12.00
C SER D 482 -22.52 -1.94 11.04
N TRP D 483 -22.80 -0.69 10.69
CA TRP D 483 -21.85 0.18 9.94
C TRP D 483 -20.50 0.29 10.68
N ASN D 484 -19.40 0.11 9.96
CA ASN D 484 -18.04 0.25 10.51
C ASN D 484 -17.66 1.72 10.61
N ILE D 485 -16.77 2.02 11.54
CA ILE D 485 -16.14 3.35 11.72
C ILE D 485 -15.42 3.71 10.41
N GLY D 486 -15.45 4.99 10.01
CA GLY D 486 -14.74 5.46 8.81
C GLY D 486 -15.55 5.28 7.52
N VAL D 487 -16.64 4.50 7.54
CA VAL D 487 -17.57 4.34 6.39
C VAL D 487 -18.51 5.53 6.35
N LYS D 488 -18.86 5.97 5.13
CA LYS D 488 -19.96 6.94 4.91
C LYS D 488 -21.18 6.14 4.48
N SER D 489 -22.05 5.80 5.42
CA SER D 489 -23.24 4.93 5.19
C SER D 489 -24.11 5.56 4.10
N TRP D 490 -24.21 6.88 4.07
CA TRP D 490 -25.13 7.60 3.14
C TRP D 490 -24.66 7.37 1.70
N GLU D 491 -23.36 7.13 1.49
CA GLU D 491 -22.78 6.83 0.16
C GLU D 491 -22.91 5.34 -0.11
N VAL D 492 -22.49 4.51 0.84
CA VAL D 492 -22.44 3.04 0.61
C VAL D 492 -23.86 2.53 0.38
N LYS D 493 -24.86 2.99 1.13
CA LYS D 493 -26.22 2.40 1.02
C LYS D 493 -26.78 2.68 -0.39
N GLU D 494 -26.49 3.85 -0.98
CA GLU D 494 -26.97 4.23 -2.34
C GLU D 494 -26.14 3.47 -3.39
N LYS D 495 -24.84 3.30 -3.15
CA LYS D 495 -23.90 2.64 -4.11
C LYS D 495 -24.16 1.13 -4.17
N ILE D 496 -24.24 0.46 -3.02
CA ILE D 496 -24.14 -1.02 -2.97
C ILE D 496 -25.39 -1.68 -3.55
N VAL D 497 -26.53 -0.99 -3.63
CA VAL D 497 -27.76 -1.61 -4.23
C VAL D 497 -27.50 -1.98 -5.69
N HIS D 498 -26.58 -1.28 -6.34
CA HIS D 498 -26.20 -1.46 -7.77
C HIS D 498 -24.74 -1.07 -7.89
N PRO D 499 -23.83 -1.93 -7.39
CA PRO D 499 -22.47 -1.51 -7.08
C PRO D 499 -21.47 -1.36 -8.24
N ILE D 500 -21.78 -1.92 -9.41
CA ILE D 500 -20.90 -1.91 -10.63
C ILE D 500 -21.68 -1.29 -11.79
N ASP D 501 -21.22 -0.13 -12.27
CA ASP D 501 -21.87 0.62 -13.39
C ASP D 501 -22.01 -0.32 -14.60
N ASN D 502 -23.14 -0.26 -15.30
CA ASN D 502 -23.36 -0.99 -16.59
C ASN D 502 -23.30 -2.50 -16.36
N CYS D 503 -23.69 -2.92 -15.16
CA CYS D 503 -23.71 -4.34 -14.72
C CYS D 503 -24.99 -4.54 -13.90
N SER D 504 -25.85 -5.45 -14.33
CA SER D 504 -27.21 -5.64 -13.75
C SER D 504 -27.12 -6.51 -12.48
N LEU D 505 -26.15 -6.19 -11.60
CA LEU D 505 -25.99 -6.81 -10.25
C LEU D 505 -26.63 -5.86 -9.22
N TYR D 506 -27.51 -6.39 -8.42
CA TYR D 506 -28.24 -5.62 -7.37
C TYR D 506 -28.11 -6.37 -6.03
N ILE D 507 -28.10 -5.59 -4.96
CA ILE D 507 -28.00 -6.07 -3.55
C ILE D 507 -29.04 -5.33 -2.70
N CYS D 508 -29.76 -6.05 -1.86
CA CYS D 508 -30.67 -5.44 -0.86
C CYS D 508 -30.74 -6.31 0.40
N GLY D 509 -31.31 -5.75 1.45
CA GLY D 509 -31.44 -6.39 2.77
C GLY D 509 -31.14 -5.42 3.90
N GLU D 510 -31.31 -5.92 5.11
CA GLU D 510 -31.02 -5.18 6.35
C GLU D 510 -29.56 -4.69 6.41
N ALA D 511 -28.61 -5.47 5.88
CA ALA D 511 -27.18 -5.28 6.24
C ALA D 511 -26.67 -3.90 5.86
N TYR D 512 -27.06 -3.34 4.71
CA TYR D 512 -26.50 -2.05 4.21
C TYR D 512 -27.59 -0.96 4.29
N SER D 513 -28.36 -0.96 5.39
CA SER D 513 -29.49 -0.02 5.59
C SER D 513 -29.23 0.98 6.73
N ASP D 514 -30.13 1.93 6.85
CA ASP D 514 -30.22 2.86 7.99
C ASP D 514 -30.92 2.18 9.15
N GLY D 515 -31.67 1.10 8.87
CA GLY D 515 -32.47 0.35 9.86
C GLY D 515 -31.84 -0.98 10.19
N GLN D 516 -30.54 -1.00 10.53
CA GLN D 516 -29.83 -2.26 10.86
C GLN D 516 -30.50 -2.90 12.07
N GLY D 517 -30.61 -4.23 12.07
CA GLY D 517 -31.32 -4.95 13.14
C GLY D 517 -32.82 -4.94 12.99
N TRP D 518 -33.36 -4.38 11.89
CA TRP D 518 -34.83 -4.25 11.69
C TRP D 518 -35.26 -4.70 10.29
N VAL D 519 -36.45 -5.27 10.20
CA VAL D 519 -37.18 -5.45 8.92
C VAL D 519 -37.28 -4.10 8.23
N GLU D 520 -37.55 -3.02 8.96
CA GLU D 520 -37.60 -1.66 8.35
C GLU D 520 -36.39 -1.43 7.43
N GLY D 521 -35.20 -1.79 7.90
CA GLY D 521 -33.97 -1.55 7.14
C GLY D 521 -33.94 -2.36 5.83
N ALA D 522 -34.31 -3.64 5.90
CA ALA D 522 -34.45 -4.53 4.72
C ALA D 522 -35.42 -3.91 3.68
N LEU D 523 -36.54 -3.34 4.12
CA LEU D 523 -37.51 -2.73 3.16
C LEU D 523 -36.90 -1.44 2.61
N GLN D 524 -36.17 -0.69 3.44
CA GLN D 524 -35.59 0.59 3.00
C GLN D 524 -34.69 0.34 1.77
N THR D 525 -33.80 -0.65 1.85
CA THR D 525 -32.79 -0.89 0.80
C THR D 525 -33.46 -1.59 -0.38
N ALA D 526 -34.44 -2.48 -0.15
CA ALA D 526 -35.27 -3.04 -1.23
C ALA D 526 -35.87 -1.89 -2.05
N ASP D 527 -36.42 -0.86 -1.41
CA ASP D 527 -37.03 0.28 -2.13
C ASP D 527 -35.96 1.06 -2.90
N ILE D 528 -34.78 1.30 -2.31
CA ILE D 528 -33.68 2.04 -3.00
C ILE D 528 -33.26 1.21 -4.22
N MET D 529 -33.13 -0.10 -4.03
CA MET D 529 -32.67 -1.05 -5.08
C MET D 529 -33.72 -1.05 -6.22
N LEU D 530 -35.00 -1.22 -5.90
CA LEU D 530 -36.10 -1.28 -6.91
C LEU D 530 -36.11 0.02 -7.73
N LYS D 531 -36.01 1.16 -7.09
CA LYS D 531 -36.00 2.45 -7.79
C LYS D 531 -34.86 2.48 -8.82
N LYS D 532 -33.66 2.04 -8.43
CA LYS D 532 -32.49 2.02 -9.34
C LYS D 532 -32.77 1.02 -10.47
N PHE D 533 -33.23 -0.17 -10.12
CA PHE D 533 -33.51 -1.27 -11.07
C PHE D 533 -34.49 -0.76 -12.14
N ILE D 534 -35.58 -0.09 -11.73
CA ILE D 534 -36.65 0.36 -12.67
C ILE D 534 -36.09 1.49 -13.55
N ALA D 535 -35.23 2.36 -13.04
CA ALA D 535 -34.61 3.47 -13.82
C ALA D 535 -33.70 2.89 -14.92
N VAL D 536 -32.93 1.86 -14.59
CA VAL D 536 -32.02 1.11 -15.51
C VAL D 536 -32.96 0.02 -16.07
N GLU D 537 -32.55 -0.87 -16.96
CA GLU D 537 -33.35 -2.09 -17.29
C GLU D 537 -34.59 -1.71 -18.10
#